data_1DK3
# 
_entry.id   1DK3 
# 
_audit_conform.dict_name       mmcif_pdbx.dic 
_audit_conform.dict_version    5.392 
_audit_conform.dict_location   http://mmcif.pdb.org/dictionaries/ascii/mmcif_pdbx.dic 
# 
loop_
_database_2.database_id 
_database_2.database_code 
_database_2.pdbx_database_accession 
_database_2.pdbx_DOI 
PDB   1DK3         pdb_00001dk3 10.2210/pdb1dk3/pdb 
RCSB  RCSB010148   ?            ?                   
WWPDB D_1000010148 ?            ?                   
# 
loop_
_pdbx_audit_revision_history.ordinal 
_pdbx_audit_revision_history.data_content_type 
_pdbx_audit_revision_history.major_revision 
_pdbx_audit_revision_history.minor_revision 
_pdbx_audit_revision_history.revision_date 
1 'Structure model' 1 0 2000-02-14 
2 'Structure model' 1 1 2008-04-27 
3 'Structure model' 1 2 2011-07-13 
4 'Structure model' 1 3 2022-02-16 
5 'Structure model' 1 4 2024-05-22 
# 
_pdbx_audit_revision_details.ordinal             1 
_pdbx_audit_revision_details.revision_ordinal    1 
_pdbx_audit_revision_details.data_content_type   'Structure model' 
_pdbx_audit_revision_details.provider            repository 
_pdbx_audit_revision_details.type                'Initial release' 
_pdbx_audit_revision_details.description         ? 
_pdbx_audit_revision_details.details             ? 
# 
loop_
_pdbx_audit_revision_group.ordinal 
_pdbx_audit_revision_group.revision_ordinal 
_pdbx_audit_revision_group.data_content_type 
_pdbx_audit_revision_group.group 
1 2 'Structure model' 'Version format compliance' 
2 3 'Structure model' 'Version format compliance' 
3 4 'Structure model' 'Data collection'           
4 4 'Structure model' 'Database references'       
5 4 'Structure model' 'Derived calculations'      
6 5 'Structure model' 'Data collection'           
# 
loop_
_pdbx_audit_revision_category.ordinal 
_pdbx_audit_revision_category.revision_ordinal 
_pdbx_audit_revision_category.data_content_type 
_pdbx_audit_revision_category.category 
1 4 'Structure model' database_2            
2 4 'Structure model' pdbx_nmr_software     
3 4 'Structure model' pdbx_struct_assembly  
4 4 'Structure model' pdbx_struct_oper_list 
5 5 'Structure model' chem_comp_atom        
6 5 'Structure model' chem_comp_bond        
# 
loop_
_pdbx_audit_revision_item.ordinal 
_pdbx_audit_revision_item.revision_ordinal 
_pdbx_audit_revision_item.data_content_type 
_pdbx_audit_revision_item.item 
1 4 'Structure model' '_database_2.pdbx_DOI'                
2 4 'Structure model' '_database_2.pdbx_database_accession' 
3 4 'Structure model' '_pdbx_nmr_software.name'             
# 
_pdbx_database_status.status_code                     REL 
_pdbx_database_status.entry_id                        1DK3 
_pdbx_database_status.recvd_initial_deposition_date   1999-12-06 
_pdbx_database_status.deposit_site                    RCSB 
_pdbx_database_status.process_site                    RCSB 
_pdbx_database_status.SG_entry                        . 
_pdbx_database_status.pdb_format_compatible           Y 
_pdbx_database_status.status_code_mr                  ? 
_pdbx_database_status.status_code_sf                  ? 
_pdbx_database_status.status_code_cs                  ? 
_pdbx_database_status.status_code_nmr_data            ? 
_pdbx_database_status.methods_development_category    ? 
# 
loop_
_pdbx_database_related.db_name 
_pdbx_database_related.db_id 
_pdbx_database_related.details 
_pdbx_database_related.content_type 
PDB 1BNO 'THIS IS THE PREVIOUS MINIMIZED AVERAGE STRUCTURE.'     unspecified 
PDB 1BNP 'THIS IS A PREVIOUS GROUP OF 55 STRUCTURAL CONFORMERS.' unspecified 
# 
loop_
_audit_author.name 
_audit_author.pdbx_ordinal 
'Maciejewski, M.W.' 1 
'Prasad, R.'        2 
'Liu, D.-J.'        3 
'Wilson, S.H.'      4 
'Mullen, G.P.'      5 
# 
loop_
_citation.id 
_citation.title 
_citation.journal_abbrev 
_citation.journal_volume 
_citation.page_first 
_citation.page_last 
_citation.year 
_citation.journal_id_ASTM 
_citation.country 
_citation.journal_id_ISSN 
_citation.journal_id_CSD 
_citation.book_publisher 
_citation.pdbx_database_id_PubMed 
_citation.pdbx_database_id_DOI 
primary 
;Backbone dynamics and refined solution structure of the N-terminal domain of DNA polymerase beta. Correlation with DNA binding and dRP lyase activity.
;
J.Mol.Biol.  296 229  253  2000 JMOBAK UK 0022-2836 0070 ? 10656829 10.1006/jmbi.1999.3455 
1       
'Three-Dimensional Solution Structure of the N-terminal Domain of DNA Polymerase beta and Mapping of the ssDNA Interaction Interface' 
Biochemistry 35  6188 6200 1996 BICHAW US 0006-2960 0033 ? ?        10.1021/bi952656o      
2       
;Assignments of 1H, 15N, and 13C Resonances for the Backbone and Side Chains of the N-terminal domain of DNA Polymerase beta. Determination of the Secondary Structure and Tertiary Contacts.
;
Biochemistry 33  9537 9545 1994 BICHAW US 0006-2960 0033 ? ?        ?                      
# 
loop_
_citation_author.citation_id 
_citation_author.name 
_citation_author.ordinal 
_citation_author.identifier_ORCID 
primary 'Maciejewski, M.W.' 1  ? 
primary 'Liu, D.'           2  ? 
primary 'Prasad, R.'        3  ? 
primary 'Wilson, S.H.'      4  ? 
primary 'Mullen, G.P.'      5  ? 
1       'Liu, D.-J.'        6  ? 
1       'Prasad, R.'        7  ? 
1       'Wilson, S.H.'      8  ? 
1       'DeRose, E.F.'      9  ? 
1       'Mullen, G.P.'      10 ? 
2       'Liu, D.-J.'        11 ? 
2       'DeRose, E.F.'      12 ? 
2       'Prasad, R.'        13 ? 
2       'Wilson, S.H.'      14 ? 
2       'Mullen, G.P.'      15 ? 
# 
_entity.id                         1 
_entity.type                       polymer 
_entity.src_method                 man 
_entity.pdbx_description           'DNA POLYMERASE BETA' 
_entity.formula_weight             9632.298 
_entity.pdbx_number_of_molecules   1 
_entity.pdbx_ec                    2.7.7.7 
_entity.pdbx_mutation              ? 
_entity.pdbx_fragment              'N-TERMINAL DOMAIN, RESIDUES 1-87' 
_entity.details                    ? 
# 
_entity_name_sys.entity_id   1 
_entity_name_sys.name        E.C.2.7.7.7 
# 
_entity_poly.entity_id                      1 
_entity_poly.type                           'polypeptide(L)' 
_entity_poly.nstd_linkage                   no 
_entity_poly.nstd_monomer                   no 
_entity_poly.pdbx_seq_one_letter_code       
;MSKRKAPQETLNGGITDMLVELANFEKNVSQAIHKYNAYRKAASVIAKYPHKIKSGAEAKKLPGVGTKIAEKIDEFLATG
KLRKLEK
;
_entity_poly.pdbx_seq_one_letter_code_can   
;MSKRKAPQETLNGGITDMLVELANFEKNVSQAIHKYNAYRKAASVIAKYPHKIKSGAEAKKLPGVGTKIAEKIDEFLATG
KLRKLEK
;
_entity_poly.pdbx_strand_id                 A 
_entity_poly.pdbx_target_identifier         ? 
# 
loop_
_entity_poly_seq.entity_id 
_entity_poly_seq.num 
_entity_poly_seq.mon_id 
_entity_poly_seq.hetero 
1 1  MET n 
1 2  SER n 
1 3  LYS n 
1 4  ARG n 
1 5  LYS n 
1 6  ALA n 
1 7  PRO n 
1 8  GLN n 
1 9  GLU n 
1 10 THR n 
1 11 LEU n 
1 12 ASN n 
1 13 GLY n 
1 14 GLY n 
1 15 ILE n 
1 16 THR n 
1 17 ASP n 
1 18 MET n 
1 19 LEU n 
1 20 VAL n 
1 21 GLU n 
1 22 LEU n 
1 23 ALA n 
1 24 ASN n 
1 25 PHE n 
1 26 GLU n 
1 27 LYS n 
1 28 ASN n 
1 29 VAL n 
1 30 SER n 
1 31 GLN n 
1 32 ALA n 
1 33 ILE n 
1 34 HIS n 
1 35 LYS n 
1 36 TYR n 
1 37 ASN n 
1 38 ALA n 
1 39 TYR n 
1 40 ARG n 
1 41 LYS n 
1 42 ALA n 
1 43 ALA n 
1 44 SER n 
1 45 VAL n 
1 46 ILE n 
1 47 ALA n 
1 48 LYS n 
1 49 TYR n 
1 50 PRO n 
1 51 HIS n 
1 52 LYS n 
1 53 ILE n 
1 54 LYS n 
1 55 SER n 
1 56 GLY n 
1 57 ALA n 
1 58 GLU n 
1 59 ALA n 
1 60 LYS n 
1 61 LYS n 
1 62 LEU n 
1 63 PRO n 
1 64 GLY n 
1 65 VAL n 
1 66 GLY n 
1 67 THR n 
1 68 LYS n 
1 69 ILE n 
1 70 ALA n 
1 71 GLU n 
1 72 LYS n 
1 73 ILE n 
1 74 ASP n 
1 75 GLU n 
1 76 PHE n 
1 77 LEU n 
1 78 ALA n 
1 79 THR n 
1 80 GLY n 
1 81 LYS n 
1 82 LEU n 
1 83 ARG n 
1 84 LYS n 
1 85 LEU n 
1 86 GLU n 
1 87 LYS n 
# 
_entity_src_gen.entity_id                          1 
_entity_src_gen.pdbx_src_id                        1 
_entity_src_gen.pdbx_alt_source_flag               sample 
_entity_src_gen.pdbx_seq_type                      ? 
_entity_src_gen.pdbx_beg_seq_num                   ? 
_entity_src_gen.pdbx_end_seq_num                   ? 
_entity_src_gen.gene_src_common_name               'Norway rat' 
_entity_src_gen.gene_src_genus                     Rattus 
_entity_src_gen.pdbx_gene_src_gene                 ? 
_entity_src_gen.gene_src_species                   ? 
_entity_src_gen.gene_src_strain                    ? 
_entity_src_gen.gene_src_tissue                    ? 
_entity_src_gen.gene_src_tissue_fraction           ? 
_entity_src_gen.gene_src_details                   ? 
_entity_src_gen.pdbx_gene_src_fragment             ? 
_entity_src_gen.pdbx_gene_src_scientific_name      'Rattus norvegicus' 
_entity_src_gen.pdbx_gene_src_ncbi_taxonomy_id     10116 
_entity_src_gen.pdbx_gene_src_variant              ? 
_entity_src_gen.pdbx_gene_src_cell_line            ? 
_entity_src_gen.pdbx_gene_src_atcc                 ? 
_entity_src_gen.pdbx_gene_src_organ                ? 
_entity_src_gen.pdbx_gene_src_organelle            ? 
_entity_src_gen.pdbx_gene_src_cell                 ? 
_entity_src_gen.pdbx_gene_src_cellular_location    ? 
_entity_src_gen.host_org_common_name               ? 
_entity_src_gen.pdbx_host_org_scientific_name      'Escherichia coli' 
_entity_src_gen.pdbx_host_org_ncbi_taxonomy_id     562 
_entity_src_gen.host_org_genus                     Escherichia 
_entity_src_gen.pdbx_host_org_gene                 ? 
_entity_src_gen.pdbx_host_org_organ                ? 
_entity_src_gen.host_org_species                   ? 
_entity_src_gen.pdbx_host_org_tissue               ? 
_entity_src_gen.pdbx_host_org_tissue_fraction      ? 
_entity_src_gen.pdbx_host_org_strain               ? 
_entity_src_gen.pdbx_host_org_variant              ? 
_entity_src_gen.pdbx_host_org_cell_line            ? 
_entity_src_gen.pdbx_host_org_atcc                 ? 
_entity_src_gen.pdbx_host_org_culture_collection   ? 
_entity_src_gen.pdbx_host_org_cell                 ? 
_entity_src_gen.pdbx_host_org_organelle            ? 
_entity_src_gen.pdbx_host_org_cellular_location    ? 
_entity_src_gen.pdbx_host_org_vector_type          PLASMID 
_entity_src_gen.pdbx_host_org_vector               ? 
_entity_src_gen.host_org_details                   ? 
_entity_src_gen.expression_system_id               ? 
_entity_src_gen.plasmid_name                       PRSET-8K 
_entity_src_gen.plasmid_details                    ? 
_entity_src_gen.pdbx_description                   ? 
# 
loop_
_chem_comp.id 
_chem_comp.type 
_chem_comp.mon_nstd_flag 
_chem_comp.name 
_chem_comp.pdbx_synonyms 
_chem_comp.formula 
_chem_comp.formula_weight 
ALA 'L-peptide linking' y ALANINE         ? 'C3 H7 N O2'     89.093  
ARG 'L-peptide linking' y ARGININE        ? 'C6 H15 N4 O2 1' 175.209 
ASN 'L-peptide linking' y ASPARAGINE      ? 'C4 H8 N2 O3'    132.118 
ASP 'L-peptide linking' y 'ASPARTIC ACID' ? 'C4 H7 N O4'     133.103 
GLN 'L-peptide linking' y GLUTAMINE       ? 'C5 H10 N2 O3'   146.144 
GLU 'L-peptide linking' y 'GLUTAMIC ACID' ? 'C5 H9 N O4'     147.129 
GLY 'peptide linking'   y GLYCINE         ? 'C2 H5 N O2'     75.067  
HIS 'L-peptide linking' y HISTIDINE       ? 'C6 H10 N3 O2 1' 156.162 
ILE 'L-peptide linking' y ISOLEUCINE      ? 'C6 H13 N O2'    131.173 
LEU 'L-peptide linking' y LEUCINE         ? 'C6 H13 N O2'    131.173 
LYS 'L-peptide linking' y LYSINE          ? 'C6 H15 N2 O2 1' 147.195 
MET 'L-peptide linking' y METHIONINE      ? 'C5 H11 N O2 S'  149.211 
PHE 'L-peptide linking' y PHENYLALANINE   ? 'C9 H11 N O2'    165.189 
PRO 'L-peptide linking' y PROLINE         ? 'C5 H9 N O2'     115.130 
SER 'L-peptide linking' y SERINE          ? 'C3 H7 N O3'     105.093 
THR 'L-peptide linking' y THREONINE       ? 'C4 H9 N O3'     119.119 
TYR 'L-peptide linking' y TYROSINE        ? 'C9 H11 N O3'    181.189 
VAL 'L-peptide linking' y VALINE          ? 'C5 H11 N O2'    117.146 
# 
loop_
_pdbx_poly_seq_scheme.asym_id 
_pdbx_poly_seq_scheme.entity_id 
_pdbx_poly_seq_scheme.seq_id 
_pdbx_poly_seq_scheme.mon_id 
_pdbx_poly_seq_scheme.ndb_seq_num 
_pdbx_poly_seq_scheme.pdb_seq_num 
_pdbx_poly_seq_scheme.auth_seq_num 
_pdbx_poly_seq_scheme.pdb_mon_id 
_pdbx_poly_seq_scheme.auth_mon_id 
_pdbx_poly_seq_scheme.pdb_strand_id 
_pdbx_poly_seq_scheme.pdb_ins_code 
_pdbx_poly_seq_scheme.hetero 
A 1 1  MET 1  1  1  MET MET A . n 
A 1 2  SER 2  2  2  SER SER A . n 
A 1 3  LYS 3  3  3  LYS LYS A . n 
A 1 4  ARG 4  4  4  ARG ARG A . n 
A 1 5  LYS 5  5  5  LYS LYS A . n 
A 1 6  ALA 6  6  6  ALA ALA A . n 
A 1 7  PRO 7  7  7  PRO PRO A . n 
A 1 8  GLN 8  8  8  GLN GLN A . n 
A 1 9  GLU 9  9  9  GLU GLU A . n 
A 1 10 THR 10 10 10 THR THR A . n 
A 1 11 LEU 11 11 11 LEU LEU A . n 
A 1 12 ASN 12 12 12 ASN ASN A . n 
A 1 13 GLY 13 13 13 GLY GLY A . n 
A 1 14 GLY 14 14 14 GLY GLY A . n 
A 1 15 ILE 15 15 15 ILE ILE A . n 
A 1 16 THR 16 16 16 THR THR A . n 
A 1 17 ASP 17 17 17 ASP ASP A . n 
A 1 18 MET 18 18 18 MET MET A . n 
A 1 19 LEU 19 19 19 LEU LEU A . n 
A 1 20 VAL 20 20 20 VAL VAL A . n 
A 1 21 GLU 21 21 21 GLU GLU A . n 
A 1 22 LEU 22 22 22 LEU LEU A . n 
A 1 23 ALA 23 23 23 ALA ALA A . n 
A 1 24 ASN 24 24 24 ASN ASN A . n 
A 1 25 PHE 25 25 25 PHE PHE A . n 
A 1 26 GLU 26 26 26 GLU GLU A . n 
A 1 27 LYS 27 27 27 LYS LYS A . n 
A 1 28 ASN 28 28 28 ASN ASN A . n 
A 1 29 VAL 29 29 29 VAL VAL A . n 
A 1 30 SER 30 30 30 SER SER A . n 
A 1 31 GLN 31 31 31 GLN GLN A . n 
A 1 32 ALA 32 32 32 ALA ALA A . n 
A 1 33 ILE 33 33 33 ILE ILE A . n 
A 1 34 HIS 34 34 34 HIS HIS A . n 
A 1 35 LYS 35 35 35 LYS LYS A . n 
A 1 36 TYR 36 36 36 TYR TYR A . n 
A 1 37 ASN 37 37 37 ASN ASN A . n 
A 1 38 ALA 38 38 38 ALA ALA A . n 
A 1 39 TYR 39 39 39 TYR TYR A . n 
A 1 40 ARG 40 40 40 ARG ARG A . n 
A 1 41 LYS 41 41 41 LYS LYS A . n 
A 1 42 ALA 42 42 42 ALA ALA A . n 
A 1 43 ALA 43 43 43 ALA ALA A . n 
A 1 44 SER 44 44 44 SER SER A . n 
A 1 45 VAL 45 45 45 VAL VAL A . n 
A 1 46 ILE 46 46 46 ILE ILE A . n 
A 1 47 ALA 47 47 47 ALA ALA A . n 
A 1 48 LYS 48 48 48 LYS LYS A . n 
A 1 49 TYR 49 49 49 TYR TYR A . n 
A 1 50 PRO 50 50 50 PRO PRO A . n 
A 1 51 HIS 51 51 51 HIS HIS A . n 
A 1 52 LYS 52 52 52 LYS LYS A . n 
A 1 53 ILE 53 53 53 ILE ILE A . n 
A 1 54 LYS 54 54 54 LYS LYS A . n 
A 1 55 SER 55 55 55 SER SER A . n 
A 1 56 GLY 56 56 56 GLY GLY A . n 
A 1 57 ALA 57 57 57 ALA ALA A . n 
A 1 58 GLU 58 58 58 GLU GLU A . n 
A 1 59 ALA 59 59 59 ALA ALA A . n 
A 1 60 LYS 60 60 60 LYS LYS A . n 
A 1 61 LYS 61 61 61 LYS LYS A . n 
A 1 62 LEU 62 62 62 LEU LEU A . n 
A 1 63 PRO 63 63 63 PRO PRO A . n 
A 1 64 GLY 64 64 64 GLY GLY A . n 
A 1 65 VAL 65 65 65 VAL VAL A . n 
A 1 66 GLY 66 66 66 GLY GLY A . n 
A 1 67 THR 67 67 67 THR THR A . n 
A 1 68 LYS 68 68 68 LYS LYS A . n 
A 1 69 ILE 69 69 69 ILE ILE A . n 
A 1 70 ALA 70 70 70 ALA ALA A . n 
A 1 71 GLU 71 71 71 GLU GLU A . n 
A 1 72 LYS 72 72 72 LYS LYS A . n 
A 1 73 ILE 73 73 73 ILE ILE A . n 
A 1 74 ASP 74 74 74 ASP ASP A . n 
A 1 75 GLU 75 75 75 GLU GLU A . n 
A 1 76 PHE 76 76 76 PHE PHE A . n 
A 1 77 LEU 77 77 77 LEU LEU A . n 
A 1 78 ALA 78 78 78 ALA ALA A . n 
A 1 79 THR 79 79 79 THR THR A . n 
A 1 80 GLY 80 80 80 GLY GLY A . n 
A 1 81 LYS 81 81 81 LYS LYS A . n 
A 1 82 LEU 82 82 82 LEU LEU A . n 
A 1 83 ARG 83 83 83 ARG ARG A . n 
A 1 84 LYS 84 84 84 LYS LYS A . n 
A 1 85 LEU 85 85 85 LEU LEU A . n 
A 1 86 GLU 86 86 86 GLU GLU A . n 
A 1 87 LYS 87 87 87 LYS LYS A . n 
# 
_cell.entry_id           1DK3 
_cell.length_a           1.000 
_cell.length_b           1.000 
_cell.length_c           1.000 
_cell.angle_alpha        90.00 
_cell.angle_beta         90.00 
_cell.angle_gamma        90.00 
_cell.Z_PDB              1 
_cell.pdbx_unique_axis   ? 
# 
_symmetry.entry_id                         1DK3 
_symmetry.space_group_name_H-M             'P 1' 
_symmetry.pdbx_full_space_group_name_H-M   ? 
_symmetry.cell_setting                     ? 
_symmetry.Int_Tables_number                1 
# 
_exptl.entry_id          1DK3 
_exptl.method            'SOLUTION NMR' 
_exptl.crystals_number   ? 
# 
_struct.entry_id                  1DK3 
_struct.title                     'REFINED SOLUTION STRUCTURE OF THE N-TERMINAL DOMAIN OF DNA POLYMERASE BETA' 
_struct.pdbx_model_details        ? 
_struct.pdbx_CASP_flag            ? 
_struct.pdbx_model_type_details   'minimized average' 
# 
_struct_keywords.entry_id        1DK3 
_struct_keywords.pdbx_keywords   TRANSFERASE 
_struct_keywords.text            
;DNA-BINDING, DEOXYRIBOSE 5'-PHOSPHATE LYASE, NUCLEOTIDYLTRANSFERASE, TRANSFERASE
;
# 
_struct_asym.id                            A 
_struct_asym.pdbx_blank_PDB_chainid_flag   N 
_struct_asym.pdbx_modified                 N 
_struct_asym.entity_id                     1 
_struct_asym.details                       ? 
# 
_struct_ref.id                         1 
_struct_ref.db_name                    UNP 
_struct_ref.db_code                    DPOB_RAT 
_struct_ref.entity_id                  1 
_struct_ref.pdbx_db_accession          P06766 
_struct_ref.pdbx_align_begin           ? 
_struct_ref.pdbx_seq_one_letter_code   ? 
_struct_ref.pdbx_db_isoform            ? 
# 
_struct_ref_seq.align_id                      1 
_struct_ref_seq.ref_id                        1 
_struct_ref_seq.pdbx_PDB_id_code              1DK3 
_struct_ref_seq.pdbx_strand_id                A 
_struct_ref_seq.seq_align_beg                 1 
_struct_ref_seq.pdbx_seq_align_beg_ins_code   ? 
_struct_ref_seq.seq_align_end                 87 
_struct_ref_seq.pdbx_seq_align_end_ins_code   ? 
_struct_ref_seq.pdbx_db_accession             P06766 
_struct_ref_seq.db_align_beg                  1 
_struct_ref_seq.pdbx_db_align_beg_ins_code    ? 
_struct_ref_seq.db_align_end                  87 
_struct_ref_seq.pdbx_db_align_end_ins_code    ? 
_struct_ref_seq.pdbx_auth_seq_align_beg       1 
_struct_ref_seq.pdbx_auth_seq_align_end       87 
# 
_pdbx_struct_assembly.id                   1 
_pdbx_struct_assembly.details              author_defined_assembly 
_pdbx_struct_assembly.method_details       ? 
_pdbx_struct_assembly.oligomeric_details   monomeric 
_pdbx_struct_assembly.oligomeric_count     1 
# 
_pdbx_struct_assembly_gen.assembly_id       1 
_pdbx_struct_assembly_gen.oper_expression   1 
_pdbx_struct_assembly_gen.asym_id_list      A 
# 
_pdbx_struct_oper_list.id                   1 
_pdbx_struct_oper_list.type                 'identity operation' 
_pdbx_struct_oper_list.name                 1_555 
_pdbx_struct_oper_list.symmetry_operation   x,y,z 
_pdbx_struct_oper_list.matrix[1][1]         1.0000000000 
_pdbx_struct_oper_list.matrix[1][2]         0.0000000000 
_pdbx_struct_oper_list.matrix[1][3]         0.0000000000 
_pdbx_struct_oper_list.vector[1]            0.0000000000 
_pdbx_struct_oper_list.matrix[2][1]         0.0000000000 
_pdbx_struct_oper_list.matrix[2][2]         1.0000000000 
_pdbx_struct_oper_list.matrix[2][3]         0.0000000000 
_pdbx_struct_oper_list.vector[2]            0.0000000000 
_pdbx_struct_oper_list.matrix[3][1]         0.0000000000 
_pdbx_struct_oper_list.matrix[3][2]         0.0000000000 
_pdbx_struct_oper_list.matrix[3][3]         1.0000000000 
_pdbx_struct_oper_list.vector[3]            0.0000000000 
# 
_struct_biol.id   1 
# 
loop_
_struct_conf.conf_type_id 
_struct_conf.id 
_struct_conf.pdbx_PDB_helix_id 
_struct_conf.beg_label_comp_id 
_struct_conf.beg_label_asym_id 
_struct_conf.beg_label_seq_id 
_struct_conf.pdbx_beg_PDB_ins_code 
_struct_conf.end_label_comp_id 
_struct_conf.end_label_asym_id 
_struct_conf.end_label_seq_id 
_struct_conf.pdbx_end_PDB_ins_code 
_struct_conf.beg_auth_comp_id 
_struct_conf.beg_auth_asym_id 
_struct_conf.beg_auth_seq_id 
_struct_conf.end_auth_comp_id 
_struct_conf.end_auth_asym_id 
_struct_conf.end_auth_seq_id 
_struct_conf.pdbx_PDB_helix_class 
_struct_conf.details 
_struct_conf.pdbx_PDB_helix_length 
HELX_P HELX_P1 1 GLY A 14 ? VAL A 29 ? GLY A 14 VAL A 29 1 ? 16 
HELX_P HELX_P2 2 ILE A 33 ? LYS A 48 ? ILE A 33 LYS A 48 1 ? 16 
HELX_P HELX_P3 3 SER A 55 ? LYS A 61 ? SER A 55 LYS A 61 1 ? 7  
HELX_P HELX_P4 4 THR A 67 ? THR A 79 ? THR A 67 THR A 79 1 ? 13 
# 
_struct_conf_type.id          HELX_P 
_struct_conf_type.criteria    ? 
_struct_conf_type.reference   ? 
# 
loop_
_pdbx_validate_torsion.id 
_pdbx_validate_torsion.PDB_model_num 
_pdbx_validate_torsion.auth_comp_id 
_pdbx_validate_torsion.auth_asym_id 
_pdbx_validate_torsion.auth_seq_id 
_pdbx_validate_torsion.PDB_ins_code 
_pdbx_validate_torsion.label_alt_id 
_pdbx_validate_torsion.phi 
_pdbx_validate_torsion.psi 
1  1 SER A 2  ? ? 60.10   99.50   
2  1 LYS A 3  ? ? 84.83   -40.85  
3  1 LEU A 11 ? ? -89.60  -72.79  
4  1 ASN A 12 ? ? -104.73 44.28   
5  1 SER A 30 ? ? -77.27  -70.48  
6  1 ALA A 32 ? ? -150.81 57.26   
7  1 ALA A 78 ? ? -61.80  -79.46  
8  1 ARG A 83 ? ? -63.43  -179.31 
9  1 LYS A 84 ? ? -98.54  34.78   
10 1 GLU A 86 ? ? -98.65  34.51   
# 
_pdbx_nmr_ensemble.entry_id                             1DK3 
_pdbx_nmr_ensemble.conformers_calculated_total_number   ? 
_pdbx_nmr_ensemble.conformers_submitted_total_number    1 
_pdbx_nmr_ensemble.conformer_selection_criteria         ? 
# 
_pdbx_nmr_representative.entry_id             1DK3 
_pdbx_nmr_representative.conformer_id         1 
_pdbx_nmr_representative.selection_criteria   'minimized average structure' 
# 
loop_
_pdbx_nmr_sample_details.solution_id 
_pdbx_nmr_sample_details.contents 
_pdbx_nmr_sample_details.solvent_system 
1 
;2.8 MM RAT DNA POLYMERASE BETA N-TERMINAL DOMAIN (2-87) U-15N,13C; 5MM TRIS- 
D11; 400MM NACL
;
? 
2 
;2 MM RAT DNA POLYMERASE BETA N-TERMINAL DOMAIN (2-87) U-15N; 5MM TRIS-D11; 
100MM NACL
;
? 
3 
;4 MM RAT DNA POLYMERASE BETA N-TERMINAL DOMAIN (2-87) U-15N; 5MM TRIS-D11; 
400MM NACL
;
? 
4 
;2.8 MM RAT DNA POLYMERASE BETA N-TERMINAL DOMAIN (2-87) U-15N,13C; 5MM TRIS- 
D11; 400MM NACL
;
? 
5 
;1.4 MM RAT DNA POLYMERASE BETA N-TERMINAL DOMAIN (2-87); 5MM TRIS-D11; 400MM 
NACL
;
? 
# 
loop_
_pdbx_nmr_exptl_sample_conditions.conditions_id 
_pdbx_nmr_exptl_sample_conditions.temperature 
_pdbx_nmr_exptl_sample_conditions.pressure 
_pdbx_nmr_exptl_sample_conditions.pH 
_pdbx_nmr_exptl_sample_conditions.ionic_strength 
_pdbx_nmr_exptl_sample_conditions.pressure_units 
_pdbx_nmr_exptl_sample_conditions.temperature_units 
1 300 AMBIENT 6.7 400 ? K 
2 298 AMBIENT 6.8 100 ? K 
# 
loop_
_pdbx_nmr_exptl.experiment_id 
_pdbx_nmr_exptl.conditions_id 
_pdbx_nmr_exptl.type 
_pdbx_nmr_exptl.solution_id 
1 1 '2D NOESY'             5 
2 2 3D_15N-SEPARATED_NOESY 2 
3 1 3D_13C-SEPARATED_NOESY 4 
4 1 HMQC-J                 3 
# 
_pdbx_nmr_details.entry_id   1DK3 
_pdbx_nmr_details.text       
;PROTEOLYTIC PROCESSING REMOVES THE N-TERMINAL MET IN A BACTERIAL EXPRESSION 
SYSTEM (SEE KUMAR ET AL., (1990) J. BIOL. CHEM. 265, 2124-2131).
;
# 
_pdbx_nmr_refine.entry_id           1DK3 
_pdbx_nmr_refine.method             'TORSION ANGLE DYNAMICS AND SIMULATED ANNEALING' 
_pdbx_nmr_refine.details            
;THE NMR RESTRAINTS INCLUDED 921 USEFUL NOE DETERMINED UPPER DISTANCE 
RESTRAINTS, 41 HYDROGEN BONDS, AND 135 PHI AND CHI TORSION ANGLE RESTRAINTS. 
STRUCTURES WERE CALCULATED IN THE PROGRAM DYANA USING TORSION ANGLE DYNAMICS. 
THE CALCULATION STARTED WITH 100 RANDOMIZED STRUCTURES. THE 50 STRUCTURES WITH 
THE LOWEST TARGET FUNCTION WERE THEN REFINED WITHIN XPLOR USING SIMULATED 
ANNEALING. THE 25 LOWEST ENERGY STRUCTURAL CONFORMERS WERE SELECTED TO 
REPRESENT THE ENSEMBLE.THE 25 REFINED STRUCTURAL CONFORMERS DISPLAYED NO NOE 
VIOLATIONS >0.3 ANGSTROMS AND NO DIHEDRAL ANGLE VIOLATIONS >3 DEGREES. THE 
MINIMIZED AVERAGE STRUCTURE WAS CALCULATED FROM THE MEAN POSITION OF THE 
COORDINATES FOR THE 25 STRUCTURAL CONFORMERS AND WAS REFINED BY POWELL ENERGY 
MINIMIZATION IN XPLOR USING FULL NMR RESTRAINTS.
;
_pdbx_nmr_refine.software_ordinal   1 
# 
loop_
_pdbx_nmr_software.classification 
_pdbx_nmr_software.name 
_pdbx_nmr_software.version 
_pdbx_nmr_software.authors 
_pdbx_nmr_software.ordinal 
collection           VNMR   4.3    VARIAN         1 
processing           Felix  95     'HARE, BIOSYM' 2 
'data analysis'      XEASY  1.3.13 BARTLES        3 
'structure solution' DYANA  1.5    GUENTERT       4 
refinement           X-PLOR 4.0    BRUNGER        5 
# 
loop_
_chem_comp_atom.comp_id 
_chem_comp_atom.atom_id 
_chem_comp_atom.type_symbol 
_chem_comp_atom.pdbx_aromatic_flag 
_chem_comp_atom.pdbx_stereo_config 
_chem_comp_atom.pdbx_ordinal 
ALA N    N N N 1   
ALA CA   C N S 2   
ALA C    C N N 3   
ALA O    O N N 4   
ALA CB   C N N 5   
ALA OXT  O N N 6   
ALA H    H N N 7   
ALA H2   H N N 8   
ALA HA   H N N 9   
ALA HB1  H N N 10  
ALA HB2  H N N 11  
ALA HB3  H N N 12  
ALA HXT  H N N 13  
ARG N    N N N 14  
ARG CA   C N S 15  
ARG C    C N N 16  
ARG O    O N N 17  
ARG CB   C N N 18  
ARG CG   C N N 19  
ARG CD   C N N 20  
ARG NE   N N N 21  
ARG CZ   C N N 22  
ARG NH1  N N N 23  
ARG NH2  N N N 24  
ARG OXT  O N N 25  
ARG H    H N N 26  
ARG H2   H N N 27  
ARG HA   H N N 28  
ARG HB2  H N N 29  
ARG HB3  H N N 30  
ARG HG2  H N N 31  
ARG HG3  H N N 32  
ARG HD2  H N N 33  
ARG HD3  H N N 34  
ARG HE   H N N 35  
ARG HH11 H N N 36  
ARG HH12 H N N 37  
ARG HH21 H N N 38  
ARG HH22 H N N 39  
ARG HXT  H N N 40  
ASN N    N N N 41  
ASN CA   C N S 42  
ASN C    C N N 43  
ASN O    O N N 44  
ASN CB   C N N 45  
ASN CG   C N N 46  
ASN OD1  O N N 47  
ASN ND2  N N N 48  
ASN OXT  O N N 49  
ASN H    H N N 50  
ASN H2   H N N 51  
ASN HA   H N N 52  
ASN HB2  H N N 53  
ASN HB3  H N N 54  
ASN HD21 H N N 55  
ASN HD22 H N N 56  
ASN HXT  H N N 57  
ASP N    N N N 58  
ASP CA   C N S 59  
ASP C    C N N 60  
ASP O    O N N 61  
ASP CB   C N N 62  
ASP CG   C N N 63  
ASP OD1  O N N 64  
ASP OD2  O N N 65  
ASP OXT  O N N 66  
ASP H    H N N 67  
ASP H2   H N N 68  
ASP HA   H N N 69  
ASP HB2  H N N 70  
ASP HB3  H N N 71  
ASP HD2  H N N 72  
ASP HXT  H N N 73  
GLN N    N N N 74  
GLN CA   C N S 75  
GLN C    C N N 76  
GLN O    O N N 77  
GLN CB   C N N 78  
GLN CG   C N N 79  
GLN CD   C N N 80  
GLN OE1  O N N 81  
GLN NE2  N N N 82  
GLN OXT  O N N 83  
GLN H    H N N 84  
GLN H2   H N N 85  
GLN HA   H N N 86  
GLN HB2  H N N 87  
GLN HB3  H N N 88  
GLN HG2  H N N 89  
GLN HG3  H N N 90  
GLN HE21 H N N 91  
GLN HE22 H N N 92  
GLN HXT  H N N 93  
GLU N    N N N 94  
GLU CA   C N S 95  
GLU C    C N N 96  
GLU O    O N N 97  
GLU CB   C N N 98  
GLU CG   C N N 99  
GLU CD   C N N 100 
GLU OE1  O N N 101 
GLU OE2  O N N 102 
GLU OXT  O N N 103 
GLU H    H N N 104 
GLU H2   H N N 105 
GLU HA   H N N 106 
GLU HB2  H N N 107 
GLU HB3  H N N 108 
GLU HG2  H N N 109 
GLU HG3  H N N 110 
GLU HE2  H N N 111 
GLU HXT  H N N 112 
GLY N    N N N 113 
GLY CA   C N N 114 
GLY C    C N N 115 
GLY O    O N N 116 
GLY OXT  O N N 117 
GLY H    H N N 118 
GLY H2   H N N 119 
GLY HA2  H N N 120 
GLY HA3  H N N 121 
GLY HXT  H N N 122 
HIS N    N N N 123 
HIS CA   C N S 124 
HIS C    C N N 125 
HIS O    O N N 126 
HIS CB   C N N 127 
HIS CG   C Y N 128 
HIS ND1  N Y N 129 
HIS CD2  C Y N 130 
HIS CE1  C Y N 131 
HIS NE2  N Y N 132 
HIS OXT  O N N 133 
HIS H    H N N 134 
HIS H2   H N N 135 
HIS HA   H N N 136 
HIS HB2  H N N 137 
HIS HB3  H N N 138 
HIS HD1  H N N 139 
HIS HD2  H N N 140 
HIS HE1  H N N 141 
HIS HE2  H N N 142 
HIS HXT  H N N 143 
ILE N    N N N 144 
ILE CA   C N S 145 
ILE C    C N N 146 
ILE O    O N N 147 
ILE CB   C N S 148 
ILE CG1  C N N 149 
ILE CG2  C N N 150 
ILE CD1  C N N 151 
ILE OXT  O N N 152 
ILE H    H N N 153 
ILE H2   H N N 154 
ILE HA   H N N 155 
ILE HB   H N N 156 
ILE HG12 H N N 157 
ILE HG13 H N N 158 
ILE HG21 H N N 159 
ILE HG22 H N N 160 
ILE HG23 H N N 161 
ILE HD11 H N N 162 
ILE HD12 H N N 163 
ILE HD13 H N N 164 
ILE HXT  H N N 165 
LEU N    N N N 166 
LEU CA   C N S 167 
LEU C    C N N 168 
LEU O    O N N 169 
LEU CB   C N N 170 
LEU CG   C N N 171 
LEU CD1  C N N 172 
LEU CD2  C N N 173 
LEU OXT  O N N 174 
LEU H    H N N 175 
LEU H2   H N N 176 
LEU HA   H N N 177 
LEU HB2  H N N 178 
LEU HB3  H N N 179 
LEU HG   H N N 180 
LEU HD11 H N N 181 
LEU HD12 H N N 182 
LEU HD13 H N N 183 
LEU HD21 H N N 184 
LEU HD22 H N N 185 
LEU HD23 H N N 186 
LEU HXT  H N N 187 
LYS N    N N N 188 
LYS CA   C N S 189 
LYS C    C N N 190 
LYS O    O N N 191 
LYS CB   C N N 192 
LYS CG   C N N 193 
LYS CD   C N N 194 
LYS CE   C N N 195 
LYS NZ   N N N 196 
LYS OXT  O N N 197 
LYS H    H N N 198 
LYS H2   H N N 199 
LYS HA   H N N 200 
LYS HB2  H N N 201 
LYS HB3  H N N 202 
LYS HG2  H N N 203 
LYS HG3  H N N 204 
LYS HD2  H N N 205 
LYS HD3  H N N 206 
LYS HE2  H N N 207 
LYS HE3  H N N 208 
LYS HZ1  H N N 209 
LYS HZ2  H N N 210 
LYS HZ3  H N N 211 
LYS HXT  H N N 212 
MET N    N N N 213 
MET CA   C N S 214 
MET C    C N N 215 
MET O    O N N 216 
MET CB   C N N 217 
MET CG   C N N 218 
MET SD   S N N 219 
MET CE   C N N 220 
MET OXT  O N N 221 
MET H    H N N 222 
MET H2   H N N 223 
MET HA   H N N 224 
MET HB2  H N N 225 
MET HB3  H N N 226 
MET HG2  H N N 227 
MET HG3  H N N 228 
MET HE1  H N N 229 
MET HE2  H N N 230 
MET HE3  H N N 231 
MET HXT  H N N 232 
PHE N    N N N 233 
PHE CA   C N S 234 
PHE C    C N N 235 
PHE O    O N N 236 
PHE CB   C N N 237 
PHE CG   C Y N 238 
PHE CD1  C Y N 239 
PHE CD2  C Y N 240 
PHE CE1  C Y N 241 
PHE CE2  C Y N 242 
PHE CZ   C Y N 243 
PHE OXT  O N N 244 
PHE H    H N N 245 
PHE H2   H N N 246 
PHE HA   H N N 247 
PHE HB2  H N N 248 
PHE HB3  H N N 249 
PHE HD1  H N N 250 
PHE HD2  H N N 251 
PHE HE1  H N N 252 
PHE HE2  H N N 253 
PHE HZ   H N N 254 
PHE HXT  H N N 255 
PRO N    N N N 256 
PRO CA   C N S 257 
PRO C    C N N 258 
PRO O    O N N 259 
PRO CB   C N N 260 
PRO CG   C N N 261 
PRO CD   C N N 262 
PRO OXT  O N N 263 
PRO H    H N N 264 
PRO HA   H N N 265 
PRO HB2  H N N 266 
PRO HB3  H N N 267 
PRO HG2  H N N 268 
PRO HG3  H N N 269 
PRO HD2  H N N 270 
PRO HD3  H N N 271 
PRO HXT  H N N 272 
SER N    N N N 273 
SER CA   C N S 274 
SER C    C N N 275 
SER O    O N N 276 
SER CB   C N N 277 
SER OG   O N N 278 
SER OXT  O N N 279 
SER H    H N N 280 
SER H2   H N N 281 
SER HA   H N N 282 
SER HB2  H N N 283 
SER HB3  H N N 284 
SER HG   H N N 285 
SER HXT  H N N 286 
THR N    N N N 287 
THR CA   C N S 288 
THR C    C N N 289 
THR O    O N N 290 
THR CB   C N R 291 
THR OG1  O N N 292 
THR CG2  C N N 293 
THR OXT  O N N 294 
THR H    H N N 295 
THR H2   H N N 296 
THR HA   H N N 297 
THR HB   H N N 298 
THR HG1  H N N 299 
THR HG21 H N N 300 
THR HG22 H N N 301 
THR HG23 H N N 302 
THR HXT  H N N 303 
TYR N    N N N 304 
TYR CA   C N S 305 
TYR C    C N N 306 
TYR O    O N N 307 
TYR CB   C N N 308 
TYR CG   C Y N 309 
TYR CD1  C Y N 310 
TYR CD2  C Y N 311 
TYR CE1  C Y N 312 
TYR CE2  C Y N 313 
TYR CZ   C Y N 314 
TYR OH   O N N 315 
TYR OXT  O N N 316 
TYR H    H N N 317 
TYR H2   H N N 318 
TYR HA   H N N 319 
TYR HB2  H N N 320 
TYR HB3  H N N 321 
TYR HD1  H N N 322 
TYR HD2  H N N 323 
TYR HE1  H N N 324 
TYR HE2  H N N 325 
TYR HH   H N N 326 
TYR HXT  H N N 327 
VAL N    N N N 328 
VAL CA   C N S 329 
VAL C    C N N 330 
VAL O    O N N 331 
VAL CB   C N N 332 
VAL CG1  C N N 333 
VAL CG2  C N N 334 
VAL OXT  O N N 335 
VAL H    H N N 336 
VAL H2   H N N 337 
VAL HA   H N N 338 
VAL HB   H N N 339 
VAL HG11 H N N 340 
VAL HG12 H N N 341 
VAL HG13 H N N 342 
VAL HG21 H N N 343 
VAL HG22 H N N 344 
VAL HG23 H N N 345 
VAL HXT  H N N 346 
# 
loop_
_chem_comp_bond.comp_id 
_chem_comp_bond.atom_id_1 
_chem_comp_bond.atom_id_2 
_chem_comp_bond.value_order 
_chem_comp_bond.pdbx_aromatic_flag 
_chem_comp_bond.pdbx_stereo_config 
_chem_comp_bond.pdbx_ordinal 
ALA N   CA   sing N N 1   
ALA N   H    sing N N 2   
ALA N   H2   sing N N 3   
ALA CA  C    sing N N 4   
ALA CA  CB   sing N N 5   
ALA CA  HA   sing N N 6   
ALA C   O    doub N N 7   
ALA C   OXT  sing N N 8   
ALA CB  HB1  sing N N 9   
ALA CB  HB2  sing N N 10  
ALA CB  HB3  sing N N 11  
ALA OXT HXT  sing N N 12  
ARG N   CA   sing N N 13  
ARG N   H    sing N N 14  
ARG N   H2   sing N N 15  
ARG CA  C    sing N N 16  
ARG CA  CB   sing N N 17  
ARG CA  HA   sing N N 18  
ARG C   O    doub N N 19  
ARG C   OXT  sing N N 20  
ARG CB  CG   sing N N 21  
ARG CB  HB2  sing N N 22  
ARG CB  HB3  sing N N 23  
ARG CG  CD   sing N N 24  
ARG CG  HG2  sing N N 25  
ARG CG  HG3  sing N N 26  
ARG CD  NE   sing N N 27  
ARG CD  HD2  sing N N 28  
ARG CD  HD3  sing N N 29  
ARG NE  CZ   sing N N 30  
ARG NE  HE   sing N N 31  
ARG CZ  NH1  sing N N 32  
ARG CZ  NH2  doub N N 33  
ARG NH1 HH11 sing N N 34  
ARG NH1 HH12 sing N N 35  
ARG NH2 HH21 sing N N 36  
ARG NH2 HH22 sing N N 37  
ARG OXT HXT  sing N N 38  
ASN N   CA   sing N N 39  
ASN N   H    sing N N 40  
ASN N   H2   sing N N 41  
ASN CA  C    sing N N 42  
ASN CA  CB   sing N N 43  
ASN CA  HA   sing N N 44  
ASN C   O    doub N N 45  
ASN C   OXT  sing N N 46  
ASN CB  CG   sing N N 47  
ASN CB  HB2  sing N N 48  
ASN CB  HB3  sing N N 49  
ASN CG  OD1  doub N N 50  
ASN CG  ND2  sing N N 51  
ASN ND2 HD21 sing N N 52  
ASN ND2 HD22 sing N N 53  
ASN OXT HXT  sing N N 54  
ASP N   CA   sing N N 55  
ASP N   H    sing N N 56  
ASP N   H2   sing N N 57  
ASP CA  C    sing N N 58  
ASP CA  CB   sing N N 59  
ASP CA  HA   sing N N 60  
ASP C   O    doub N N 61  
ASP C   OXT  sing N N 62  
ASP CB  CG   sing N N 63  
ASP CB  HB2  sing N N 64  
ASP CB  HB3  sing N N 65  
ASP CG  OD1  doub N N 66  
ASP CG  OD2  sing N N 67  
ASP OD2 HD2  sing N N 68  
ASP OXT HXT  sing N N 69  
GLN N   CA   sing N N 70  
GLN N   H    sing N N 71  
GLN N   H2   sing N N 72  
GLN CA  C    sing N N 73  
GLN CA  CB   sing N N 74  
GLN CA  HA   sing N N 75  
GLN C   O    doub N N 76  
GLN C   OXT  sing N N 77  
GLN CB  CG   sing N N 78  
GLN CB  HB2  sing N N 79  
GLN CB  HB3  sing N N 80  
GLN CG  CD   sing N N 81  
GLN CG  HG2  sing N N 82  
GLN CG  HG3  sing N N 83  
GLN CD  OE1  doub N N 84  
GLN CD  NE2  sing N N 85  
GLN NE2 HE21 sing N N 86  
GLN NE2 HE22 sing N N 87  
GLN OXT HXT  sing N N 88  
GLU N   CA   sing N N 89  
GLU N   H    sing N N 90  
GLU N   H2   sing N N 91  
GLU CA  C    sing N N 92  
GLU CA  CB   sing N N 93  
GLU CA  HA   sing N N 94  
GLU C   O    doub N N 95  
GLU C   OXT  sing N N 96  
GLU CB  CG   sing N N 97  
GLU CB  HB2  sing N N 98  
GLU CB  HB3  sing N N 99  
GLU CG  CD   sing N N 100 
GLU CG  HG2  sing N N 101 
GLU CG  HG3  sing N N 102 
GLU CD  OE1  doub N N 103 
GLU CD  OE2  sing N N 104 
GLU OE2 HE2  sing N N 105 
GLU OXT HXT  sing N N 106 
GLY N   CA   sing N N 107 
GLY N   H    sing N N 108 
GLY N   H2   sing N N 109 
GLY CA  C    sing N N 110 
GLY CA  HA2  sing N N 111 
GLY CA  HA3  sing N N 112 
GLY C   O    doub N N 113 
GLY C   OXT  sing N N 114 
GLY OXT HXT  sing N N 115 
HIS N   CA   sing N N 116 
HIS N   H    sing N N 117 
HIS N   H2   sing N N 118 
HIS CA  C    sing N N 119 
HIS CA  CB   sing N N 120 
HIS CA  HA   sing N N 121 
HIS C   O    doub N N 122 
HIS C   OXT  sing N N 123 
HIS CB  CG   sing N N 124 
HIS CB  HB2  sing N N 125 
HIS CB  HB3  sing N N 126 
HIS CG  ND1  sing Y N 127 
HIS CG  CD2  doub Y N 128 
HIS ND1 CE1  doub Y N 129 
HIS ND1 HD1  sing N N 130 
HIS CD2 NE2  sing Y N 131 
HIS CD2 HD2  sing N N 132 
HIS CE1 NE2  sing Y N 133 
HIS CE1 HE1  sing N N 134 
HIS NE2 HE2  sing N N 135 
HIS OXT HXT  sing N N 136 
ILE N   CA   sing N N 137 
ILE N   H    sing N N 138 
ILE N   H2   sing N N 139 
ILE CA  C    sing N N 140 
ILE CA  CB   sing N N 141 
ILE CA  HA   sing N N 142 
ILE C   O    doub N N 143 
ILE C   OXT  sing N N 144 
ILE CB  CG1  sing N N 145 
ILE CB  CG2  sing N N 146 
ILE CB  HB   sing N N 147 
ILE CG1 CD1  sing N N 148 
ILE CG1 HG12 sing N N 149 
ILE CG1 HG13 sing N N 150 
ILE CG2 HG21 sing N N 151 
ILE CG2 HG22 sing N N 152 
ILE CG2 HG23 sing N N 153 
ILE CD1 HD11 sing N N 154 
ILE CD1 HD12 sing N N 155 
ILE CD1 HD13 sing N N 156 
ILE OXT HXT  sing N N 157 
LEU N   CA   sing N N 158 
LEU N   H    sing N N 159 
LEU N   H2   sing N N 160 
LEU CA  C    sing N N 161 
LEU CA  CB   sing N N 162 
LEU CA  HA   sing N N 163 
LEU C   O    doub N N 164 
LEU C   OXT  sing N N 165 
LEU CB  CG   sing N N 166 
LEU CB  HB2  sing N N 167 
LEU CB  HB3  sing N N 168 
LEU CG  CD1  sing N N 169 
LEU CG  CD2  sing N N 170 
LEU CG  HG   sing N N 171 
LEU CD1 HD11 sing N N 172 
LEU CD1 HD12 sing N N 173 
LEU CD1 HD13 sing N N 174 
LEU CD2 HD21 sing N N 175 
LEU CD2 HD22 sing N N 176 
LEU CD2 HD23 sing N N 177 
LEU OXT HXT  sing N N 178 
LYS N   CA   sing N N 179 
LYS N   H    sing N N 180 
LYS N   H2   sing N N 181 
LYS CA  C    sing N N 182 
LYS CA  CB   sing N N 183 
LYS CA  HA   sing N N 184 
LYS C   O    doub N N 185 
LYS C   OXT  sing N N 186 
LYS CB  CG   sing N N 187 
LYS CB  HB2  sing N N 188 
LYS CB  HB3  sing N N 189 
LYS CG  CD   sing N N 190 
LYS CG  HG2  sing N N 191 
LYS CG  HG3  sing N N 192 
LYS CD  CE   sing N N 193 
LYS CD  HD2  sing N N 194 
LYS CD  HD3  sing N N 195 
LYS CE  NZ   sing N N 196 
LYS CE  HE2  sing N N 197 
LYS CE  HE3  sing N N 198 
LYS NZ  HZ1  sing N N 199 
LYS NZ  HZ2  sing N N 200 
LYS NZ  HZ3  sing N N 201 
LYS OXT HXT  sing N N 202 
MET N   CA   sing N N 203 
MET N   H    sing N N 204 
MET N   H2   sing N N 205 
MET CA  C    sing N N 206 
MET CA  CB   sing N N 207 
MET CA  HA   sing N N 208 
MET C   O    doub N N 209 
MET C   OXT  sing N N 210 
MET CB  CG   sing N N 211 
MET CB  HB2  sing N N 212 
MET CB  HB3  sing N N 213 
MET CG  SD   sing N N 214 
MET CG  HG2  sing N N 215 
MET CG  HG3  sing N N 216 
MET SD  CE   sing N N 217 
MET CE  HE1  sing N N 218 
MET CE  HE2  sing N N 219 
MET CE  HE3  sing N N 220 
MET OXT HXT  sing N N 221 
PHE N   CA   sing N N 222 
PHE N   H    sing N N 223 
PHE N   H2   sing N N 224 
PHE CA  C    sing N N 225 
PHE CA  CB   sing N N 226 
PHE CA  HA   sing N N 227 
PHE C   O    doub N N 228 
PHE C   OXT  sing N N 229 
PHE CB  CG   sing N N 230 
PHE CB  HB2  sing N N 231 
PHE CB  HB3  sing N N 232 
PHE CG  CD1  doub Y N 233 
PHE CG  CD2  sing Y N 234 
PHE CD1 CE1  sing Y N 235 
PHE CD1 HD1  sing N N 236 
PHE CD2 CE2  doub Y N 237 
PHE CD2 HD2  sing N N 238 
PHE CE1 CZ   doub Y N 239 
PHE CE1 HE1  sing N N 240 
PHE CE2 CZ   sing Y N 241 
PHE CE2 HE2  sing N N 242 
PHE CZ  HZ   sing N N 243 
PHE OXT HXT  sing N N 244 
PRO N   CA   sing N N 245 
PRO N   CD   sing N N 246 
PRO N   H    sing N N 247 
PRO CA  C    sing N N 248 
PRO CA  CB   sing N N 249 
PRO CA  HA   sing N N 250 
PRO C   O    doub N N 251 
PRO C   OXT  sing N N 252 
PRO CB  CG   sing N N 253 
PRO CB  HB2  sing N N 254 
PRO CB  HB3  sing N N 255 
PRO CG  CD   sing N N 256 
PRO CG  HG2  sing N N 257 
PRO CG  HG3  sing N N 258 
PRO CD  HD2  sing N N 259 
PRO CD  HD3  sing N N 260 
PRO OXT HXT  sing N N 261 
SER N   CA   sing N N 262 
SER N   H    sing N N 263 
SER N   H2   sing N N 264 
SER CA  C    sing N N 265 
SER CA  CB   sing N N 266 
SER CA  HA   sing N N 267 
SER C   O    doub N N 268 
SER C   OXT  sing N N 269 
SER CB  OG   sing N N 270 
SER CB  HB2  sing N N 271 
SER CB  HB3  sing N N 272 
SER OG  HG   sing N N 273 
SER OXT HXT  sing N N 274 
THR N   CA   sing N N 275 
THR N   H    sing N N 276 
THR N   H2   sing N N 277 
THR CA  C    sing N N 278 
THR CA  CB   sing N N 279 
THR CA  HA   sing N N 280 
THR C   O    doub N N 281 
THR C   OXT  sing N N 282 
THR CB  OG1  sing N N 283 
THR CB  CG2  sing N N 284 
THR CB  HB   sing N N 285 
THR OG1 HG1  sing N N 286 
THR CG2 HG21 sing N N 287 
THR CG2 HG22 sing N N 288 
THR CG2 HG23 sing N N 289 
THR OXT HXT  sing N N 290 
TYR N   CA   sing N N 291 
TYR N   H    sing N N 292 
TYR N   H2   sing N N 293 
TYR CA  C    sing N N 294 
TYR CA  CB   sing N N 295 
TYR CA  HA   sing N N 296 
TYR C   O    doub N N 297 
TYR C   OXT  sing N N 298 
TYR CB  CG   sing N N 299 
TYR CB  HB2  sing N N 300 
TYR CB  HB3  sing N N 301 
TYR CG  CD1  doub Y N 302 
TYR CG  CD2  sing Y N 303 
TYR CD1 CE1  sing Y N 304 
TYR CD1 HD1  sing N N 305 
TYR CD2 CE2  doub Y N 306 
TYR CD2 HD2  sing N N 307 
TYR CE1 CZ   doub Y N 308 
TYR CE1 HE1  sing N N 309 
TYR CE2 CZ   sing Y N 310 
TYR CE2 HE2  sing N N 311 
TYR CZ  OH   sing N N 312 
TYR OH  HH   sing N N 313 
TYR OXT HXT  sing N N 314 
VAL N   CA   sing N N 315 
VAL N   H    sing N N 316 
VAL N   H2   sing N N 317 
VAL CA  C    sing N N 318 
VAL CA  CB   sing N N 319 
VAL CA  HA   sing N N 320 
VAL C   O    doub N N 321 
VAL C   OXT  sing N N 322 
VAL CB  CG1  sing N N 323 
VAL CB  CG2  sing N N 324 
VAL CB  HB   sing N N 325 
VAL CG1 HG11 sing N N 326 
VAL CG1 HG12 sing N N 327 
VAL CG1 HG13 sing N N 328 
VAL CG2 HG21 sing N N 329 
VAL CG2 HG22 sing N N 330 
VAL CG2 HG23 sing N N 331 
VAL OXT HXT  sing N N 332 
# 
loop_
_pdbx_nmr_spectrometer.spectrometer_id 
_pdbx_nmr_spectrometer.model 
_pdbx_nmr_spectrometer.manufacturer 
_pdbx_nmr_spectrometer.field_strength 
_pdbx_nmr_spectrometer.type 
1 GN500     GE     500 ? 
2 UNITYPLUS Varian 600 ? 
# 
_atom_sites.entry_id                    1DK3 
_atom_sites.fract_transf_matrix[1][1]   1.000000 
_atom_sites.fract_transf_matrix[1][2]   0.000000 
_atom_sites.fract_transf_matrix[1][3]   0.000000 
_atom_sites.fract_transf_matrix[2][1]   0.000000 
_atom_sites.fract_transf_matrix[2][2]   1.000000 
_atom_sites.fract_transf_matrix[2][3]   0.000000 
_atom_sites.fract_transf_matrix[3][1]   0.000000 
_atom_sites.fract_transf_matrix[3][2]   0.000000 
_atom_sites.fract_transf_matrix[3][3]   1.000000 
_atom_sites.fract_transf_vector[1]      0.00000 
_atom_sites.fract_transf_vector[2]      0.00000 
_atom_sites.fract_transf_vector[3]      0.00000 
# 
loop_
_atom_type.symbol 
C 
H 
N 
O 
S 
# 
loop_
_atom_site.group_PDB 
_atom_site.id 
_atom_site.type_symbol 
_atom_site.label_atom_id 
_atom_site.label_alt_id 
_atom_site.label_comp_id 
_atom_site.label_asym_id 
_atom_site.label_entity_id 
_atom_site.label_seq_id 
_atom_site.pdbx_PDB_ins_code 
_atom_site.Cartn_x 
_atom_site.Cartn_y 
_atom_site.Cartn_z 
_atom_site.occupancy 
_atom_site.B_iso_or_equiv 
_atom_site.pdbx_formal_charge 
_atom_site.auth_seq_id 
_atom_site.auth_comp_id 
_atom_site.auth_asym_id 
_atom_site.auth_atom_id 
_atom_site.pdbx_PDB_model_num 
ATOM 1    N N    . MET A 1 1  ? 12.338  19.656  -5.962  1.00 13.85 ? 1  MET A N    1 
ATOM 2    C CA   . MET A 1 1  ? 12.644  20.174  -4.599  1.00 13.58 ? 1  MET A CA   1 
ATOM 3    C C    . MET A 1 1  ? 14.149  20.076  -4.341  1.00 12.94 ? 1  MET A C    1 
ATOM 4    O O    . MET A 1 1  ? 14.584  19.893  -3.220  1.00 12.81 ? 1  MET A O    1 
ATOM 5    C CB   . MET A 1 1  ? 11.892  19.342  -3.557  1.00 13.85 ? 1  MET A CB   1 
ATOM 6    C CG   . MET A 1 1  ? 10.537  19.991  -3.267  1.00 14.40 ? 1  MET A CG   1 
ATOM 7    S SD   . MET A 1 1  ? 10.007  19.557  -1.592  1.00 14.95 ? 1  MET A SD   1 
ATOM 8    C CE   . MET A 1 1  ? 9.585   17.829  -1.928  1.00 15.36 ? 1  MET A CE   1 
ATOM 9    H H1   . MET A 1 1  ? 12.260  18.620  -5.931  1.00 13.87 ? 1  MET A H1   1 
ATOM 10   H HA   . MET A 1 1  ? 12.333  21.206  -4.528  1.00 13.86 ? 1  MET A HA   1 
ATOM 11   H HB2  . MET A 1 1  ? 11.741  18.342  -3.937  1.00 13.99 ? 1  MET A HB2  1 
ATOM 12   H HB3  . MET A 1 1  ? 12.470  19.299  -2.646  1.00 13.70 ? 1  MET A HB3  1 
ATOM 13   H HG2  . MET A 1 1  ? 10.626  21.063  -3.351  1.00 14.63 ? 1  MET A HG2  1 
ATOM 14   H HG3  . MET A 1 1  ? 9.807   19.633  -3.980  1.00 14.40 ? 1  MET A HG3  1 
ATOM 15   H HE1  . MET A 1 1  ? 10.270  17.429  -2.664  1.00 15.48 ? 1  MET A HE1  1 
ATOM 16   H HE2  . MET A 1 1  ? 8.578   17.769  -2.307  1.00 15.52 ? 1  MET A HE2  1 
ATOM 17   H HE3  . MET A 1 1  ? 9.657   17.257  -1.013  1.00 15.48 ? 1  MET A HE3  1 
ATOM 18   N N    . SER A 1 2  ? 14.946  20.196  -5.375  1.00 12.73 ? 2  SER A N    1 
ATOM 19   C CA   . SER A 1 2  ? 16.430  20.113  -5.205  1.00 12.33 ? 2  SER A CA   1 
ATOM 20   C C    . SER A 1 2  ? 16.806  18.746  -4.622  1.00 11.91 ? 2  SER A C    1 
ATOM 21   O O    . SER A 1 2  ? 16.703  18.529  -3.433  1.00 11.92 ? 2  SER A O    1 
ATOM 22   C CB   . SER A 1 2  ? 16.905  21.219  -4.260  1.00 12.54 ? 2  SER A CB   1 
ATOM 23   O OG   . SER A 1 2  ? 18.316  21.352  -4.365  1.00 12.64 ? 2  SER A OG   1 
ATOM 24   H H    . SER A 1 2  ? 14.567  20.343  -6.266  1.00 12.97 ? 2  SER A H    1 
ATOM 25   H HA   . SER A 1 2  ? 16.906  20.233  -6.167  1.00 12.40 ? 2  SER A HA   1 
ATOM 26   H HB2  . SER A 1 2  ? 16.440  22.151  -4.533  1.00 12.61 ? 2  SER A HB2  1 
ATOM 27   H HB3  . SER A 1 2  ? 16.631  20.965  -3.245  1.00 12.74 ? 2  SER A HB3  1 
ATOM 28   H HG   . SER A 1 2  ? 18.532  21.500  -5.289  1.00 12.86 ? 2  SER A HG   1 
ATOM 29   N N    . LYS A 1 3  ? 17.238  17.833  -5.465  1.00 11.77 ? 3  LYS A N    1 
ATOM 30   C CA   . LYS A 1 3  ? 17.642  16.448  -5.024  1.00 11.63 ? 3  LYS A CA   1 
ATOM 31   C C    . LYS A 1 3  ? 16.406  15.523  -4.938  1.00 11.13 ? 3  LYS A C    1 
ATOM 32   O O    . LYS A 1 3  ? 16.469  14.372  -5.327  1.00 11.11 ? 3  LYS A O    1 
ATOM 33   C CB   . LYS A 1 3  ? 18.455  16.495  -3.690  1.00 12.17 ? 3  LYS A CB   1 
ATOM 34   C CG   . LYS A 1 3  ? 17.606  16.142  -2.451  1.00 12.58 ? 3  LYS A CG   1 
ATOM 35   C CD   . LYS A 1 3  ? 17.592  14.624  -2.260  1.00 13.31 ? 3  LYS A CD   1 
ATOM 36   C CE   . LYS A 1 3  ? 17.523  14.297  -0.768  1.00 13.88 ? 3  LYS A CE   1 
ATOM 37   N NZ   . LYS A 1 3  ? 17.690  12.829  -0.571  1.00 14.52 ? 3  LYS A NZ   1 
ATOM 38   H H    . LYS A 1 3  ? 17.300  18.061  -6.417  1.00 11.91 ? 3  LYS A H    1 
ATOM 39   H HA   . LYS A 1 3  ? 18.289  16.045  -5.791  1.00 11.71 ? 3  LYS A HA   1 
ATOM 40   H HB2  . LYS A 1 3  ? 19.273  15.795  -3.757  1.00 12.44 ? 3  LYS A HB2  1 
ATOM 41   H HB3  . LYS A 1 3  ? 18.859  17.490  -3.566  1.00 12.18 ? 3  LYS A HB3  1 
ATOM 42   H HG2  . LYS A 1 3  ? 18.036  16.609  -1.577  1.00 12.45 ? 3  LYS A HG2  1 
ATOM 43   H HG3  . LYS A 1 3  ? 16.597  16.493  -2.586  1.00 12.70 ? 3  LYS A HG3  1 
ATOM 44   H HD2  . LYS A 1 3  ? 16.730  14.206  -2.761  1.00 13.44 ? 3  LYS A HD2  1 
ATOM 45   H HD3  . LYS A 1 3  ? 18.492  14.200  -2.678  1.00 13.45 ? 3  LYS A HD3  1 
ATOM 46   H HE2  . LYS A 1 3  ? 18.311  14.821  -0.247  1.00 13.98 ? 3  LYS A HE2  1 
ATOM 47   H HE3  . LYS A 1 3  ? 16.565  14.606  -0.375  1.00 13.87 ? 3  LYS A HE3  1 
ATOM 48   H HZ1  . LYS A 1 3  ? 18.693  12.577  -0.674  1.00 14.60 ? 3  LYS A HZ1  1 
ATOM 49   H HZ2  . LYS A 1 3  ? 17.128  12.319  -1.284  1.00 14.79 ? 3  LYS A HZ2  1 
ATOM 50   H HZ3  . LYS A 1 3  ? 17.365  12.566  0.380   1.00 14.77 ? 3  LYS A HZ3  1 
ATOM 51   N N    . ARG A 1 4  ? 15.295  16.010  -4.438  1.00 10.94 ? 4  ARG A N    1 
ATOM 52   C CA   . ARG A 1 4  ? 14.077  15.153  -4.336  1.00 10.68 ? 4  ARG A CA   1 
ATOM 53   C C    . ARG A 1 4  ? 13.123  15.484  -5.485  1.00 10.14 ? 4  ARG A C    1 
ATOM 54   O O    . ARG A 1 4  ? 12.203  16.265  -5.332  1.00 10.05 ? 4  ARG A O    1 
ATOM 55   C CB   . ARG A 1 4  ? 13.378  15.417  -3.000  1.00 10.84 ? 4  ARG A CB   1 
ATOM 56   C CG   . ARG A 1 4  ? 12.248  14.404  -2.806  1.00 11.22 ? 4  ARG A CG   1 
ATOM 57   C CD   . ARG A 1 4  ? 12.838  13.048  -2.414  1.00 11.66 ? 4  ARG A CD   1 
ATOM 58   N NE   . ARG A 1 4  ? 13.496  13.160  -1.075  1.00 12.03 ? 4  ARG A NE   1 
ATOM 59   C CZ   . ARG A 1 4  ? 14.141  12.142  -0.539  1.00 12.65 ? 4  ARG A CZ   1 
ATOM 60   N NH1  . ARG A 1 4  ? 14.236  10.987  -1.155  1.00 12.97 ? 4  ARG A NH1  1 
ATOM 61   N NH2  . ARG A 1 4  ? 14.698  12.287  0.633   1.00 13.13 ? 4  ARG A NH2  1 
ATOM 62   H H    . ARG A 1 4  ? 15.261  16.934  -4.127  1.00 11.12 ? 4  ARG A H    1 
ATOM 63   H HA   . ARG A 1 4  ? 14.362  14.113  -4.394  1.00 11.00 ? 4  ARG A HA   1 
ATOM 64   H HB2  . ARG A 1 4  ? 14.093  15.319  -2.195  1.00 11.10 ? 4  ARG A HB2  1 
ATOM 65   H HB3  . ARG A 1 4  ? 12.969  16.415  -2.999  1.00 10.68 ? 4  ARG A HB3  1 
ATOM 66   H HG2  . ARG A 1 4  ? 11.586  14.749  -2.025  1.00 11.21 ? 4  ARG A HG2  1 
ATOM 67   H HG3  . ARG A 1 4  ? 11.695  14.301  -3.727  1.00 11.40 ? 4  ARG A HG3  1 
ATOM 68   H HD2  . ARG A 1 4  ? 12.048  12.313  -2.368  1.00 11.86 ? 4  ARG A HD2  1 
ATOM 69   H HD3  . ARG A 1 4  ? 13.568  12.747  -3.149  1.00 11.73 ? 4  ARG A HD3  1 
ATOM 70   H HE   . ARG A 1 4  ? 13.445  14.007  -0.585  1.00 11.95 ? 4  ARG A HE   1 
ATOM 71   H HH11 . ARG A 1 4  ? 13.816  10.854  -2.052  1.00 12.75 ? 4  ARG A HH11 1 
ATOM 72   H HH12 . ARG A 1 4  ? 14.732  10.233  -0.724  1.00 13.54 ? 4  ARG A HH12 1 
ATOM 73   H HH21 . ARG A 1 4  ? 14.633  13.162  1.112   1.00 13.04 ? 4  ARG A HH21 1 
ATOM 74   H HH22 . ARG A 1 4  ? 15.191  11.523  1.050   1.00 13.69 ? 4  ARG A HH22 1 
ATOM 75   N N    . LYS A 1 5  ? 13.337  14.894  -6.633  1.00 10.00 ? 5  LYS A N    1 
ATOM 76   C CA   . LYS A 1 5  ? 12.448  15.167  -7.800  1.00 9.70  ? 5  LYS A CA   1 
ATOM 77   C C    . LYS A 1 5  ? 11.345  14.110  -7.859  1.00 9.02  ? 5  LYS A C    1 
ATOM 78   O O    . LYS A 1 5  ? 11.476  13.033  -7.308  1.00 9.11  ? 5  LYS A O    1 
ATOM 79   C CB   . LYS A 1 5  ? 13.270  15.121  -9.089  1.00 10.19 ? 5  LYS A CB   1 
ATOM 80   C CG   . LYS A 1 5  ? 14.005  16.449  -9.276  1.00 10.68 ? 5  LYS A CG   1 
ATOM 81   C CD   . LYS A 1 5  ? 15.300  16.212  -10.054 1.00 11.20 ? 5  LYS A CD   1 
ATOM 82   C CE   . LYS A 1 5  ? 14.965  15.794  -11.487 1.00 11.91 ? 5  LYS A CE   1 
ATOM 83   N NZ   . LYS A 1 5  ? 16.201  15.313  -12.166 1.00 12.62 ? 5  LYS A NZ   1 
ATOM 84   H H    . LYS A 1 5  ? 14.086  14.269  -6.728  1.00 10.25 ? 5  LYS A H    1 
ATOM 85   H HA   . LYS A 1 5  ? 12.003  16.146  -7.692  1.00 9.86  ? 5  LYS A HA   1 
ATOM 86   H HB2  . LYS A 1 5  ? 13.988  14.316  -9.029  1.00 10.47 ? 5  LYS A HB2  1 
ATOM 87   H HB3  . LYS A 1 5  ? 12.612  14.955  -9.930  1.00 10.15 ? 5  LYS A HB3  1 
ATOM 88   H HG2  . LYS A 1 5  ? 13.375  17.135  -9.824  1.00 10.77 ? 5  LYS A HG2  1 
ATOM 89   H HG3  . LYS A 1 5  ? 14.240  16.869  -8.310  1.00 10.82 ? 5  LYS A HG3  1 
ATOM 90   H HD2  . LYS A 1 5  ? 15.882  17.122  -10.071 1.00 11.35 ? 5  LYS A HD2  1 
ATOM 91   H HD3  . LYS A 1 5  ? 15.869  15.429  -9.577  1.00 11.12 ? 5  LYS A HD3  1 
ATOM 92   H HE2  . LYS A 1 5  ? 14.233  15.000  -11.469 1.00 12.01 ? 5  LYS A HE2  1 
ATOM 93   H HE3  . LYS A 1 5  ? 14.565  16.641  -12.025 1.00 12.01 ? 5  LYS A HE3  1 
ATOM 94   H HZ1  . LYS A 1 5  ? 16.756  14.730  -11.507 1.00 12.74 ? 5  LYS A HZ1  1 
ATOM 95   H HZ2  . LYS A 1 5  ? 16.770  16.130  -12.470 1.00 12.87 ? 5  LYS A HZ2  1 
ATOM 96   H HZ3  . LYS A 1 5  ? 15.943  14.743  -12.996 1.00 12.92 ? 5  LYS A HZ3  1 
ATOM 97   N N    . ALA A 1 6  ? 10.259  14.410  -8.526  1.00 8.54  ? 6  ALA A N    1 
ATOM 98   C CA   . ALA A 1 6  ? 9.139   13.428  -8.627  1.00 8.01  ? 6  ALA A CA   1 
ATOM 99   C C    . ALA A 1 6  ? 9.624   12.174  -9.373  1.00 7.34  ? 6  ALA A C    1 
ATOM 100  O O    . ALA A 1 6  ? 10.711  12.172  -9.916  1.00 7.30  ? 6  ALA A O    1 
ATOM 101  C CB   . ALA A 1 6  ? 7.976   14.059  -9.395  1.00 7.91  ? 6  ALA A CB   1 
ATOM 102  H H    . ALA A 1 6  ? 10.180  15.285  -8.959  1.00 8.68  ? 6  ALA A H    1 
ATOM 103  H HA   . ALA A 1 6  ? 8.811   13.152  -7.636  1.00 8.44  ? 6  ALA A HA   1 
ATOM 104  H HB1  . ALA A 1 6  ? 7.052   13.584  -9.100  1.00 7.88  ? 6  ALA A HB1  1 
ATOM 105  H HB2  . ALA A 1 6  ? 8.128   13.925  -10.454 1.00 8.08  ? 6  ALA A HB2  1 
ATOM 106  H HB3  . ALA A 1 6  ? 7.926   15.114  -9.168  1.00 8.00  ? 6  ALA A HB3  1 
ATOM 107  N N    . PRO A 1 7  ? 8.808   11.137  -9.383  1.00 7.12  ? 7  PRO A N    1 
ATOM 108  C CA   . PRO A 1 7  ? 9.127   9.843   -10.063 1.00 6.74  ? 7  PRO A CA   1 
ATOM 109  C C    . PRO A 1 7  ? 8.717   9.896   -11.538 1.00 6.05  ? 7  PRO A C    1 
ATOM 110  O O    . PRO A 1 7  ? 7.575   10.162  -11.862 1.00 6.07  ? 7  PRO A O    1 
ATOM 111  C CB   . PRO A 1 7  ? 8.284   8.830   -9.300  1.00 7.22  ? 7  PRO A CB   1 
ATOM 112  C CG   . PRO A 1 7  ? 7.119   9.587   -8.681  1.00 7.63  ? 7  PRO A CG   1 
ATOM 113  C CD   . PRO A 1 7  ? 7.452   11.082  -8.729  1.00 7.58  ? 7  PRO A CD   1 
ATOM 114  H HA   . PRO A 1 7  ? 10.174  9.605   -9.964  1.00 6.98  ? 7  PRO A HA   1 
ATOM 115  H HB2  . PRO A 1 7  ? 7.914   8.074   -9.979  1.00 6.98  ? 7  PRO A HB2  1 
ATOM 116  H HB3  . PRO A 1 7  ? 8.874   8.372   -8.521  1.00 7.80  ? 7  PRO A HB3  1 
ATOM 117  H HG2  . PRO A 1 7  ? 6.217   9.393   -9.243  1.00 7.49  ? 7  PRO A HG2  1 
ATOM 118  H HG3  . PRO A 1 7  ? 6.986   9.280   -7.656  1.00 8.36  ? 7  PRO A HG3  1 
ATOM 119  H HD2  . PRO A 1 7  ? 6.719   11.612  -9.323  1.00 7.46  ? 7  PRO A HD2  1 
ATOM 120  H HD3  . PRO A 1 7  ? 7.504   11.491  -7.733  1.00 8.23  ? 7  PRO A HD3  1 
ATOM 121  N N    . GLN A 1 8  ? 9.642   9.643   -12.428 1.00 5.81  ? 8  GLN A N    1 
ATOM 122  C CA   . GLN A 1 8  ? 9.316   9.676   -13.884 1.00 5.50  ? 8  GLN A CA   1 
ATOM 123  C C    . GLN A 1 8  ? 8.291   8.586   -14.202 1.00 4.85  ? 8  GLN A C    1 
ATOM 124  O O    . GLN A 1 8  ? 7.205   8.865   -14.675 1.00 4.94  ? 8  GLN A O    1 
ATOM 125  C CB   . GLN A 1 8  ? 10.589  9.431   -14.697 1.00 5.94  ? 8  GLN A CB   1 
ATOM 126  C CG   . GLN A 1 8  ? 11.338  10.752  -14.884 1.00 6.47  ? 8  GLN A CG   1 
ATOM 127  C CD   . GLN A 1 8  ? 11.901  11.216  -13.539 1.00 7.02  ? 8  GLN A CD   1 
ATOM 128  O OE1  . GLN A 1 8  ? 12.801  10.601  -13.001 1.00 7.32  ? 8  GLN A OE1  1 
ATOM 129  N NE2  . GLN A 1 8  ? 11.406  12.280  -12.971 1.00 7.50  ? 8  GLN A NE2  1 
ATOM 130  H H    . GLN A 1 8  ? 10.553  9.431   -12.137 1.00 6.09  ? 8  GLN A H    1 
ATOM 131  H HA   . GLN A 1 8  ? 8.906   10.641  -14.140 1.00 5.82  ? 8  GLN A HA   1 
ATOM 132  H HB2  . GLN A 1 8  ? 11.221  8.729   -14.173 1.00 6.17  ? 8  GLN A HB2  1 
ATOM 133  H HB3  . GLN A 1 8  ? 10.327  9.028   -15.664 1.00 6.04  ? 8  GLN A HB3  1 
ATOM 134  H HG2  . GLN A 1 8  ? 12.148  10.610  -15.585 1.00 6.56  ? 8  GLN A HG2  1 
ATOM 135  H HG3  . GLN A 1 8  ? 10.659  11.500  -15.264 1.00 6.74  ? 8  GLN A HG3  1 
ATOM 136  H HE21 . GLN A 1 8  ? 10.681  12.775  -13.405 1.00 7.49  ? 8  GLN A HE21 1 
ATOM 137  H HE22 . GLN A 1 8  ? 11.760  12.584  -12.109 1.00 8.04  ? 8  GLN A HE22 1 
ATOM 138  N N    . GLU A 1 9  ? 8.630   7.348   -13.945 1.00 4.52  ? 9  GLU A N    1 
ATOM 139  C CA   . GLU A 1 9  ? 7.682   6.232   -14.229 1.00 4.06  ? 9  GLU A CA   1 
ATOM 140  C C    . GLU A 1 9  ? 6.942   5.852   -12.944 1.00 3.52  ? 9  GLU A C    1 
ATOM 141  O O    . GLU A 1 9  ? 7.409   5.040   -12.167 1.00 4.02  ? 9  GLU A O    1 
ATOM 142  C CB   . GLU A 1 9  ? 8.460   5.021   -14.746 1.00 4.67  ? 9  GLU A CB   1 
ATOM 143  C CG   . GLU A 1 9  ? 9.176   5.390   -16.046 1.00 5.48  ? 9  GLU A CG   1 
ATOM 144  C CD   . GLU A 1 9  ? 8.251   5.120   -17.234 1.00 6.03  ? 9  GLU A CD   1 
ATOM 145  O OE1  . GLU A 1 9  ? 7.483   6.003   -17.575 1.00 6.48  ? 9  GLU A OE1  1 
ATOM 146  O OE2  . GLU A 1 9  ? 8.328   4.033   -17.783 1.00 6.31  ? 9  GLU A OE2  1 
ATOM 147  H H    . GLU A 1 9  ? 9.511   7.154   -13.564 1.00 4.81  ? 9  GLU A H    1 
ATOM 148  H HA   . GLU A 1 9  ? 6.967   6.547   -14.975 1.00 4.13  ? 9  GLU A HA   1 
ATOM 149  H HB2  . GLU A 1 9  ? 9.187   4.717   -14.006 1.00 5.00  ? 9  GLU A HB2  1 
ATOM 150  H HB3  . GLU A 1 9  ? 7.776   4.206   -14.934 1.00 4.65  ? 9  GLU A HB3  1 
ATOM 151  H HG2  . GLU A 1 9  ? 9.440   6.439   -16.025 1.00 5.65  ? 9  GLU A HG2  1 
ATOM 152  H HG3  . GLU A 1 9  ? 10.072  4.796   -16.146 1.00 5.88  ? 9  GLU A HG3  1 
ATOM 153  N N    . THR A 1 10 ? 5.792   6.434   -12.717 1.00 2.99  ? 10 THR A N    1 
ATOM 154  C CA   . THR A 1 10 ? 5.014   6.115   -11.484 1.00 2.94  ? 10 THR A CA   1 
ATOM 155  C C    . THR A 1 10 ? 4.604   4.641   -11.509 1.00 2.24  ? 10 THR A C    1 
ATOM 156  O O    . THR A 1 10 ? 3.664   4.260   -12.182 1.00 2.54  ? 10 THR A O    1 
ATOM 157  C CB   . THR A 1 10 ? 3.761   6.991   -11.431 1.00 3.64  ? 10 THR A CB   1 
ATOM 158  O OG1  . THR A 1 10 ? 3.296   7.232   -12.753 1.00 3.77  ? 10 THR A OG1  1 
ATOM 159  C CG2  . THR A 1 10 ? 4.095   8.321   -10.755 1.00 4.31  ? 10 THR A CG2  1 
ATOM 160  H H    . THR A 1 10 ? 5.440   7.084   -13.361 1.00 3.07  ? 10 THR A H    1 
ATOM 161  H HA   . THR A 1 10 ? 5.624   6.305   -10.615 1.00 3.46  ? 10 THR A HA   1 
ATOM 162  H HB   . THR A 1 10 ? 2.991   6.488   -10.865 1.00 4.17  ? 10 THR A HB   1 
ATOM 163  H HG1  . THR A 1 10 ? 3.210   6.385   -13.196 1.00 4.06  ? 10 THR A HG1  1 
ATOM 164  H HG21 . THR A 1 10 ? 4.710   8.140   -9.887  1.00 4.71  ? 10 THR A HG21 1 
ATOM 165  H HG22 . THR A 1 10 ? 3.181   8.811   -10.452 1.00 4.54  ? 10 THR A HG22 1 
ATOM 166  H HG23 . THR A 1 10 ? 4.628   8.954   -11.449 1.00 4.60  ? 10 THR A HG23 1 
ATOM 167  N N    . LEU A 1 11 ? 5.304   3.811   -10.777 1.00 1.65  ? 11 LEU A N    1 
ATOM 168  C CA   . LEU A 1 11 ? 4.964   2.358   -10.749 1.00 1.20  ? 11 LEU A CA   1 
ATOM 169  C C    . LEU A 1 11 ? 3.949   2.092   -9.635  1.00 1.16  ? 11 LEU A C    1 
ATOM 170  O O    . LEU A 1 11 ? 2.785   1.845   -9.890  1.00 1.94  ? 11 LEU A O    1 
ATOM 171  C CB   . LEU A 1 11 ? 6.231   1.541   -10.489 1.00 1.26  ? 11 LEU A CB   1 
ATOM 172  C CG   . LEU A 1 11 ? 7.162   1.637   -11.698 1.00 1.25  ? 11 LEU A CG   1 
ATOM 173  C CD1  . LEU A 1 11 ? 8.485   0.936   -11.380 1.00 1.37  ? 11 LEU A CD1  1 
ATOM 174  C CD2  . LEU A 1 11 ? 6.506   0.960   -12.904 1.00 1.99  ? 11 LEU A CD2  1 
ATOM 175  H H    . LEU A 1 11 ? 6.055   4.145   -10.245 1.00 1.86  ? 11 LEU A H    1 
ATOM 176  H HA   . LEU A 1 11 ? 4.538   2.069   -11.699 1.00 1.58  ? 11 LEU A HA   1 
ATOM 177  H HB2  . LEU A 1 11 ? 6.735   1.929   -9.614  1.00 1.74  ? 11 LEU A HB2  1 
ATOM 178  H HB3  . LEU A 1 11 ? 5.966   0.508   -10.322 1.00 1.74  ? 11 LEU A HB3  1 
ATOM 179  H HG   . LEU A 1 11 ? 7.352   2.676   -11.925 1.00 1.77  ? 11 LEU A HG   1 
ATOM 180  H HD11 . LEU A 1 11 ? 9.272   1.360   -11.986 1.00 1.77  ? 11 LEU A HD11 1 
ATOM 181  H HD12 . LEU A 1 11 ? 8.394   -0.118  -11.595 1.00 1.74  ? 11 LEU A HD12 1 
ATOM 182  H HD13 . LEU A 1 11 ? 8.722   1.073   -10.335 1.00 1.96  ? 11 LEU A HD13 1 
ATOM 183  H HD21 . LEU A 1 11 ? 5.977   1.699   -13.488 1.00 2.38  ? 11 LEU A HD21 1 
ATOM 184  H HD22 . LEU A 1 11 ? 5.811   0.208   -12.560 1.00 2.44  ? 11 LEU A HD22 1 
ATOM 185  H HD23 . LEU A 1 11 ? 7.265   0.495   -13.515 1.00 2.53  ? 11 LEU A HD23 1 
ATOM 186  N N    . ASN A 1 12 ? 4.386   2.141   -8.403  1.00 0.77  ? 12 ASN A N    1 
ATOM 187  C CA   . ASN A 1 12 ? 3.456   1.891   -7.262  1.00 0.72  ? 12 ASN A CA   1 
ATOM 188  C C    . ASN A 1 12 ? 3.116   3.223   -6.585  1.00 0.61  ? 12 ASN A C    1 
ATOM 189  O O    . ASN A 1 12 ? 3.113   3.334   -5.373  1.00 0.65  ? 12 ASN A O    1 
ATOM 190  C CB   . ASN A 1 12 ? 4.129   0.957   -6.250  1.00 0.93  ? 12 ASN A CB   1 
ATOM 191  C CG   . ASN A 1 12 ? 4.635   -0.299  -6.963  1.00 0.94  ? 12 ASN A CG   1 
ATOM 192  O OD1  . ASN A 1 12 ? 5.362   -0.211  -7.933  1.00 1.99  ? 12 ASN A OD1  1 
ATOM 193  N ND2  . ASN A 1 12 ? 4.282   -1.474  -6.519  1.00 0.86  ? 12 ASN A ND2  1 
ATOM 194  H H    . ASN A 1 12 ? 5.328   2.341   -8.227  1.00 1.16  ? 12 ASN A H    1 
ATOM 195  H HA   . ASN A 1 12 ? 2.550   1.432   -7.629  1.00 0.88  ? 12 ASN A HA   1 
ATOM 196  H HB2  . ASN A 1 12 ? 4.961   1.469   -5.786  1.00 1.45  ? 12 ASN A HB2  1 
ATOM 197  H HB3  . ASN A 1 12 ? 3.414   0.674   -5.493  1.00 1.41  ? 12 ASN A HB3  1 
ATOM 198  H HD21 . ASN A 1 12 ? 3.698   -1.547  -5.736  1.00 1.26  ? 12 ASN A HD21 1 
ATOM 199  H HD22 . ASN A 1 12 ? 4.602   -2.284  -6.969  1.00 1.30  ? 12 ASN A HD22 1 
ATOM 200  N N    . GLY A 1 13 ? 2.832   4.235   -7.366  1.00 0.63  ? 13 GLY A N    1 
ATOM 201  C CA   . GLY A 1 13 ? 2.493   5.567   -6.784  1.00 0.64  ? 13 GLY A CA   1 
ATOM 202  C C    . GLY A 1 13 ? 0.980   5.682   -6.543  1.00 0.55  ? 13 GLY A C    1 
ATOM 203  O O    . GLY A 1 13 ? 0.529   6.588   -5.866  1.00 0.59  ? 13 GLY A O    1 
ATOM 204  H H    . GLY A 1 13 ? 2.844   4.117   -8.339  1.00 0.73  ? 13 GLY A H    1 
ATOM 205  H HA2  . GLY A 1 13 ? 3.014   5.689   -5.845  1.00 0.68  ? 13 GLY A HA2  1 
ATOM 206  H HA3  . GLY A 1 13 ? 2.802   6.343   -7.467  1.00 0.74  ? 13 GLY A HA3  1 
ATOM 207  N N    . GLY A 1 14 ? 0.193   4.779   -7.082  1.00 0.50  ? 14 GLY A N    1 
ATOM 208  C CA   . GLY A 1 14 ? -1.282  4.850   -6.872  1.00 0.51  ? 14 GLY A CA   1 
ATOM 209  C C    . GLY A 1 14 ? -1.644  4.037   -5.633  1.00 0.43  ? 14 GLY A C    1 
ATOM 210  O O    . GLY A 1 14 ? -2.531  4.390   -4.878  1.00 0.47  ? 14 GLY A O    1 
ATOM 211  H H    . GLY A 1 14 ? 0.570   4.050   -7.617  1.00 0.51  ? 14 GLY A H    1 
ATOM 212  H HA2  . GLY A 1 14 ? -1.580  5.879   -6.731  1.00 0.58  ? 14 GLY A HA2  1 
ATOM 213  H HA3  . GLY A 1 14 ? -1.791  4.438   -7.730  1.00 0.57  ? 14 GLY A HA3  1 
ATOM 214  N N    . ILE A 1 15 ? -0.952  2.949   -5.422  1.00 0.38  ? 15 ILE A N    1 
ATOM 215  C CA   . ILE A 1 15 ? -1.230  2.093   -4.239  1.00 0.36  ? 15 ILE A CA   1 
ATOM 216  C C    . ILE A 1 15 ? -0.802  2.828   -2.975  1.00 0.32  ? 15 ILE A C    1 
ATOM 217  O O    . ILE A 1 15 ? -1.588  3.060   -2.077  1.00 0.31  ? 15 ILE A O    1 
ATOM 218  C CB   . ILE A 1 15 ? -0.419  0.801   -4.336  1.00 0.38  ? 15 ILE A CB   1 
ATOM 219  C CG1  . ILE A 1 15 ? -0.627  0.138   -5.704  1.00 0.44  ? 15 ILE A CG1  1 
ATOM 220  C CG2  . ILE A 1 15 ? -0.858  -0.159  -3.231  1.00 0.44  ? 15 ILE A CG2  1 
ATOM 221  C CD1  . ILE A 1 15 ? 0.708   -0.423  -6.190  1.00 0.50  ? 15 ILE A CD1  1 
ATOM 222  H H    . ILE A 1 15 ? -0.243  2.695   -6.049  1.00 0.39  ? 15 ILE A H    1 
ATOM 223  H HA   . ILE A 1 15 ? -2.283  1.860   -4.191  1.00 0.40  ? 15 ILE A HA   1 
ATOM 224  H HB   . ILE A 1 15 ? 0.628   1.035   -4.204  1.00 0.38  ? 15 ILE A HB   1 
ATOM 225  H HG12 . ILE A 1 15 ? -1.346  -0.664  -5.613  1.00 0.50  ? 15 ILE A HG12 1 
ATOM 226  H HG13 . ILE A 1 15 ? -0.988  0.866   -6.413  1.00 0.56  ? 15 ILE A HG13 1 
ATOM 227  H HG21 . ILE A 1 15 ? -0.854  -1.170  -3.608  1.00 1.12  ? 15 ILE A HG21 1 
ATOM 228  H HG22 . ILE A 1 15 ? -1.853  0.100   -2.902  1.00 1.04  ? 15 ILE A HG22 1 
ATOM 229  H HG23 . ILE A 1 15 ? -0.172  -0.081  -2.401  1.00 1.17  ? 15 ILE A HG23 1 
ATOM 230  H HD11 . ILE A 1 15 ? 1.110   -1.090  -5.439  1.00 1.06  ? 15 ILE A HD11 1 
ATOM 231  H HD12 . ILE A 1 15 ? 1.400   0.389   -6.355  1.00 1.16  ? 15 ILE A HD12 1 
ATOM 232  H HD13 . ILE A 1 15 ? 0.558   -0.964  -7.110  1.00 1.14  ? 15 ILE A HD13 1 
ATOM 233  N N    . THR A 1 16 ? 0.457   3.183   -2.898  1.00 0.33  ? 16 THR A N    1 
ATOM 234  C CA   . THR A 1 16 ? 0.979   3.890   -1.692  1.00 0.33  ? 16 THR A CA   1 
ATOM 235  C C    . THR A 1 16 ? 0.121   5.124   -1.378  1.00 0.31  ? 16 THR A C    1 
ATOM 236  O O    . THR A 1 16 ? -0.023  5.515   -0.237  1.00 0.32  ? 16 THR A O    1 
ATOM 237  C CB   . THR A 1 16 ? 2.425   4.328   -1.946  1.00 0.40  ? 16 THR A CB   1 
ATOM 238  O OG1  . THR A 1 16 ? 2.895   5.070   -0.830  1.00 0.67  ? 16 THR A OG1  1 
ATOM 239  C CG2  . THR A 1 16 ? 2.490   5.197   -3.203  1.00 0.65  ? 16 THR A CG2  1 
ATOM 240  H H    . THR A 1 16 ? 1.066   2.970   -3.635  1.00 0.36  ? 16 THR A H    1 
ATOM 241  H HA   . THR A 1 16 ? 0.955   3.212   -0.855  1.00 0.34  ? 16 THR A HA   1 
ATOM 242  H HB   . THR A 1 16 ? 3.046   3.455   -2.085  1.00 0.54  ? 16 THR A HB   1 
ATOM 243  H HG1  . THR A 1 16 ? 2.922   4.482   -0.071  1.00 0.99  ? 16 THR A HG1  1 
ATOM 244  H HG21 . THR A 1 16 ? 1.968   4.705   -4.010  1.00 1.20  ? 16 THR A HG21 1 
ATOM 245  H HG22 . THR A 1 16 ? 3.522   5.351   -3.483  1.00 1.19  ? 16 THR A HG22 1 
ATOM 246  H HG23 . THR A 1 16 ? 2.026   6.152   -3.005  1.00 1.21  ? 16 THR A HG23 1 
ATOM 247  N N    . ASP A 1 17 ? -0.447  5.735   -2.386  1.00 0.33  ? 17 ASP A N    1 
ATOM 248  C CA   . ASP A 1 17 ? -1.292  6.942   -2.156  1.00 0.34  ? 17 ASP A CA   1 
ATOM 249  C C    . ASP A 1 17 ? -2.547  6.553   -1.368  1.00 0.31  ? 17 ASP A C    1 
ATOM 250  O O    . ASP A 1 17 ? -3.086  7.346   -0.618  1.00 0.32  ? 17 ASP A O    1 
ATOM 251  C CB   . ASP A 1 17 ? -1.704  7.540   -3.503  1.00 0.39  ? 17 ASP A CB   1 
ATOM 252  C CG   . ASP A 1 17 ? -1.881  9.052   -3.358  1.00 0.89  ? 17 ASP A CG   1 
ATOM 253  O OD1  . ASP A 1 17 ? -1.069  9.663   -2.683  1.00 1.47  ? 17 ASP A OD1  1 
ATOM 254  O OD2  . ASP A 1 17 ? -2.828  9.575   -3.925  1.00 1.67  ? 17 ASP A OD2  1 
ATOM 255  H H    . ASP A 1 17 ? -0.314  5.399   -3.297  1.00 0.36  ? 17 ASP A H    1 
ATOM 256  H HA   . ASP A 1 17 ? -0.729  7.674   -1.596  1.00 0.36  ? 17 ASP A HA   1 
ATOM 257  H HB2  . ASP A 1 17 ? -0.937  7.335   -4.237  1.00 0.57  ? 17 ASP A HB2  1 
ATOM 258  H HB3  . ASP A 1 17 ? -2.636  7.099   -3.823  1.00 0.76  ? 17 ASP A HB3  1 
ATOM 259  N N    . MET A 1 18 ? -3.013  5.340   -1.532  1.00 0.31  ? 18 MET A N    1 
ATOM 260  C CA   . MET A 1 18 ? -4.233  4.897   -0.797  1.00 0.32  ? 18 MET A CA   1 
ATOM 261  C C    . MET A 1 18 ? -3.838  4.268   0.542   1.00 0.28  ? 18 MET A C    1 
ATOM 262  O O    . MET A 1 18 ? -4.630  4.220   1.468   1.00 0.30  ? 18 MET A O    1 
ATOM 263  C CB   . MET A 1 18 ? -4.987  3.865   -1.639  1.00 0.37  ? 18 MET A CB   1 
ATOM 264  C CG   . MET A 1 18 ? -5.888  4.585   -2.643  1.00 0.81  ? 18 MET A CG   1 
ATOM 265  S SD   . MET A 1 18 ? -7.494  4.922   -1.879  1.00 1.36  ? 18 MET A SD   1 
ATOM 266  C CE   . MET A 1 18 ? -8.433  5.140   -3.411  1.00 1.91  ? 18 MET A CE   1 
ATOM 267  H H    . MET A 1 18 ? -2.560  4.720   -2.140  1.00 0.34  ? 18 MET A H    1 
ATOM 268  H HA   . MET A 1 18 ? -4.873  5.749   -0.618  1.00 0.34  ? 18 MET A HA   1 
ATOM 269  H HB2  . MET A 1 18 ? -4.277  3.247   -2.169  1.00 0.76  ? 18 MET A HB2  1 
ATOM 270  H HB3  . MET A 1 18 ? -5.592  3.247   -0.994  1.00 0.77  ? 18 MET A HB3  1 
ATOM 271  H HG2  . MET A 1 18 ? -5.427  5.517   -2.937  1.00 1.45  ? 18 MET A HG2  1 
ATOM 272  H HG3  . MET A 1 18 ? -6.026  3.963   -3.514  1.00 1.55  ? 18 MET A HG3  1 
ATOM 273  H HE1  . MET A 1 18 ? -8.892  4.201   -3.688  1.00 2.53  ? 18 MET A HE1  1 
ATOM 274  H HE2  . MET A 1 18 ? -7.769  5.459   -4.199  1.00 2.32  ? 18 MET A HE2  1 
ATOM 275  H HE3  . MET A 1 18 ? -9.196  5.890   -3.261  1.00 2.24  ? 18 MET A HE3  1 
ATOM 276  N N    . LEU A 1 19 ? -2.621  3.793   0.658   1.00 0.27  ? 19 LEU A N    1 
ATOM 277  C CA   . LEU A 1 19 ? -2.178  3.170   1.937   1.00 0.28  ? 19 LEU A CA   1 
ATOM 278  C C    . LEU A 1 19 ? -1.610  4.256   2.842   1.00 0.24  ? 19 LEU A C    1 
ATOM 279  O O    . LEU A 1 19 ? -1.739  4.202   4.050   1.00 0.28  ? 19 LEU A O    1 
ATOM 280  C CB   . LEU A 1 19 ? -1.102  2.121   1.650   1.00 0.34  ? 19 LEU A CB   1 
ATOM 281  C CG   . LEU A 1 19 ? -1.751  0.873   1.033   1.00 0.35  ? 19 LEU A CG   1 
ATOM 282  C CD1  . LEU A 1 19 ? -1.467  0.830   -0.470  1.00 0.58  ? 19 LEU A CD1  1 
ATOM 283  C CD2  . LEU A 1 19 ? -1.177  -0.386  1.694   1.00 0.34  ? 19 LEU A CD2  1 
ATOM 284  H H    . LEU A 1 19 ? -1.996  3.851   -0.092  1.00 0.29  ? 19 LEU A H    1 
ATOM 285  H HA   . LEU A 1 19 ? -3.022  2.700   2.419   1.00 0.31  ? 19 LEU A HA   1 
ATOM 286  H HB2  . LEU A 1 19 ? -0.375  2.531   0.964   1.00 0.35  ? 19 LEU A HB2  1 
ATOM 287  H HB3  . LEU A 1 19 ? -0.611  1.852   2.574   1.00 0.39  ? 19 LEU A HB3  1 
ATOM 288  H HG   . LEU A 1 19 ? -2.820  0.908   1.189   1.00 0.47  ? 19 LEU A HG   1 
ATOM 289  H HD11 . LEU A 1 19 ? -1.309  -0.192  -0.777  1.00 1.03  ? 19 LEU A HD11 1 
ATOM 290  H HD12 . LEU A 1 19 ? -0.585  1.414   -0.688  1.00 1.17  ? 19 LEU A HD12 1 
ATOM 291  H HD13 . LEU A 1 19 ? -2.312  1.239   -1.006  1.00 1.09  ? 19 LEU A HD13 1 
ATOM 292  H HD21 . LEU A 1 19 ? -0.316  -0.724  1.135   1.00 1.04  ? 19 LEU A HD21 1 
ATOM 293  H HD22 . LEU A 1 19 ? -1.928  -1.161  1.704   1.00 1.07  ? 19 LEU A HD22 1 
ATOM 294  H HD23 . LEU A 1 19 ? -0.881  -0.156  2.707   1.00 1.10  ? 19 LEU A HD23 1 
ATOM 295  N N    . VAL A 1 20 ? -0.988  5.244   2.258   1.00 0.21  ? 20 VAL A N    1 
ATOM 296  C CA   . VAL A 1 20 ? -0.409  6.353   3.059   1.00 0.21  ? 20 VAL A CA   1 
ATOM 297  C C    . VAL A 1 20 ? -1.532  7.307   3.477   1.00 0.21  ? 20 VAL A C    1 
ATOM 298  O O    . VAL A 1 20 ? -1.484  7.912   4.532   1.00 0.23  ? 20 VAL A O    1 
ATOM 299  C CB   . VAL A 1 20 ? 0.623   7.095   2.205   1.00 0.26  ? 20 VAL A CB   1 
ATOM 300  C CG1  . VAL A 1 20 ? 1.246   8.231   3.010   1.00 0.29  ? 20 VAL A CG1  1 
ATOM 301  C CG2  . VAL A 1 20 ? 1.723   6.120   1.780   1.00 0.28  ? 20 VAL A CG2  1 
ATOM 302  H H    . VAL A 1 20 ? -0.907  5.258   1.281   1.00 0.22  ? 20 VAL A H    1 
ATOM 303  H HA   . VAL A 1 20 ? 0.071   5.952   3.940   1.00 0.21  ? 20 VAL A HA   1 
ATOM 304  H HB   . VAL A 1 20 ? 0.140   7.499   1.327   1.00 0.27  ? 20 VAL A HB   1 
ATOM 305  H HG11 . VAL A 1 20 ? 0.578   9.080   3.007   1.00 1.06  ? 20 VAL A HG11 1 
ATOM 306  H HG12 . VAL A 1 20 ? 2.189   8.511   2.567   1.00 1.08  ? 20 VAL A HG12 1 
ATOM 307  H HG13 . VAL A 1 20 ? 1.407   7.903   4.026   1.00 1.04  ? 20 VAL A HG13 1 
ATOM 308  H HG21 . VAL A 1 20 ? 1.285   5.160   1.553   1.00 1.04  ? 20 VAL A HG21 1 
ATOM 309  H HG22 . VAL A 1 20 ? 2.436   6.009   2.584   1.00 1.09  ? 20 VAL A HG22 1 
ATOM 310  H HG23 . VAL A 1 20 ? 2.226   6.503   0.903   1.00 1.04  ? 20 VAL A HG23 1 
ATOM 311  N N    . GLU A 1 21 ? -2.543  7.442   2.656   1.00 0.22  ? 21 GLU A N    1 
ATOM 312  C CA   . GLU A 1 21 ? -3.676  8.352   2.997   1.00 0.24  ? 21 GLU A CA   1 
ATOM 313  C C    . GLU A 1 21 ? -4.467  7.765   4.168   1.00 0.22  ? 21 GLU A C    1 
ATOM 314  O O    . GLU A 1 21 ? -4.566  8.366   5.224   1.00 0.22  ? 21 GLU A O    1 
ATOM 315  C CB   . GLU A 1 21 ? -4.596  8.500   1.782   1.00 0.29  ? 21 GLU A CB   1 
ATOM 316  C CG   . GLU A 1 21 ? -5.629  9.595   2.055   1.00 0.80  ? 21 GLU A CG   1 
ATOM 317  C CD   . GLU A 1 21 ? -6.639  9.641   0.907   1.00 1.46  ? 21 GLU A CD   1 
ATOM 318  O OE1  . GLU A 1 21 ? -6.208  9.703   -0.233  1.00 2.15  ? 21 GLU A OE1  1 
ATOM 319  O OE2  . GLU A 1 21 ? -7.826  9.612   1.188   1.00 2.11  ? 21 GLU A OE2  1 
ATOM 320  H H    . GLU A 1 21 ? -2.557  6.941   1.812   1.00 0.22  ? 21 GLU A H    1 
ATOM 321  H HA   . GLU A 1 21 ? -3.288  9.321   3.276   1.00 0.27  ? 21 GLU A HA   1 
ATOM 322  H HB2  . GLU A 1 21 ? -4.007  8.767   0.917   1.00 0.56  ? 21 GLU A HB2  1 
ATOM 323  H HB3  . GLU A 1 21 ? -5.103  7.566   1.599   1.00 0.62  ? 21 GLU A HB3  1 
ATOM 324  H HG2  . GLU A 1 21 ? -6.143  9.381   2.981   1.00 1.40  ? 21 GLU A HG2  1 
ATOM 325  H HG3  . GLU A 1 21 ? -5.130  10.549  2.131   1.00 1.36  ? 21 GLU A HG3  1 
ATOM 326  N N    . LEU A 1 22 ? -5.031  6.592   3.992   1.00 0.23  ? 22 LEU A N    1 
ATOM 327  C CA   . LEU A 1 22 ? -5.813  5.972   5.101   1.00 0.23  ? 22 LEU A CA   1 
ATOM 328  C C    . LEU A 1 22 ? -4.886  5.730   6.299   1.00 0.20  ? 22 LEU A C    1 
ATOM 329  O O    . LEU A 1 22 ? -5.301  5.802   7.439   1.00 0.22  ? 22 LEU A O    1 
ATOM 330  C CB   . LEU A 1 22 ? -6.446  4.650   4.625   1.00 0.27  ? 22 LEU A CB   1 
ATOM 331  C CG   . LEU A 1 22 ? -5.366  3.591   4.364   1.00 0.31  ? 22 LEU A CG   1 
ATOM 332  C CD1  . LEU A 1 22 ? -5.061  2.834   5.664   1.00 0.73  ? 22 LEU A CD1  1 
ATOM 333  C CD2  . LEU A 1 22 ? -5.866  2.604   3.306   1.00 0.60  ? 22 LEU A CD2  1 
ATOM 334  H H    . LEU A 1 22 ? -4.936  6.122   3.135   1.00 0.26  ? 22 LEU A H    1 
ATOM 335  H HA   . LEU A 1 22 ? -6.598  6.654   5.399   1.00 0.25  ? 22 LEU A HA   1 
ATOM 336  H HB2  . LEU A 1 22 ? -7.123  4.287   5.383   1.00 0.30  ? 22 LEU A HB2  1 
ATOM 337  H HB3  . LEU A 1 22 ? -6.996  4.828   3.713   1.00 0.31  ? 22 LEU A HB3  1 
ATOM 338  H HG   . LEU A 1 22 ? -4.466  4.075   4.011   1.00 0.73  ? 22 LEU A HG   1 
ATOM 339  H HD11 . LEU A 1 22 ? -5.431  1.823   5.592   1.00 1.12  ? 22 LEU A HD11 1 
ATOM 340  H HD12 . LEU A 1 22 ? -5.539  3.330   6.496   1.00 1.33  ? 22 LEU A HD12 1 
ATOM 341  H HD13 . LEU A 1 22 ? -3.993  2.815   5.826   1.00 1.50  ? 22 LEU A HD13 1 
ATOM 342  H HD21 . LEU A 1 22 ? -6.469  3.128   2.581   1.00 1.06  ? 22 LEU A HD21 1 
ATOM 343  H HD22 . LEU A 1 22 ? -6.461  1.838   3.783   1.00 1.23  ? 22 LEU A HD22 1 
ATOM 344  H HD23 . LEU A 1 22 ? -5.022  2.147   2.812   1.00 1.37  ? 22 LEU A HD23 1 
ATOM 345  N N    . ALA A 1 23 ? -3.626  5.449   6.041   1.00 0.19  ? 23 ALA A N    1 
ATOM 346  C CA   . ALA A 1 23 ? -2.650  5.204   7.154   1.00 0.18  ? 23 ALA A CA   1 
ATOM 347  C C    . ALA A 1 23 ? -2.703  6.369   8.146   1.00 0.19  ? 23 ALA A C    1 
ATOM 348  O O    . ALA A 1 23 ? -2.731  6.174   9.346   1.00 0.21  ? 23 ALA A O    1 
ATOM 349  C CB   . ALA A 1 23 ? -1.236  5.093   6.582   1.00 0.20  ? 23 ALA A CB   1 
ATOM 350  H H    . ALA A 1 23 ? -3.321  5.404   5.111   1.00 0.20  ? 23 ALA A H    1 
ATOM 351  H HA   . ALA A 1 23 ? -2.907  4.284   7.662   1.00 0.19  ? 23 ALA A HA   1 
ATOM 352  H HB1  . ALA A 1 23 ? -0.521  5.415   7.324   1.00 1.03  ? 23 ALA A HB1  1 
ATOM 353  H HB2  . ALA A 1 23 ? -1.152  5.718   5.706   1.00 1.03  ? 23 ALA A HB2  1 
ATOM 354  H HB3  . ALA A 1 23 ? -1.037  4.066   6.312   1.00 1.02  ? 23 ALA A HB3  1 
ATOM 355  N N    . ASN A 1 24 ? -2.743  7.579   7.643   1.00 0.21  ? 24 ASN A N    1 
ATOM 356  C CA   . ASN A 1 24 ? -2.824  8.765   8.544   1.00 0.24  ? 24 ASN A CA   1 
ATOM 357  C C    . ASN A 1 24 ? -4.142  8.682   9.317   1.00 0.24  ? 24 ASN A C    1 
ATOM 358  O O    . ASN A 1 24 ? -4.217  9.017   10.482  1.00 0.27  ? 24 ASN A O    1 
ATOM 359  C CB   . ASN A 1 24 ? -2.791  10.049  7.705   1.00 0.29  ? 24 ASN A CB   1 
ATOM 360  C CG   . ASN A 1 24 ? -1.400  10.681  7.788   1.00 0.92  ? 24 ASN A CG   1 
ATOM 361  O OD1  . ASN A 1 24 ? -0.956  11.064  8.853   1.00 1.57  ? 24 ASN A OD1  1 
ATOM 362  N ND2  . ASN A 1 24 ? -0.690  10.810  6.701   1.00 1.66  ? 24 ASN A ND2  1 
ATOM 363  H H    . ASN A 1 24 ? -2.738  7.705   6.672   1.00 0.24  ? 24 ASN A H    1 
ATOM 364  H HA   . ASN A 1 24 ? -1.996  8.755   9.237   1.00 0.26  ? 24 ASN A HA   1 
ATOM 365  H HB2  . ASN A 1 24 ? -3.016  9.808   6.676   1.00 0.69  ? 24 ASN A HB2  1 
ATOM 366  H HB3  . ASN A 1 24 ? -3.524  10.746  8.080   1.00 0.75  ? 24 ASN A HB3  1 
ATOM 367  H HD21 . ASN A 1 24 ? -1.047  10.501  5.843   1.00 2.06  ? 24 ASN A HD21 1 
ATOM 368  H HD22 . ASN A 1 24 ? 0.202   11.214  6.743   1.00 2.14  ? 24 ASN A HD22 1 
ATOM 369  N N    . PHE A 1 25 ? -5.174  8.211   8.665   1.00 0.24  ? 25 PHE A N    1 
ATOM 370  C CA   . PHE A 1 25 ? -6.498  8.068   9.338   1.00 0.27  ? 25 PHE A CA   1 
ATOM 371  C C    . PHE A 1 25 ? -6.392  7.048   10.476  1.00 0.26  ? 25 PHE A C    1 
ATOM 372  O O    . PHE A 1 25 ? -7.185  7.059   11.398  1.00 0.30  ? 25 PHE A O    1 
ATOM 373  C CB   . PHE A 1 25 ? -7.528  7.583   8.317   1.00 0.31  ? 25 PHE A CB   1 
ATOM 374  C CG   . PHE A 1 25 ? -8.914  7.687   8.905   1.00 0.35  ? 25 PHE A CG   1 
ATOM 375  C CD1  . PHE A 1 25 ? -9.476  8.945   9.152   1.00 1.25  ? 25 PHE A CD1  1 
ATOM 376  C CD2  . PHE A 1 25 ? -9.636  6.526   9.204   1.00 1.24  ? 25 PHE A CD2  1 
ATOM 377  C CE1  . PHE A 1 25 ? -10.762 9.041   9.697   1.00 1.27  ? 25 PHE A CE1  1 
ATOM 378  C CE2  . PHE A 1 25 ? -10.922 6.623   9.749   1.00 1.26  ? 25 PHE A CE2  1 
ATOM 379  C CZ   . PHE A 1 25 ? -11.485 7.880   9.996   1.00 0.47  ? 25 PHE A CZ   1 
ATOM 380  H H    . PHE A 1 25 ? -5.072  7.936   7.726   1.00 0.25  ? 25 PHE A H    1 
ATOM 381  H HA   . PHE A 1 25 ? -6.808  9.020   9.741   1.00 0.30  ? 25 PHE A HA   1 
ATOM 382  H HB2  . PHE A 1 25 ? -7.466  8.192   7.428   1.00 0.34  ? 25 PHE A HB2  1 
ATOM 383  H HB3  . PHE A 1 25 ? -7.323  6.554   8.061   1.00 0.30  ? 25 PHE A HB3  1 
ATOM 384  H HD1  . PHE A 1 25 ? -8.918  9.839   8.920   1.00 2.14  ? 25 PHE A HD1  1 
ATOM 385  H HD2  . PHE A 1 25 ? -9.202  5.555   9.013   1.00 2.13  ? 25 PHE A HD2  1 
ATOM 386  H HE1  . PHE A 1 25 ? -11.196 10.012  9.887   1.00 2.15  ? 25 PHE A HE1  1 
ATOM 387  H HE2  . PHE A 1 25 ? -11.479 5.726   9.980   1.00 2.15  ? 25 PHE A HE2  1 
ATOM 388  H HZ   . PHE A 1 25 ? -12.477 7.956   10.417  1.00 0.53  ? 25 PHE A HZ   1 
ATOM 389  N N    . GLU A 1 26 ? -5.422  6.167   10.420  1.00 0.24  ? 26 GLU A N    1 
ATOM 390  C CA   . GLU A 1 26 ? -5.273  5.148   11.505  1.00 0.26  ? 26 GLU A CA   1 
ATOM 391  C C    . GLU A 1 26 ? -4.631  5.808   12.727  1.00 0.24  ? 26 GLU A C    1 
ATOM 392  O O    . GLU A 1 26 ? -5.186  5.804   13.808  1.00 0.28  ? 26 GLU A O    1 
ATOM 393  C CB   . GLU A 1 26 ? -4.388  3.977   11.038  1.00 0.31  ? 26 GLU A CB   1 
ATOM 394  C CG   . GLU A 1 26 ? -4.700  3.582   9.583   1.00 0.63  ? 26 GLU A CG   1 
ATOM 395  C CD   . GLU A 1 26 ? -6.186  3.241   9.425   1.00 0.57  ? 26 GLU A CD   1 
ATOM 396  O OE1  . GLU A 1 26 ? -7.005  4.112   9.664   1.00 1.22  ? 26 GLU A OE1  1 
ATOM 397  O OE2  . GLU A 1 26 ? -6.477  2.115   9.057   1.00 1.38  ? 26 GLU A OE2  1 
ATOM 398  H H    . GLU A 1 26 ? -4.795  6.175   9.670   1.00 0.24  ? 26 GLU A H    1 
ATOM 399  H HA   . GLU A 1 26 ? -6.250  4.774   11.775  1.00 0.31  ? 26 GLU A HA   1 
ATOM 400  H HB2  . GLU A 1 26 ? -3.351  4.267   11.112  1.00 0.59  ? 26 GLU A HB2  1 
ATOM 401  H HB3  . GLU A 1 26 ? -4.563  3.126   11.680  1.00 0.46  ? 26 GLU A HB3  1 
ATOM 402  H HG2  . GLU A 1 26 ? -4.446  4.398   8.928   1.00 1.30  ? 26 GLU A HG2  1 
ATOM 403  H HG3  . GLU A 1 26 ? -4.108  2.718   9.317   1.00 1.26  ? 26 GLU A HG3  1 
ATOM 404  N N    . LYS A 1 27 ? -3.462  6.376   12.559  1.00 0.24  ? 27 LYS A N    1 
ATOM 405  C CA   . LYS A 1 27 ? -2.774  7.038   13.706  1.00 0.27  ? 27 LYS A CA   1 
ATOM 406  C C    . LYS A 1 27 ? -3.555  8.289   14.119  1.00 0.29  ? 27 LYS A C    1 
ATOM 407  O O    . LYS A 1 27 ? -3.701  8.577   15.292  1.00 0.34  ? 27 LYS A O    1 
ATOM 408  C CB   . LYS A 1 27 ? -1.355  7.437   13.291  1.00 0.31  ? 27 LYS A CB   1 
ATOM 409  C CG   . LYS A 1 27 ? -0.597  7.969   14.509  1.00 0.42  ? 27 LYS A CG   1 
ATOM 410  C CD   . LYS A 1 27 ? 0.383   9.056   14.065  1.00 1.07  ? 27 LYS A CD   1 
ATOM 411  C CE   . LYS A 1 27 ? 1.221   9.507   15.262  1.00 1.30  ? 27 LYS A CE   1 
ATOM 412  N NZ   . LYS A 1 27 ? 1.843   10.829  14.964  1.00 2.09  ? 27 LYS A NZ   1 
ATOM 413  H H    . LYS A 1 27 ? -3.037  6.364   11.676  1.00 0.24  ? 27 LYS A H    1 
ATOM 414  H HA   . LYS A 1 27 ? -2.727  6.354   14.541  1.00 0.30  ? 27 LYS A HA   1 
ATOM 415  H HB2  . LYS A 1 27 ? -0.842  6.573   12.895  1.00 0.35  ? 27 LYS A HB2  1 
ATOM 416  H HB3  . LYS A 1 27 ? -1.404  8.206   12.535  1.00 0.36  ? 27 LYS A HB3  1 
ATOM 417  H HG2  . LYS A 1 27 ? -1.301  8.385   15.217  1.00 0.99  ? 27 LYS A HG2  1 
ATOM 418  H HG3  . LYS A 1 27 ? -0.052  7.162   14.974  1.00 0.74  ? 27 LYS A HG3  1 
ATOM 419  H HD2  . LYS A 1 27 ? 1.034   8.661   13.298  1.00 1.67  ? 27 LYS A HD2  1 
ATOM 420  H HD3  . LYS A 1 27 ? -0.166  9.899   13.674  1.00 1.78  ? 27 LYS A HD3  1 
ATOM 421  H HE2  . LYS A 1 27 ? 0.587   9.597   16.132  1.00 1.63  ? 27 LYS A HE2  1 
ATOM 422  H HE3  . LYS A 1 27 ? 1.996   8.780   15.455  1.00 1.79  ? 27 LYS A HE3  1 
ATOM 423  H HZ1  . LYS A 1 27 ? 2.336   10.781  14.050  1.00 2.54  ? 27 LYS A HZ1  1 
ATOM 424  H HZ2  . LYS A 1 27 ? 2.523   11.069  15.714  1.00 2.54  ? 27 LYS A HZ2  1 
ATOM 425  H HZ3  . LYS A 1 27 ? 1.104   11.558  14.918  1.00 2.53  ? 27 LYS A HZ3  1 
ATOM 426  N N    . ASN A 1 28 ? -4.064  9.032   13.164  1.00 0.28  ? 28 ASN A N    1 
ATOM 427  C CA   . ASN A 1 28 ? -4.845  10.265  13.496  1.00 0.34  ? 28 ASN A CA   1 
ATOM 428  C C    . ASN A 1 28 ? -6.038  9.894   14.385  1.00 0.36  ? 28 ASN A C    1 
ATOM 429  O O    . ASN A 1 28 ? -6.521  10.701  15.157  1.00 0.41  ? 28 ASN A O    1 
ATOM 430  C CB   . ASN A 1 28 ? -5.353  10.914  12.207  1.00 0.38  ? 28 ASN A CB   1 
ATOM 431  C CG   . ASN A 1 28 ? -4.185  11.573  11.473  1.00 0.55  ? 28 ASN A CG   1 
ATOM 432  O OD1  . ASN A 1 28 ? -3.060  11.124  11.567  1.00 1.11  ? 28 ASN A OD1  1 
ATOM 433  N ND2  . ASN A 1 28 ? -4.404  12.629  10.737  1.00 1.25  ? 28 ASN A ND2  1 
ATOM 434  H H    . ASN A 1 28 ? -3.935  8.775   12.227  1.00 0.26  ? 28 ASN A H    1 
ATOM 435  H HA   . ASN A 1 28 ? -4.209  10.960  14.023  1.00 0.38  ? 28 ASN A HA   1 
ATOM 436  H HB2  . ASN A 1 28 ? -5.799  10.160  11.575  1.00 0.63  ? 28 ASN A HB2  1 
ATOM 437  H HB3  . ASN A 1 28 ? -6.092  11.663  12.450  1.00 0.54  ? 28 ASN A HB3  1 
ATOM 438  H HD21 . ASN A 1 28 ? -5.311  12.993  10.660  1.00 1.82  ? 28 ASN A HD21 1 
ATOM 439  H HD22 . ASN A 1 28 ? -3.662  13.059  10.262  1.00 1.46  ? 28 ASN A HD22 1 
ATOM 440  N N    . VAL A 1 29 ? -6.506  8.675   14.283  1.00 0.33  ? 29 VAL A N    1 
ATOM 441  C CA   . VAL A 1 29 ? -7.656  8.236   15.121  1.00 0.35  ? 29 VAL A CA   1 
ATOM 442  C C    . VAL A 1 29 ? -7.105  7.666   16.437  1.00 0.37  ? 29 VAL A C    1 
ATOM 443  O O    . VAL A 1 29 ? -5.925  7.391   16.554  1.00 0.36  ? 29 VAL A O    1 
ATOM 444  C CB   . VAL A 1 29 ? -8.458  7.176   14.345  1.00 0.34  ? 29 VAL A CB   1 
ATOM 445  C CG1  . VAL A 1 29 ? -9.532  6.544   15.241  1.00 0.39  ? 29 VAL A CG1  1 
ATOM 446  C CG2  . VAL A 1 29 ? -9.139  7.845   13.150  1.00 0.37  ? 29 VAL A CG2  1 
ATOM 447  H H    . VAL A 1 29 ? -6.095  8.044   13.658  1.00 0.29  ? 29 VAL A H    1 
ATOM 448  H HA   . VAL A 1 29 ? -8.290  9.084   15.334  1.00 0.39  ? 29 VAL A HA   1 
ATOM 449  H HB   . VAL A 1 29 ? -7.786  6.409   13.988  1.00 0.31  ? 29 VAL A HB   1 
ATOM 450  H HG11 . VAL A 1 29 ? -10.157 5.891   14.648  1.00 1.11  ? 29 VAL A HG11 1 
ATOM 451  H HG12 . VAL A 1 29 ? -10.139 7.322   15.679  1.00 0.99  ? 29 VAL A HG12 1 
ATOM 452  H HG13 . VAL A 1 29 ? -9.057  5.972   16.024  1.00 1.13  ? 29 VAL A HG13 1 
ATOM 453  H HG21 . VAL A 1 29 ? -9.422  7.091   12.429  1.00 1.06  ? 29 VAL A HG21 1 
ATOM 454  H HG22 . VAL A 1 29 ? -8.456  8.544   12.691  1.00 1.11  ? 29 VAL A HG22 1 
ATOM 455  H HG23 . VAL A 1 29 ? -10.021 8.369   13.485  1.00 1.04  ? 29 VAL A HG23 1 
ATOM 456  N N    . SER A 1 30 ? -7.944  7.517   17.431  1.00 0.41  ? 30 SER A N    1 
ATOM 457  C CA   . SER A 1 30 ? -7.468  6.999   18.750  1.00 0.45  ? 30 SER A CA   1 
ATOM 458  C C    . SER A 1 30 ? -7.265  5.481   18.701  1.00 0.43  ? 30 SER A C    1 
ATOM 459  O O    . SER A 1 30 ? -6.150  4.996   18.755  1.00 0.44  ? 30 SER A O    1 
ATOM 460  C CB   . SER A 1 30 ? -8.502  7.334   19.824  1.00 0.51  ? 30 SER A CB   1 
ATOM 461  O OG   . SER A 1 30 ? -8.054  6.837   21.079  1.00 0.73  ? 30 SER A OG   1 
ATOM 462  H H    . SER A 1 30 ? -8.885  7.767   17.316  1.00 0.43  ? 30 SER A H    1 
ATOM 463  H HA   . SER A 1 30 ? -6.532  7.473   19.002  1.00 0.47  ? 30 SER A HA   1 
ATOM 464  H HB2  . SER A 1 30 ? -8.624  8.402   19.889  1.00 0.64  ? 30 SER A HB2  1 
ATOM 465  H HB3  . SER A 1 30 ? -9.450  6.881   19.564  1.00 0.60  ? 30 SER A HB3  1 
ATOM 466  H HG   . SER A 1 30 ? -8.539  7.294   21.770  1.00 1.32  ? 30 SER A HG   1 
ATOM 467  N N    . GLN A 1 31 ? -8.333  4.727   18.625  1.00 0.44  ? 31 GLN A N    1 
ATOM 468  C CA   . GLN A 1 31 ? -8.207  3.238   18.602  1.00 0.46  ? 31 GLN A CA   1 
ATOM 469  C C    . GLN A 1 31 ? -7.927  2.744   17.178  1.00 0.42  ? 31 GLN A C    1 
ATOM 470  O O    . GLN A 1 31 ? -8.694  1.985   16.612  1.00 0.43  ? 31 GLN A O    1 
ATOM 471  C CB   . GLN A 1 31 ? -9.507  2.616   19.121  1.00 0.53  ? 31 GLN A CB   1 
ATOM 472  C CG   . GLN A 1 31 ? -9.568  2.754   20.644  1.00 0.99  ? 31 GLN A CG   1 
ATOM 473  C CD   . GLN A 1 31 ? -8.575  1.782   21.285  1.00 0.83  ? 31 GLN A CD   1 
ATOM 474  O OE1  . GLN A 1 31 ? -8.883  0.623   21.481  1.00 1.07  ? 31 GLN A OE1  1 
ATOM 475  N NE2  . GLN A 1 31 ? -7.388  2.208   21.621  1.00 1.04  ? 31 GLN A NE2  1 
ATOM 476  H H    . GLN A 1 31 ? -9.221  5.142   18.602  1.00 0.45  ? 31 GLN A H    1 
ATOM 477  H HA   . GLN A 1 31 ? -7.392  2.943   19.247  1.00 0.48  ? 31 GLN A HA   1 
ATOM 478  H HB2  . GLN A 1 31 ? -10.351 3.126   18.678  1.00 0.86  ? 31 GLN A HB2  1 
ATOM 479  H HB3  . GLN A 1 31 ? -9.537  1.570   18.855  1.00 0.88  ? 31 GLN A HB3  1 
ATOM 480  H HG2  . GLN A 1 31 ? -9.315  3.766   20.923  1.00 1.60  ? 31 GLN A HG2  1 
ATOM 481  H HG3  . GLN A 1 31 ? -10.566 2.524   20.986  1.00 1.62  ? 31 GLN A HG3  1 
ATOM 482  H HE21 . GLN A 1 31 ? -7.141  3.143   21.462  1.00 1.35  ? 31 GLN A HE21 1 
ATOM 483  H HE22 . GLN A 1 31 ? -6.745  1.594   22.031  1.00 1.13  ? 31 GLN A HE22 1 
ATOM 484  N N    . ALA A 1 32 ? -6.827  3.158   16.598  1.00 0.38  ? 32 ALA A N    1 
ATOM 485  C CA   . ALA A 1 32 ? -6.494  2.700   15.217  1.00 0.34  ? 32 ALA A CA   1 
ATOM 486  C C    . ALA A 1 32 ? -4.971  2.675   15.034  1.00 0.31  ? 32 ALA A C    1 
ATOM 487  O O    . ALA A 1 32 ? -4.430  3.310   14.146  1.00 0.39  ? 32 ALA A O    1 
ATOM 488  C CB   . ALA A 1 32 ? -7.128  3.647   14.197  1.00 0.32  ? 32 ALA A CB   1 
ATOM 489  H H    . ALA A 1 32 ? -6.218  3.763   17.072  1.00 0.38  ? 32 ALA A H    1 
ATOM 490  H HA   . ALA A 1 32 ? -6.885  1.705   15.070  1.00 0.36  ? 32 ALA A HA   1 
ATOM 491  H HB1  . ALA A 1 32 ? -6.665  3.496   13.233  1.00 1.06  ? 32 ALA A HB1  1 
ATOM 492  H HB2  . ALA A 1 32 ? -6.981  4.667   14.514  1.00 1.00  ? 32 ALA A HB2  1 
ATOM 493  H HB3  . ALA A 1 32 ? -8.185  3.441   14.124  1.00 1.09  ? 32 ALA A HB3  1 
ATOM 494  N N    . ILE A 1 33 ? -4.278  1.939   15.867  1.00 0.33  ? 33 ILE A N    1 
ATOM 495  C CA   . ILE A 1 33 ? -2.792  1.861   15.747  1.00 0.32  ? 33 ILE A CA   1 
ATOM 496  C C    . ILE A 1 33 ? -2.412  0.522   15.090  1.00 0.33  ? 33 ILE A C    1 
ATOM 497  O O    . ILE A 1 33 ? -1.421  0.424   14.401  1.00 0.35  ? 33 ILE A O    1 
ATOM 498  C CB   . ILE A 1 33 ? -2.163  2.057   17.162  1.00 0.37  ? 33 ILE A CB   1 
ATOM 499  C CG1  . ILE A 1 33 ? -1.220  3.269   17.138  1.00 0.36  ? 33 ILE A CG1  1 
ATOM 500  C CG2  . ILE A 1 33 ? -1.373  0.827   17.640  1.00 0.41  ? 33 ILE A CG2  1 
ATOM 501  C CD1  . ILE A 1 33 ? -2.000  4.538   16.780  1.00 0.34  ? 33 ILE A CD1  1 
ATOM 502  H H    . ILE A 1 33 ? -4.737  1.435   16.570  1.00 0.42  ? 33 ILE A H    1 
ATOM 503  H HA   . ILE A 1 33 ? -2.461  2.663   15.100  1.00 0.29  ? 33 ILE A HA   1 
ATOM 504  H HB   . ILE A 1 33 ? -2.957  2.251   17.867  1.00 0.40  ? 33 ILE A HB   1 
ATOM 505  H HG12 . ILE A 1 33 ? -0.767  3.389   18.112  1.00 0.41  ? 33 ILE A HG12 1 
ATOM 506  H HG13 . ILE A 1 33 ? -0.446  3.106   16.402  1.00 0.34  ? 33 ILE A HG13 1 
ATOM 507  H HG21 . ILE A 1 33 ? -1.966  -0.062  17.483  1.00 1.04  ? 33 ILE A HG21 1 
ATOM 508  H HG22 . ILE A 1 33 ? -1.147  0.930   18.689  1.00 1.01  ? 33 ILE A HG22 1 
ATOM 509  H HG23 . ILE A 1 33 ? -0.455  0.751   17.077  1.00 1.19  ? 33 ILE A HG23 1 
ATOM 510  H HD11 . ILE A 1 33 ? -2.959  4.270   16.361  1.00 1.04  ? 33 ILE A HD11 1 
ATOM 511  H HD12 . ILE A 1 33 ? -1.439  5.110   16.054  1.00 1.13  ? 33 ILE A HD12 1 
ATOM 512  H HD13 . ILE A 1 33 ? -2.148  5.132   17.668  1.00 1.04  ? 33 ILE A HD13 1 
ATOM 513  N N    . HIS A 1 34 ? -3.198  -0.501  15.298  1.00 0.33  ? 34 HIS A N    1 
ATOM 514  C CA   . HIS A 1 34 ? -2.885  -1.830  14.672  1.00 0.35  ? 34 HIS A CA   1 
ATOM 515  C C    . HIS A 1 34 ? -2.959  -1.683  13.149  1.00 0.30  ? 34 HIS A C    1 
ATOM 516  O O    . HIS A 1 34 ? -2.066  -2.094  12.427  1.00 0.30  ? 34 HIS A O    1 
ATOM 517  C CB   . HIS A 1 34 ? -3.876  -2.922  15.134  1.00 0.41  ? 34 HIS A CB   1 
ATOM 518  C CG   . HIS A 1 34 ? -5.270  -2.363  15.283  1.00 0.41  ? 34 HIS A CG   1 
ATOM 519  N ND1  . HIS A 1 34 ? -5.712  -1.812  16.476  1.00 0.43  ? 34 HIS A ND1  1 
ATOM 520  C CD2  . HIS A 1 34 ? -6.318  -2.243  14.405  1.00 0.41  ? 34 HIS A CD2  1 
ATOM 521  C CE1  . HIS A 1 34 ? -6.970  -1.386  16.285  1.00 0.44  ? 34 HIS A CE1  1 
ATOM 522  N NE2  . HIS A 1 34 ? -7.392  -1.626  15.040  1.00 0.43  ? 34 HIS A NE2  1 
ATOM 523  H H    . HIS A 1 34 ? -3.990  -0.390  15.858  1.00 0.34  ? 34 HIS A H    1 
ATOM 524  H HA   . HIS A 1 34 ? -1.881  -2.120  14.948  1.00 0.38  ? 34 HIS A HA   1 
ATOM 525  H HB2  . HIS A 1 34 ? -3.891  -3.719  14.406  1.00 0.42  ? 34 HIS A HB2  1 
ATOM 526  H HB3  . HIS A 1 34 ? -3.548  -3.318  16.085  1.00 0.45  ? 34 HIS A HB3  1 
ATOM 527  H HD1  . HIS A 1 34 ? -5.198  -1.745  17.308  1.00 0.46  ? 34 HIS A HD1  1 
ATOM 528  H HD2  . HIS A 1 34 ? -6.308  -2.568  13.377  1.00 0.41  ? 34 HIS A HD2  1 
ATOM 529  H HE1  . HIS A 1 34 ? -7.561  -0.895  17.041  1.00 0.46  ? 34 HIS A HE1  1 
ATOM 530  N N    . LYS A 1 35 ? -4.010  -1.077  12.662  1.00 0.27  ? 35 LYS A N    1 
ATOM 531  C CA   . LYS A 1 35 ? -4.149  -0.874  11.189  1.00 0.26  ? 35 LYS A CA   1 
ATOM 532  C C    . LYS A 1 35 ? -3.130  0.172   10.719  1.00 0.22  ? 35 LYS A C    1 
ATOM 533  O O    . LYS A 1 35 ? -2.757  0.205   9.562   1.00 0.25  ? 35 LYS A O    1 
ATOM 534  C CB   . LYS A 1 35 ? -5.571  -0.398  10.851  1.00 0.29  ? 35 LYS A CB   1 
ATOM 535  C CG   . LYS A 1 35 ? -5.990  0.745   11.789  1.00 0.29  ? 35 LYS A CG   1 
ATOM 536  C CD   . LYS A 1 35 ? -6.979  0.225   12.844  1.00 0.61  ? 35 LYS A CD   1 
ATOM 537  C CE   . LYS A 1 35 ? -8.207  1.140   12.908  1.00 0.87  ? 35 LYS A CE   1 
ATOM 538  N NZ   . LYS A 1 35 ? -9.343  0.497   12.189  1.00 1.42  ? 35 LYS A NZ   1 
ATOM 539  H H    . LYS A 1 35 ? -4.701  -0.744  13.268  1.00 0.29  ? 35 LYS A H    1 
ATOM 540  H HA   . LYS A 1 35 ? -3.957  -1.809  10.682  1.00 0.28  ? 35 LYS A HA   1 
ATOM 541  H HB2  . LYS A 1 35 ? -5.594  -0.046  9.829   1.00 0.31  ? 35 LYS A HB2  1 
ATOM 542  H HB3  . LYS A 1 35 ? -6.258  -1.222  10.959  1.00 0.36  ? 35 LYS A HB3  1 
ATOM 543  H HG2  . LYS A 1 35 ? -5.115  1.142   12.285  1.00 0.41  ? 35 LYS A HG2  1 
ATOM 544  H HG3  . LYS A 1 35 ? -6.458  1.527   11.213  1.00 0.53  ? 35 LYS A HG3  1 
ATOM 545  H HD2  . LYS A 1 35 ? -7.294  -0.776  12.586  1.00 1.11  ? 35 LYS A HD2  1 
ATOM 546  H HD3  . LYS A 1 35 ? -6.497  0.210   13.810  1.00 1.28  ? 35 LYS A HD3  1 
ATOM 547  H HE2  . LYS A 1 35 ? -8.482  1.304   13.940  1.00 1.66  ? 35 LYS A HE2  1 
ATOM 548  H HE3  . LYS A 1 35 ? -7.978  2.088   12.443  1.00 1.37  ? 35 LYS A HE3  1 
ATOM 549  H HZ1  . LYS A 1 35 ? -9.027  0.186   11.248  1.00 1.87  ? 35 LYS A HZ1  1 
ATOM 550  H HZ2  . LYS A 1 35 ? -10.120 1.181   12.086  1.00 1.86  ? 35 LYS A HZ2  1 
ATOM 551  H HZ3  . LYS A 1 35 ? -9.675  -0.326  12.730  1.00 1.99  ? 35 LYS A HZ3  1 
ATOM 552  N N    . TYR A 1 36 ? -2.670  1.023   11.609  1.00 0.20  ? 36 TYR A N    1 
ATOM 553  C CA   . TYR A 1 36 ? -1.668  2.066   11.224  1.00 0.19  ? 36 TYR A CA   1 
ATOM 554  C C    . TYR A 1 36 ? -0.443  1.398   10.583  1.00 0.22  ? 36 TYR A C    1 
ATOM 555  O O    . TYR A 1 36 ? -0.196  1.542   9.401   1.00 0.25  ? 36 TYR A O    1 
ATOM 556  C CB   . TYR A 1 36 ? -1.246  2.832   12.485  1.00 0.23  ? 36 TYR A CB   1 
ATOM 557  C CG   . TYR A 1 36 ? -0.272  3.932   12.134  1.00 0.22  ? 36 TYR A CG   1 
ATOM 558  C CD1  . TYR A 1 36 ? -0.572  4.841   11.114  1.00 1.15  ? 36 TYR A CD1  1 
ATOM 559  C CD2  . TYR A 1 36 ? 0.931   4.042   12.838  1.00 1.16  ? 36 TYR A CD2  1 
ATOM 560  C CE1  . TYR A 1 36 ? 0.333   5.860   10.798  1.00 1.17  ? 36 TYR A CE1  1 
ATOM 561  C CE2  . TYR A 1 36 ? 1.836   5.060   12.524  1.00 1.16  ? 36 TYR A CE2  1 
ATOM 562  C CZ   . TYR A 1 36 ? 1.538   5.970   11.503  1.00 0.29  ? 36 TYR A CZ   1 
ATOM 563  O OH   . TYR A 1 36 ? 2.431   6.976   11.192  1.00 0.34  ? 36 TYR A OH   1 
ATOM 564  H H    . TYR A 1 36 ? -2.982  0.974   12.535  1.00 0.22  ? 36 TYR A H    1 
ATOM 565  H HA   . TYR A 1 36 ? -2.114  2.751   10.519  1.00 0.18  ? 36 TYR A HA   1 
ATOM 566  H HB2  . TYR A 1 36 ? -2.119  3.264   12.950  1.00 0.25  ? 36 TYR A HB2  1 
ATOM 567  H HB3  . TYR A 1 36 ? -0.776  2.150   13.175  1.00 0.27  ? 36 TYR A HB3  1 
ATOM 568  H HD1  . TYR A 1 36 ? -1.500  4.756   10.569  1.00 2.00  ? 36 TYR A HD1  1 
ATOM 569  H HD2  . TYR A 1 36 ? 1.162   3.339   13.625  1.00 2.03  ? 36 TYR A HD2  1 
ATOM 570  H HE1  . TYR A 1 36 ? 0.101   6.561   10.011  1.00 2.04  ? 36 TYR A HE1  1 
ATOM 571  H HE2  . TYR A 1 36 ? 2.763   5.142   13.070  1.00 2.01  ? 36 TYR A HE2  1 
ATOM 572  H HH   . TYR A 1 36 ? 1.953   7.809   11.201  1.00 0.92  ? 36 TYR A HH   1 
ATOM 573  N N    . ASN A 1 37 ? 0.320   0.661   11.356  1.00 0.26  ? 37 ASN A N    1 
ATOM 574  C CA   . ASN A 1 37 ? 1.527   -0.031  10.803  1.00 0.31  ? 37 ASN A CA   1 
ATOM 575  C C    . ASN A 1 37 ? 1.131   -0.906  9.605   1.00 0.30  ? 37 ASN A C    1 
ATOM 576  O O    . ASN A 1 37 ? 1.945   -1.202  8.750   1.00 0.33  ? 37 ASN A O    1 
ATOM 577  C CB   . ASN A 1 37 ? 2.148   -0.910  11.890  1.00 0.36  ? 37 ASN A CB   1 
ATOM 578  C CG   . ASN A 1 37 ? 3.116   -0.077  12.732  1.00 1.00  ? 37 ASN A CG   1 
ATOM 579  O OD1  . ASN A 1 37 ? 3.761   0.821   12.227  1.00 1.83  ? 37 ASN A OD1  1 
ATOM 580  N ND2  . ASN A 1 37 ? 3.247   -0.337  14.003  1.00 1.68  ? 37 ASN A ND2  1 
ATOM 581  H H    . ASN A 1 37 ? 0.096   0.560   12.301  1.00 0.29  ? 37 ASN A H    1 
ATOM 582  H HA   . ASN A 1 37 ? 2.248   0.707   10.485  1.00 0.33  ? 37 ASN A HA   1 
ATOM 583  H HB2  . ASN A 1 37 ? 1.367   -1.305  12.523  1.00 0.87  ? 37 ASN A HB2  1 
ATOM 584  H HB3  . ASN A 1 37 ? 2.685   -1.727  11.430  1.00 0.82  ? 37 ASN A HB3  1 
ATOM 585  H HD21 . ASN A 1 37 ? 2.728   -1.062  14.412  1.00 2.11  ? 37 ASN A HD21 1 
ATOM 586  H HD22 . ASN A 1 37 ? 3.865   0.192   14.551  1.00 2.19  ? 37 ASN A HD22 1 
ATOM 587  N N    . ALA A 1 38 ? -0.117  -1.311  9.531   1.00 0.27  ? 38 ALA A N    1 
ATOM 588  C CA   . ALA A 1 38 ? -0.578  -2.156  8.383   1.00 0.28  ? 38 ALA A CA   1 
ATOM 589  C C    . ALA A 1 38 ? -0.253  -1.460  7.056   1.00 0.28  ? 38 ALA A C    1 
ATOM 590  O O    . ALA A 1 38 ? 0.478   -1.978  6.232   1.00 0.34  ? 38 ALA A O    1 
ATOM 591  C CB   . ALA A 1 38 ? -2.093  -2.352  8.486   1.00 0.27  ? 38 ALA A CB   1 
ATOM 592  H H    . ALA A 1 38 ? -0.754  -1.054  10.228  1.00 0.26  ? 38 ALA A H    1 
ATOM 593  H HA   . ALA A 1 38 ? -0.090  -3.122  8.416   1.00 0.31  ? 38 ALA A HA   1 
ATOM 594  H HB1  . ALA A 1 38 ? -2.399  -2.266  9.518   1.00 1.04  ? 38 ALA A HB1  1 
ATOM 595  H HB2  . ALA A 1 38 ? -2.357  -3.330  8.113   1.00 1.04  ? 38 ALA A HB2  1 
ATOM 596  H HB3  . ALA A 1 38 ? -2.596  -1.595  7.900   1.00 1.07  ? 38 ALA A HB3  1 
ATOM 597  N N    . TYR A 1 39 ? -0.799  -0.292  6.848   1.00 0.26  ? 39 TYR A N    1 
ATOM 598  C CA   . TYR A 1 39 ? -0.544  0.448   5.577   1.00 0.28  ? 39 TYR A CA   1 
ATOM 599  C C    . TYR A 1 39 ? 0.745   1.264   5.698   1.00 0.29  ? 39 TYR A C    1 
ATOM 600  O O    . TYR A 1 39 ? 1.405   1.538   4.713   1.00 0.32  ? 39 TYR A O    1 
ATOM 601  C CB   . TYR A 1 39 ? -1.722  1.384   5.292   1.00 0.29  ? 39 TYR A CB   1 
ATOM 602  C CG   . TYR A 1 39 ? -3.010  0.593   5.313   1.00 0.29  ? 39 TYR A CG   1 
ATOM 603  C CD1  . TYR A 1 39 ? -3.657  0.343   6.529   1.00 1.12  ? 39 TYR A CD1  1 
ATOM 604  C CD2  . TYR A 1 39 ? -3.554  0.108   4.119   1.00 1.35  ? 39 TYR A CD2  1 
ATOM 605  C CE1  . TYR A 1 39 ? -4.847  -0.393  6.552   1.00 1.10  ? 39 TYR A CE1  1 
ATOM 606  C CE2  . TYR A 1 39 ? -4.745  -0.627  4.141   1.00 1.40  ? 39 TYR A CE2  1 
ATOM 607  C CZ   . TYR A 1 39 ? -5.392  -0.878  5.357   1.00 0.41  ? 39 TYR A CZ   1 
ATOM 608  O OH   . TYR A 1 39 ? -6.566  -1.602  5.378   1.00 0.49  ? 39 TYR A OH   1 
ATOM 609  H H    . TYR A 1 39 ? -1.383  0.097   7.529   1.00 0.26  ? 39 TYR A H    1 
ATOM 610  H HA   . TYR A 1 39 ? -0.445  -0.259  4.766   1.00 0.29  ? 39 TYR A HA   1 
ATOM 611  H HB2  . TYR A 1 39 ? -1.759  2.155   6.046   1.00 0.29  ? 39 TYR A HB2  1 
ATOM 612  H HB3  . TYR A 1 39 ? -1.595  1.837   4.320   1.00 0.34  ? 39 TYR A HB3  1 
ATOM 613  H HD1  . TYR A 1 39 ? -3.241  0.720   7.450   1.00 2.04  ? 39 TYR A HD1  1 
ATOM 614  H HD2  . TYR A 1 39 ? -3.056  0.302   3.181   1.00 2.26  ? 39 TYR A HD2  1 
ATOM 615  H HE1  . TYR A 1 39 ? -5.345  -0.583  7.491   1.00 2.00  ? 39 TYR A HE1  1 
ATOM 616  H HE2  . TYR A 1 39 ? -5.165  -0.999  3.220   1.00 2.33  ? 39 TYR A HE2  1 
ATOM 617  H HH   . TYR A 1 39 ? -7.232  -1.076  5.827   1.00 1.04  ? 39 TYR A HH   1 
ATOM 618  N N    . ARG A 1 40 ? 1.110   1.653   6.893   1.00 0.33  ? 40 ARG A N    1 
ATOM 619  C CA   . ARG A 1 40 ? 2.359   2.450   7.076   1.00 0.36  ? 40 ARG A CA   1 
ATOM 620  C C    . ARG A 1 40 ? 3.565   1.603   6.666   1.00 0.36  ? 40 ARG A C    1 
ATOM 621  O O    . ARG A 1 40 ? 4.480   2.082   6.023   1.00 0.42  ? 40 ARG A O    1 
ATOM 622  C CB   . ARG A 1 40 ? 2.497   2.857   8.545   1.00 0.40  ? 40 ARG A CB   1 
ATOM 623  C CG   . ARG A 1 40 ? 3.206   4.209   8.636   1.00 0.71  ? 40 ARG A CG   1 
ATOM 624  C CD   . ARG A 1 40 ? 4.647   4.067   8.141   1.00 0.92  ? 40 ARG A CD   1 
ATOM 625  N NE   . ARG A 1 40 ? 5.536   4.977   8.927   1.00 1.29  ? 40 ARG A NE   1 
ATOM 626  C CZ   . ARG A 1 40 ? 6.793   5.178   8.580   1.00 1.76  ? 40 ARG A CZ   1 
ATOM 627  N NH1  . ARG A 1 40 ? 7.320   4.590   7.531   1.00 2.34  ? 40 ARG A NH1  1 
ATOM 628  N NH2  . ARG A 1 40 ? 7.530   5.982   9.297   1.00 2.34  ? 40 ARG A NH2  1 
ATOM 629  H H    . ARG A 1 40 ? 0.563   1.420   7.673   1.00 0.38  ? 40 ARG A H    1 
ATOM 630  H HA   . ARG A 1 40 ? 2.314   3.335   6.459   1.00 0.38  ? 40 ARG A HA   1 
ATOM 631  H HB2  . ARG A 1 40 ? 1.515   2.933   8.990   1.00 0.62  ? 40 ARG A HB2  1 
ATOM 632  H HB3  . ARG A 1 40 ? 3.075   2.113   9.072   1.00 0.59  ? 40 ARG A HB3  1 
ATOM 633  H HG2  . ARG A 1 40 ? 2.685   4.931   8.024   1.00 1.44  ? 40 ARG A HG2  1 
ATOM 634  H HG3  . ARG A 1 40 ? 3.212   4.544   9.663   1.00 1.40  ? 40 ARG A HG3  1 
ATOM 635  H HD2  . ARG A 1 40 ? 4.973   3.045   8.271   1.00 1.44  ? 40 ARG A HD2  1 
ATOM 636  H HD3  . ARG A 1 40 ? 4.696   4.330   7.095   1.00 1.61  ? 40 ARG A HD3  1 
ATOM 637  H HE   . ARG A 1 40 ? 5.178   5.434   9.716   1.00 1.83  ? 40 ARG A HE   1 
ATOM 638  H HH11 . ARG A 1 40 ? 6.773   3.971   6.968   1.00 2.35  ? 40 ARG A HH11 1 
ATOM 639  H HH12 . ARG A 1 40 ? 8.276   4.763   7.293   1.00 3.07  ? 40 ARG A HH12 1 
ATOM 640  H HH21 . ARG A 1 40 ? 7.141   6.437   10.098  1.00 2.57  ? 40 ARG A HH21 1 
ATOM 641  H HH22 . ARG A 1 40 ? 8.485   6.144   9.044   1.00 2.86  ? 40 ARG A HH22 1 
ATOM 642  N N    . LYS A 1 41 ? 3.570   0.347   7.034   1.00 0.36  ? 41 LYS A N    1 
ATOM 643  C CA   . LYS A 1 41 ? 4.714   -0.542  6.672   1.00 0.39  ? 41 LYS A CA   1 
ATOM 644  C C    . LYS A 1 41 ? 4.556   -1.021  5.228   1.00 0.35  ? 41 LYS A C    1 
ATOM 645  O O    . LYS A 1 41 ? 5.495   -1.004  4.455   1.00 0.40  ? 41 LYS A O    1 
ATOM 646  C CB   . LYS A 1 41 ? 4.736   -1.751  7.611   1.00 0.44  ? 41 LYS A CB   1 
ATOM 647  C CG   . LYS A 1 41 ? 5.176   -1.306  9.007   1.00 1.18  ? 41 LYS A CG   1 
ATOM 648  C CD   . LYS A 1 41 ? 5.943   -2.441  9.687   1.00 1.43  ? 41 LYS A CD   1 
ATOM 649  C CE   . LYS A 1 41 ? 6.877   -1.861  10.751  1.00 1.95  ? 41 LYS A CE   1 
ATOM 650  N NZ   . LYS A 1 41 ? 7.708   -2.953  11.332  1.00 2.38  ? 41 LYS A NZ   1 
ATOM 651  H H    . LYS A 1 41 ? 2.820   -0.013  7.551   1.00 0.38  ? 41 LYS A H    1 
ATOM 652  H HA   . LYS A 1 41 ? 5.640   0.005   6.770   1.00 0.43  ? 41 LYS A HA   1 
ATOM 653  H HB2  . LYS A 1 41 ? 3.748   -2.183  7.663   1.00 1.02  ? 41 LYS A HB2  1 
ATOM 654  H HB3  . LYS A 1 41 ? 5.432   -2.487  7.234   1.00 0.88  ? 41 LYS A HB3  1 
ATOM 655  H HG2  . LYS A 1 41 ? 5.813   -0.437  8.924   1.00 1.82  ? 41 LYS A HG2  1 
ATOM 656  H HG3  . LYS A 1 41 ? 4.306   -1.059  9.596   1.00 1.89  ? 41 LYS A HG3  1 
ATOM 657  H HD2  . LYS A 1 41 ? 5.243   -3.120  10.152  1.00 1.88  ? 41 LYS A HD2  1 
ATOM 658  H HD3  . LYS A 1 41 ? 6.526   -2.973  8.951   1.00 1.87  ? 41 LYS A HD3  1 
ATOM 659  H HE2  . LYS A 1 41 ? 7.521   -1.120  10.300  1.00 2.46  ? 41 LYS A HE2  1 
ATOM 660  H HE3  . LYS A 1 41 ? 6.291   -1.400  11.532  1.00 2.39  ? 41 LYS A HE3  1 
ATOM 661  H HZ1  . LYS A 1 41 ? 7.088   -3.680  11.742  1.00 2.70  ? 41 LYS A HZ1  1 
ATOM 662  H HZ2  . LYS A 1 41 ? 8.324   -2.562  12.074  1.00 2.66  ? 41 LYS A HZ2  1 
ATOM 663  H HZ3  . LYS A 1 41 ? 8.292   -3.380  10.584  1.00 2.80  ? 41 LYS A HZ3  1 
ATOM 664  N N    . ALA A 1 42 ? 3.374   -1.450  4.860   1.00 0.32  ? 42 ALA A N    1 
ATOM 665  C CA   . ALA A 1 42 ? 3.147   -1.935  3.466   1.00 0.31  ? 42 ALA A CA   1 
ATOM 666  C C    . ALA A 1 42 ? 3.379   -0.787  2.481   1.00 0.33  ? 42 ALA A C    1 
ATOM 667  O O    . ALA A 1 42 ? 3.981   -0.968  1.439   1.00 0.45  ? 42 ALA A O    1 
ATOM 668  C CB   . ALA A 1 42 ? 1.711   -2.442  3.328   1.00 0.34  ? 42 ALA A CB   1 
ATOM 669  H H    . ALA A 1 42 ? 2.635   -1.455  5.505   1.00 0.34  ? 42 ALA A H    1 
ATOM 670  H HA   . ALA A 1 42 ? 3.835   -2.739  3.250   1.00 0.32  ? 42 ALA A HA   1 
ATOM 671  H HB1  . ALA A 1 42 ? 1.604   -2.967  2.390   1.00 0.99  ? 42 ALA A HB1  1 
ATOM 672  H HB2  . ALA A 1 42 ? 1.030   -1.605  3.350   1.00 1.15  ? 42 ALA A HB2  1 
ATOM 673  H HB3  . ALA A 1 42 ? 1.486   -3.112  4.144   1.00 1.06  ? 42 ALA A HB3  1 
ATOM 674  N N    . ALA A 1 43 ? 2.909   0.388   2.806   1.00 0.29  ? 43 ALA A N    1 
ATOM 675  C CA   . ALA A 1 43 ? 3.100   1.554   1.892   1.00 0.33  ? 43 ALA A CA   1 
ATOM 676  C C    . ALA A 1 43 ? 4.585   1.914   1.829   1.00 0.32  ? 43 ALA A C    1 
ATOM 677  O O    . ALA A 1 43 ? 5.066   2.412   0.831   1.00 0.40  ? 43 ALA A O    1 
ATOM 678  C CB   . ALA A 1 43 ? 2.309   2.751   2.421   1.00 0.39  ? 43 ALA A CB   1 
ATOM 679  H H    . ALA A 1 43 ? 2.429   0.505   3.651   1.00 0.33  ? 43 ALA A H    1 
ATOM 680  H HA   . ALA A 1 43 ? 2.748   1.297   0.903   1.00 0.38  ? 43 ALA A HA   1 
ATOM 681  H HB1  . ALA A 1 43 ? 2.598   2.951   3.443   1.00 1.14  ? 43 ALA A HB1  1 
ATOM 682  H HB2  . ALA A 1 43 ? 1.253   2.532   2.381   1.00 1.12  ? 43 ALA A HB2  1 
ATOM 683  H HB3  . ALA A 1 43 ? 2.521   3.618   1.812   1.00 1.00  ? 43 ALA A HB3  1 
ATOM 684  N N    . SER A 1 44 ? 5.309   1.669   2.891   1.00 0.31  ? 44 SER A N    1 
ATOM 685  C CA   . SER A 1 44 ? 6.765   2.000   2.904   1.00 0.38  ? 44 SER A CA   1 
ATOM 686  C C    . SER A 1 44 ? 7.511   1.111   1.905   1.00 0.37  ? 44 SER A C    1 
ATOM 687  O O    . SER A 1 44 ? 8.211   1.595   1.036   1.00 0.51  ? 44 SER A O    1 
ATOM 688  C CB   . SER A 1 44 ? 7.326   1.769   4.307   1.00 0.43  ? 44 SER A CB   1 
ATOM 689  O OG   . SER A 1 44 ? 8.670   2.229   4.358   1.00 1.20  ? 44 SER A OG   1 
ATOM 690  H H    . SER A 1 44 ? 4.894   1.270   3.684   1.00 0.31  ? 44 SER A H    1 
ATOM 691  H HA   . SER A 1 44 ? 6.899   3.036   2.631   1.00 0.45  ? 44 SER A HA   1 
ATOM 692  H HB2  . SER A 1 44 ? 6.737   2.312   5.027   1.00 1.16  ? 44 SER A HB2  1 
ATOM 693  H HB3  . SER A 1 44 ? 7.288   0.712   4.539   1.00 0.95  ? 44 SER A HB3  1 
ATOM 694  H HG   . SER A 1 44 ? 8.653   3.185   4.447   1.00 1.66  ? 44 SER A HG   1 
ATOM 695  N N    . VAL A 1 45 ? 7.374   -0.185  2.030   1.00 0.30  ? 45 VAL A N    1 
ATOM 696  C CA   . VAL A 1 45 ? 8.082   -1.112  1.097   1.00 0.36  ? 45 VAL A CA   1 
ATOM 697  C C    . VAL A 1 45 ? 7.591   -0.887  -0.340  1.00 0.36  ? 45 VAL A C    1 
ATOM 698  O O    . VAL A 1 45 ? 8.379   -0.824  -1.263  1.00 0.50  ? 45 VAL A O    1 
ATOM 699  C CB   . VAL A 1 45 ? 7.827   -2.567  1.528   1.00 0.41  ? 45 VAL A CB   1 
ATOM 700  C CG1  . VAL A 1 45 ? 6.326   -2.868  1.498   1.00 0.38  ? 45 VAL A CG1  1 
ATOM 701  C CG2  . VAL A 1 45 ? 8.561   -3.531  0.584   1.00 0.53  ? 45 VAL A CG2  1 
ATOM 702  H H    . VAL A 1 45 ? 6.811   -0.548  2.745   1.00 0.31  ? 45 VAL A H    1 
ATOM 703  H HA   . VAL A 1 45 ? 9.143   -0.912  1.141   1.00 0.43  ? 45 VAL A HA   1 
ATOM 704  H HB   . VAL A 1 45 ? 8.194   -2.706  2.535   1.00 0.43  ? 45 VAL A HB   1 
ATOM 705  H HG11 . VAL A 1 45 ? 5.978   -2.862  0.476   1.00 1.02  ? 45 VAL A HG11 1 
ATOM 706  H HG12 . VAL A 1 45 ? 5.796   -2.117  2.063   1.00 1.11  ? 45 VAL A HG12 1 
ATOM 707  H HG13 . VAL A 1 45 ? 6.145   -3.840  1.934   1.00 1.11  ? 45 VAL A HG13 1 
ATOM 708  H HG21 . VAL A 1 45 ? 9.012   -4.324  1.161   1.00 1.15  ? 45 VAL A HG21 1 
ATOM 709  H HG22 . VAL A 1 45 ? 9.331   -2.996  0.048   1.00 1.22  ? 45 VAL A HG22 1 
ATOM 710  H HG23 . VAL A 1 45 ? 7.859   -3.953  -0.122  1.00 1.04  ? 45 VAL A HG23 1 
ATOM 711  N N    . ILE A 1 46 ? 6.301   -0.770  -0.534  1.00 0.25  ? 46 ILE A N    1 
ATOM 712  C CA   . ILE A 1 46 ? 5.764   -0.556  -1.912  1.00 0.27  ? 46 ILE A CA   1 
ATOM 713  C C    . ILE A 1 46 ? 6.188   0.826   -2.423  1.00 0.28  ? 46 ILE A C    1 
ATOM 714  O O    . ILE A 1 46 ? 6.717   0.955   -3.511  1.00 0.40  ? 46 ILE A O    1 
ATOM 715  C CB   . ILE A 1 46 ? 4.233   -0.656  -1.884  1.00 0.30  ? 46 ILE A CB   1 
ATOM 716  C CG1  . ILE A 1 46 ? 3.825   -2.028  -1.341  1.00 0.32  ? 46 ILE A CG1  1 
ATOM 717  C CG2  . ILE A 1 46 ? 3.674   -0.491  -3.301  1.00 0.38  ? 46 ILE A CG2  1 
ATOM 718  C CD1  . ILE A 1 46 ? 2.307   -2.074  -1.152  1.00 0.55  ? 46 ILE A CD1  1 
ATOM 719  H H    . ILE A 1 46 ? 5.685   -0.826  0.226   1.00 0.22  ? 46 ILE A H    1 
ATOM 720  H HA   . ILE A 1 46 ? 6.158   -1.316  -2.570  1.00 0.32  ? 46 ILE A HA   1 
ATOM 721  H HB   . ILE A 1 46 ? 3.832   0.119   -1.247  1.00 0.30  ? 46 ILE A HB   1 
ATOM 722  H HG12 . ILE A 1 46 ? 4.123   -2.794  -2.042  1.00 0.67  ? 46 ILE A HG12 1 
ATOM 723  H HG13 . ILE A 1 46 ? 4.309   -2.200  -0.393  1.00 0.62  ? 46 ILE A HG13 1 
ATOM 724  H HG21 . ILE A 1 46 ? 3.435   0.548   -3.475  1.00 1.20  ? 46 ILE A HG21 1 
ATOM 725  H HG22 . ILE A 1 46 ? 2.781   -1.089  -3.408  1.00 1.09  ? 46 ILE A HG22 1 
ATOM 726  H HG23 . ILE A 1 46 ? 4.413   -0.816  -4.019  1.00 0.94  ? 46 ILE A HG23 1 
ATOM 727  H HD11 . ILE A 1 46 ? 1.820   -1.872  -2.094  1.00 1.22  ? 46 ILE A HD11 1 
ATOM 728  H HD12 . ILE A 1 46 ? 2.012   -1.328  -0.428  1.00 1.24  ? 46 ILE A HD12 1 
ATOM 729  H HD13 . ILE A 1 46 ? 2.017   -3.052  -0.798  1.00 1.23  ? 46 ILE A HD13 1 
ATOM 730  N N    . ALA A 1 47 ? 5.957   1.856   -1.649  1.00 0.33  ? 47 ALA A N    1 
ATOM 731  C CA   . ALA A 1 47 ? 6.343   3.232   -2.087  1.00 0.38  ? 47 ALA A CA   1 
ATOM 732  C C    . ALA A 1 47 ? 7.856   3.307   -2.326  1.00 0.41  ? 47 ALA A C    1 
ATOM 733  O O    . ALA A 1 47 ? 8.333   4.174   -3.035  1.00 0.47  ? 47 ALA A O    1 
ATOM 734  C CB   . ALA A 1 47 ? 5.952   4.241   -1.006  1.00 0.42  ? 47 ALA A CB   1 
ATOM 735  H H    . ALA A 1 47 ? 5.527   1.724   -0.778  1.00 0.43  ? 47 ALA A H    1 
ATOM 736  H HA   . ALA A 1 47 ? 5.824   3.473   -3.003  1.00 0.41  ? 47 ALA A HA   1 
ATOM 737  H HB1  . ALA A 1 47 ? 4.929   4.067   -0.704  1.00 1.05  ? 47 ALA A HB1  1 
ATOM 738  H HB2  . ALA A 1 47 ? 6.046   5.243   -1.395  1.00 1.04  ? 47 ALA A HB2  1 
ATOM 739  H HB3  . ALA A 1 47 ? 6.602   4.123   -0.151  1.00 1.20  ? 47 ALA A HB3  1 
ATOM 740  N N    . LYS A 1 48 ? 8.615   2.411   -1.742  1.00 0.40  ? 48 LYS A N    1 
ATOM 741  C CA   . LYS A 1 48 ? 10.095  2.437   -1.937  1.00 0.47  ? 48 LYS A CA   1 
ATOM 742  C C    . LYS A 1 48 ? 10.549  1.140   -2.613  1.00 0.38  ? 48 LYS A C    1 
ATOM 743  O O    . LYS A 1 48 ? 11.670  0.701   -2.437  1.00 0.40  ? 48 LYS A O    1 
ATOM 744  C CB   . LYS A 1 48 ? 10.782  2.566   -0.578  1.00 0.58  ? 48 LYS A CB   1 
ATOM 745  C CG   . LYS A 1 48 ? 12.215  3.067   -0.775  1.00 0.75  ? 48 LYS A CG   1 
ATOM 746  C CD   . LYS A 1 48 ? 13.006  2.872   0.519   1.00 1.46  ? 48 LYS A CD   1 
ATOM 747  C CE   . LYS A 1 48 ? 14.033  3.996   0.665   1.00 1.99  ? 48 LYS A CE   1 
ATOM 748  N NZ   . LYS A 1 48 ? 15.129  3.555   1.574   1.00 2.71  ? 48 LYS A NZ   1 
ATOM 749  H H    . LYS A 1 48 ? 8.212   1.722   -1.175  1.00 0.38  ? 48 LYS A H    1 
ATOM 750  H HA   . LYS A 1 48 ? 10.362  3.279   -2.558  1.00 0.53  ? 48 LYS A HA   1 
ATOM 751  H HB2  . LYS A 1 48 ? 10.236  3.266   0.037   1.00 0.63  ? 48 LYS A HB2  1 
ATOM 752  H HB3  . LYS A 1 48 ? 10.804  1.601   -0.094  1.00 0.60  ? 48 LYS A HB3  1 
ATOM 753  H HG2  . LYS A 1 48 ? 12.684  2.510   -1.573  1.00 1.32  ? 48 LYS A HG2  1 
ATOM 754  H HG3  . LYS A 1 48 ? 12.197  4.116   -1.030  1.00 1.07  ? 48 LYS A HG3  1 
ATOM 755  H HD2  . LYS A 1 48 ? 12.330  2.890   1.362   1.00 2.00  ? 48 LYS A HD2  1 
ATOM 756  H HD3  . LYS A 1 48 ? 13.519  1.922   0.489   1.00 2.09  ? 48 LYS A HD3  1 
ATOM 757  H HE2  . LYS A 1 48 ? 14.445  4.236   -0.305  1.00 2.34  ? 48 LYS A HE2  1 
ATOM 758  H HE3  . LYS A 1 48 ? 13.554  4.871   1.078   1.00 2.44  ? 48 LYS A HE3  1 
ATOM 759  H HZ1  . LYS A 1 48 ? 15.591  2.713   1.177   1.00 3.13  ? 48 LYS A HZ1  1 
ATOM 760  H HZ2  . LYS A 1 48 ? 14.732  3.326   2.508   1.00 3.09  ? 48 LYS A HZ2  1 
ATOM 761  H HZ3  . LYS A 1 48 ? 15.828  4.319   1.671   1.00 3.08  ? 48 LYS A HZ3  1 
ATOM 762  N N    . TYR A 1 49 ? 9.687   0.526   -3.383  1.00 0.32  ? 49 TYR A N    1 
ATOM 763  C CA   . TYR A 1 49 ? 10.064  -0.742  -4.072  1.00 0.30  ? 49 TYR A CA   1 
ATOM 764  C C    . TYR A 1 49 ? 10.633  -0.411  -5.464  1.00 0.34  ? 49 TYR A C    1 
ATOM 765  O O    . TYR A 1 49 ? 10.143  0.491   -6.115  1.00 0.39  ? 49 TYR A O    1 
ATOM 766  C CB   . TYR A 1 49 ? 8.815   -1.627  -4.220  1.00 0.29  ? 49 TYR A CB   1 
ATOM 767  C CG   . TYR A 1 49 ? 9.195   -3.096  -4.258  1.00 0.33  ? 49 TYR A CG   1 
ATOM 768  C CD1  . TYR A 1 49 ? 10.110  -3.620  -3.334  1.00 1.26  ? 49 TYR A CD1  1 
ATOM 769  C CD2  . TYR A 1 49 ? 8.619   -3.937  -5.217  1.00 1.23  ? 49 TYR A CD2  1 
ATOM 770  C CE1  . TYR A 1 49 ? 10.448  -4.977  -3.372  1.00 1.27  ? 49 TYR A CE1  1 
ATOM 771  C CE2  . TYR A 1 49 ? 8.956   -5.295  -5.254  1.00 1.29  ? 49 TYR A CE2  1 
ATOM 772  C CZ   . TYR A 1 49 ? 9.871   -5.815  -4.332  1.00 0.55  ? 49 TYR A CZ   1 
ATOM 773  O OH   . TYR A 1 49 ? 10.204  -7.154  -4.368  1.00 0.68  ? 49 TYR A OH   1 
ATOM 774  H H    . TYR A 1 49 ? 8.791   0.899   -3.507  1.00 0.32  ? 49 TYR A H    1 
ATOM 775  H HA   . TYR A 1 49 ? 10.806  -1.253  -3.486  1.00 0.32  ? 49 TYR A HA   1 
ATOM 776  H HB2  . TYR A 1 49 ? 8.156   -1.453  -3.384  1.00 0.33  ? 49 TYR A HB2  1 
ATOM 777  H HB3  . TYR A 1 49 ? 8.303   -1.368  -5.134  1.00 0.29  ? 49 TYR A HB3  1 
ATOM 778  H HD1  . TYR A 1 49 ? 10.556  -2.977  -2.595  1.00 2.15  ? 49 TYR A HD1  1 
ATOM 779  H HD2  . TYR A 1 49 ? 7.914   -3.538  -5.931  1.00 2.11  ? 49 TYR A HD2  1 
ATOM 780  H HE1  . TYR A 1 49 ? 11.154  -5.377  -2.661  1.00 2.15  ? 49 TYR A HE1  1 
ATOM 781  H HE2  . TYR A 1 49 ? 8.511   -5.943  -5.993  1.00 2.19  ? 49 TYR A HE2  1 
ATOM 782  H HH   . TYR A 1 49 ? 10.696  -7.316  -5.178  1.00 0.83  ? 49 TYR A HH   1 
ATOM 783  N N    . PRO A 1 50 ? 11.651  -1.137  -5.893  1.00 0.39  ? 50 PRO A N    1 
ATOM 784  C CA   . PRO A 1 50 ? 12.302  -0.924  -7.223  1.00 0.49  ? 50 PRO A CA   1 
ATOM 785  C C    . PRO A 1 50 ? 11.562  -1.685  -8.329  1.00 0.54  ? 50 PRO A C    1 
ATOM 786  O O    . PRO A 1 50 ? 12.007  -1.717  -9.462  1.00 0.64  ? 50 PRO A O    1 
ATOM 787  C CB   . PRO A 1 50 ? 13.699  -1.495  -7.030  1.00 0.56  ? 50 PRO A CB   1 
ATOM 788  C CG   . PRO A 1 50 ? 13.620  -2.509  -5.901  1.00 0.52  ? 50 PRO A CG   1 
ATOM 789  C CD   . PRO A 1 50 ? 12.310  -2.272  -5.148  1.00 0.42  ? 50 PRO A CD   1 
ATOM 790  H HA   . PRO A 1 50 ? 12.362  0.126   -7.455  1.00 0.52  ? 50 PRO A HA   1 
ATOM 791  H HB2  . PRO A 1 50 ? 14.025  -1.981  -7.939  1.00 0.64  ? 50 PRO A HB2  1 
ATOM 792  H HB3  . PRO A 1 50 ? 14.387  -0.711  -6.765  1.00 0.57  ? 50 PRO A HB3  1 
ATOM 793  H HG2  . PRO A 1 50 ? 13.636  -3.510  -6.308  1.00 0.59  ? 50 PRO A HG2  1 
ATOM 794  H HG3  . PRO A 1 50 ? 14.453  -2.374  -5.229  1.00 0.54  ? 50 PRO A HG3  1 
ATOM 795  H HD2  . PRO A 1 50 ? 11.693  -3.159  -5.182  1.00 0.43  ? 50 PRO A HD2  1 
ATOM 796  H HD3  . PRO A 1 50 ? 12.508  -1.983  -4.128  1.00 0.39  ? 50 PRO A HD3  1 
ATOM 797  N N    . HIS A 1 51 ? 10.445  -2.306  -8.018  1.00 0.47  ? 51 HIS A N    1 
ATOM 798  C CA   . HIS A 1 51 ? 9.705   -3.068  -9.070  1.00 0.52  ? 51 HIS A CA   1 
ATOM 799  C C    . HIS A 1 51 ? 8.202   -2.985  -8.804  1.00 0.45  ? 51 HIS A C    1 
ATOM 800  O O    . HIS A 1 51 ? 7.766   -2.386  -7.839  1.00 0.43  ? 51 HIS A O    1 
ATOM 801  C CB   . HIS A 1 51 ? 10.156  -4.535  -9.054  1.00 0.56  ? 51 HIS A CB   1 
ATOM 802  C CG   . HIS A 1 51 ? 11.663  -4.601  -9.027  1.00 0.64  ? 51 HIS A CG   1 
ATOM 803  N ND1  . HIS A 1 51 ? 12.438  -4.251  -10.121 1.00 0.75  ? 51 HIS A ND1  1 
ATOM 804  C CD2  . HIS A 1 51 ? 12.548  -4.949  -8.037  1.00 0.64  ? 51 HIS A CD2  1 
ATOM 805  C CE1  . HIS A 1 51 ? 13.728  -4.392  -9.765  1.00 0.80  ? 51 HIS A CE1  1 
ATOM 806  N NE2  . HIS A 1 51 ? 13.851  -4.816  -8.506  1.00 0.74  ? 51 HIS A NE2  1 
ATOM 807  H H    . HIS A 1 51 ? 10.101  -2.282  -7.098  1.00 0.40  ? 51 HIS A H    1 
ATOM 808  H HA   . HIS A 1 51 ? 9.921   -2.639  -10.038 1.00 0.60  ? 51 HIS A HA   1 
ATOM 809  H HB2  . HIS A 1 51 ? 9.759   -5.023  -8.175  1.00 0.51  ? 51 HIS A HB2  1 
ATOM 810  H HB3  . HIS A 1 51 ? 9.790   -5.034  -9.939  1.00 0.62  ? 51 HIS A HB3  1 
ATOM 811  H HD1  . HIS A 1 51 ? 12.107  -3.956  -10.995 1.00 0.79  ? 51 HIS A HD1  1 
ATOM 812  H HD2  . HIS A 1 51 ? 12.274  -5.267  -7.042  1.00 0.59  ? 51 HIS A HD2  1 
ATOM 813  H HE1  . HIS A 1 51 ? 14.563  -4.177  -10.415 1.00 0.88  ? 51 HIS A HE1  1 
ATOM 814  N N    . LYS A 1 52 ? 7.408   -3.579  -9.659  1.00 0.46  ? 52 LYS A N    1 
ATOM 815  C CA   . LYS A 1 52 ? 5.929   -3.538  -9.469  1.00 0.43  ? 52 LYS A CA   1 
ATOM 816  C C    . LYS A 1 52 ? 5.445   -4.890  -8.944  1.00 0.40  ? 52 LYS A C    1 
ATOM 817  O O    . LYS A 1 52 ? 5.955   -5.929  -9.319  1.00 0.56  ? 52 LYS A O    1 
ATOM 818  C CB   . LYS A 1 52 ? 5.251   -3.240  -10.808 1.00 0.53  ? 52 LYS A CB   1 
ATOM 819  C CG   . LYS A 1 52 ? 5.055   -1.731  -10.957 1.00 1.48  ? 52 LYS A CG   1 
ATOM 820  C CD   . LYS A 1 52 ? 4.017   -1.455  -12.047 1.00 1.86  ? 52 LYS A CD   1 
ATOM 821  C CE   . LYS A 1 52 ? 4.572   -1.893  -13.403 1.00 2.87  ? 52 LYS A CE   1 
ATOM 822  N NZ   . LYS A 1 52 ? 3.744   -1.302  -14.493 1.00 3.43  ? 52 LYS A NZ   1 
ATOM 823  H H    . LYS A 1 52 ? 7.788   -4.050  -10.429 1.00 0.51  ? 52 LYS A H    1 
ATOM 824  H HA   . LYS A 1 52 ? 5.678   -2.764  -8.758  1.00 0.42  ? 52 LYS A HA   1 
ATOM 825  H HB2  . LYS A 1 52 ? 5.870   -3.606  -11.614 1.00 1.16  ? 52 LYS A HB2  1 
ATOM 826  H HB3  . LYS A 1 52 ? 4.289   -3.731  -10.842 1.00 1.22  ? 52 LYS A HB3  1 
ATOM 827  H HG2  . LYS A 1 52 ? 4.713   -1.318  -10.019 1.00 2.15  ? 52 LYS A HG2  1 
ATOM 828  H HG3  . LYS A 1 52 ? 5.993   -1.272  -11.231 1.00 2.13  ? 52 LYS A HG3  1 
ATOM 829  H HD2  . LYS A 1 52 ? 3.114   -2.008  -11.831 1.00 2.00  ? 52 LYS A HD2  1 
ATOM 830  H HD3  . LYS A 1 52 ? 3.796   -0.398  -12.075 1.00 2.12  ? 52 LYS A HD3  1 
ATOM 831  H HE2  . LYS A 1 52 ? 5.592   -1.552  -13.502 1.00 3.39  ? 52 LYS A HE2  1 
ATOM 832  H HE3  . LYS A 1 52 ? 4.544   -2.970  -13.473 1.00 3.27  ? 52 LYS A HE3  1 
ATOM 833  H HZ1  . LYS A 1 52 ? 4.306   -1.245  -15.364 1.00 3.79  ? 52 LYS A HZ1  1 
ATOM 834  H HZ2  . LYS A 1 52 ? 3.435   -0.349  -14.215 1.00 3.67  ? 52 LYS A HZ2  1 
ATOM 835  H HZ3  . LYS A 1 52 ? 2.912   -1.903  -14.659 1.00 3.75  ? 52 LYS A HZ3  1 
ATOM 836  N N    . ILE A 1 53 ? 4.463   -4.881  -8.078  1.00 0.44  ? 53 ILE A N    1 
ATOM 837  C CA   . ILE A 1 53 ? 3.938   -6.162  -7.522  1.00 0.49  ? 53 ILE A CA   1 
ATOM 838  C C    . ILE A 1 53 ? 3.026   -6.826  -8.556  1.00 0.47  ? 53 ILE A C    1 
ATOM 839  O O    . ILE A 1 53 ? 1.996   -6.290  -8.921  1.00 0.68  ? 53 ILE A O    1 
ATOM 840  C CB   . ILE A 1 53 ? 3.143   -5.878  -6.245  1.00 0.60  ? 53 ILE A CB   1 
ATOM 841  C CG1  . ILE A 1 53 ? 4.008   -5.071  -5.274  1.00 0.86  ? 53 ILE A CG1  1 
ATOM 842  C CG2  . ILE A 1 53 ? 2.742   -7.201  -5.591  1.00 1.12  ? 53 ILE A CG2  1 
ATOM 843  C CD1  . ILE A 1 53 ? 3.121   -4.460  -4.187  1.00 1.10  ? 53 ILE A CD1  1 
ATOM 844  H H    . ILE A 1 53 ? 4.072   -4.030  -7.794  1.00 0.58  ? 53 ILE A H    1 
ATOM 845  H HA   . ILE A 1 53 ? 4.762   -6.821  -7.293  1.00 0.61  ? 53 ILE A HA   1 
ATOM 846  H HB   . ILE A 1 53 ? 2.254   -5.316  -6.493  1.00 1.13  ? 53 ILE A HB   1 
ATOM 847  H HG12 . ILE A 1 53 ? 4.739   -5.723  -4.818  1.00 1.17  ? 53 ILE A HG12 1 
ATOM 848  H HG13 . ILE A 1 53 ? 4.512   -4.282  -5.810  1.00 1.40  ? 53 ILE A HG13 1 
ATOM 849  H HG21 . ILE A 1 53 ? 1.931   -7.030  -4.900  1.00 1.73  ? 53 ILE A HG21 1 
ATOM 850  H HG22 . ILE A 1 53 ? 3.588   -7.610  -5.058  1.00 1.45  ? 53 ILE A HG22 1 
ATOM 851  H HG23 . ILE A 1 53 ? 2.424   -7.898  -6.352  1.00 1.74  ? 53 ILE A HG23 1 
ATOM 852  H HD11 . ILE A 1 53 ? 3.513   -3.494  -3.904  1.00 1.65  ? 53 ILE A HD11 1 
ATOM 853  H HD12 . ILE A 1 53 ? 3.110   -5.109  -3.324  1.00 1.49  ? 53 ILE A HD12 1 
ATOM 854  H HD13 . ILE A 1 53 ? 2.116   -4.345  -4.564  1.00 1.56  ? 53 ILE A HD13 1 
ATOM 855  N N    . LYS A 1 54 ? 3.399   -7.987  -9.028  1.00 0.55  ? 54 LYS A N    1 
ATOM 856  C CA   . LYS A 1 54 ? 2.563   -8.695  -10.040 1.00 0.67  ? 54 LYS A CA   1 
ATOM 857  C C    . LYS A 1 54 ? 1.286   -9.214  -9.377  1.00 0.47  ? 54 LYS A C    1 
ATOM 858  O O    . LYS A 1 54 ? 0.192   -8.798  -9.710  1.00 0.70  ? 54 LYS A O    1 
ATOM 859  C CB   . LYS A 1 54 ? 3.351   -9.873  -10.620 1.00 1.06  ? 54 LYS A CB   1 
ATOM 860  C CG   . LYS A 1 54 ? 4.441   -9.348  -11.556 1.00 1.39  ? 54 LYS A CG   1 
ATOM 861  C CD   . LYS A 1 54 ? 4.713   -10.379 -12.652 1.00 2.11  ? 54 LYS A CD   1 
ATOM 862  C CE   . LYS A 1 54 ? 5.396   -9.695  -13.838 1.00 2.47  ? 54 LYS A CE   1 
ATOM 863  N NZ   . LYS A 1 54 ? 5.421   -10.626 -15.001 1.00 3.12  ? 54 LYS A NZ   1 
ATOM 864  H H    . LYS A 1 54 ? 4.234   -8.393  -8.715  1.00 0.72  ? 54 LYS A H    1 
ATOM 865  H HA   . LYS A 1 54 ? 2.303   -8.010  -10.834 1.00 0.82  ? 54 LYS A HA   1 
ATOM 866  H HB2  . LYS A 1 54 ? 3.804   -10.432 -9.814  1.00 1.46  ? 54 LYS A HB2  1 
ATOM 867  H HB3  . LYS A 1 54 ? 2.683   -10.516 -11.173 1.00 1.71  ? 54 LYS A HB3  1 
ATOM 868  H HG2  . LYS A 1 54 ? 4.113   -8.421  -12.004 1.00 1.94  ? 54 LYS A HG2  1 
ATOM 869  H HG3  . LYS A 1 54 ? 5.346   -9.175  -10.993 1.00 1.77  ? 54 LYS A HG3  1 
ATOM 870  H HD2  . LYS A 1 54 ? 5.357   -11.155 -12.264 1.00 2.60  ? 54 LYS A HD2  1 
ATOM 871  H HD3  . LYS A 1 54 ? 3.780   -10.813 -12.978 1.00 2.63  ? 54 LYS A HD3  1 
ATOM 872  H HE2  . LYS A 1 54 ? 4.849   -8.803  -14.103 1.00 2.77  ? 54 LYS A HE2  1 
ATOM 873  H HE3  . LYS A 1 54 ? 6.407   -9.430  -13.568 1.00 2.75  ? 54 LYS A HE3  1 
ATOM 874  H HZ1  . LYS A 1 54 ? 5.594   -10.088 -15.874 1.00 3.68  ? 54 LYS A HZ1  1 
ATOM 875  H HZ2  . LYS A 1 54 ? 4.506   -11.118 -15.071 1.00 3.34  ? 54 LYS A HZ2  1 
ATOM 876  H HZ3  . LYS A 1 54 ? 6.181   -11.324 -14.871 1.00 3.39  ? 54 LYS A HZ3  1 
ATOM 877  N N    . SER A 1 55 ? 1.420   -10.119 -8.441  1.00 0.53  ? 55 SER A N    1 
ATOM 878  C CA   . SER A 1 55 ? 0.218   -10.672 -7.750  1.00 0.51  ? 55 SER A CA   1 
ATOM 879  C C    . SER A 1 55 ? 0.283   -10.329 -6.261  1.00 0.45  ? 55 SER A C    1 
ATOM 880  O O    . SER A 1 55 ? 1.223   -9.712  -5.798  1.00 0.40  ? 55 SER A O    1 
ATOM 881  C CB   . SER A 1 55 ? 0.186   -12.191 -7.921  1.00 0.73  ? 55 SER A CB   1 
ATOM 882  O OG   . SER A 1 55 ? 0.055   -12.504 -9.302  1.00 1.48  ? 55 SER A OG   1 
ATOM 883  H H    . SER A 1 55 ? 2.313   -10.436 -8.194  1.00 0.84  ? 55 SER A H    1 
ATOM 884  H HA   . SER A 1 55 ? -0.674  -10.243 -8.180  1.00 0.60  ? 55 SER A HA   1 
ATOM 885  H HB2  . SER A 1 55 ? 1.101   -12.617 -7.546  1.00 1.36  ? 55 SER A HB2  1 
ATOM 886  H HB3  . SER A 1 55 ? -0.651  -12.597 -7.368  1.00 1.29  ? 55 SER A HB3  1 
ATOM 887  H HG   . SER A 1 55 ? 0.937   -12.618 -9.665  1.00 1.87  ? 55 SER A HG   1 
ATOM 888  N N    . GLY A 1 56 ? -0.714  -10.726 -5.509  1.00 0.48  ? 56 GLY A N    1 
ATOM 889  C CA   . GLY A 1 56 ? -0.723  -10.428 -4.046  1.00 0.48  ? 56 GLY A CA   1 
ATOM 890  C C    . GLY A 1 56 ? 0.475   -11.104 -3.374  1.00 0.45  ? 56 GLY A C    1 
ATOM 891  O O    . GLY A 1 56 ? 0.986   -10.630 -2.378  1.00 0.44  ? 56 GLY A O    1 
ATOM 892  H H    . GLY A 1 56 ? -1.458  -11.221 -5.910  1.00 0.53  ? 56 GLY A H    1 
ATOM 893  H HA2  . GLY A 1 56 ? -0.664  -9.359  -3.896  1.00 0.48  ? 56 GLY A HA2  1 
ATOM 894  H HA3  . GLY A 1 56 ? -1.635  -10.804 -3.608  1.00 0.55  ? 56 GLY A HA3  1 
ATOM 895  N N    . ALA A 1 57 ? 0.925   -12.210 -3.914  1.00 0.48  ? 57 ALA A N    1 
ATOM 896  C CA   . ALA A 1 57 ? 2.089   -12.925 -3.312  1.00 0.52  ? 57 ALA A CA   1 
ATOM 897  C C    . ALA A 1 57 ? 3.324   -12.022 -3.364  1.00 0.45  ? 57 ALA A C    1 
ATOM 898  O O    . ALA A 1 57 ? 4.104   -11.970 -2.431  1.00 0.47  ? 57 ALA A O    1 
ATOM 899  C CB   . ALA A 1 57 ? 2.362   -14.208 -4.100  1.00 0.63  ? 57 ALA A CB   1 
ATOM 900  H H    . ALA A 1 57 ? 0.494   -12.572 -4.716  1.00 0.51  ? 57 ALA A H    1 
ATOM 901  H HA   . ALA A 1 57 ? 1.869   -13.173 -2.285  1.00 0.55  ? 57 ALA A HA   1 
ATOM 902  H HB1  . ALA A 1 57 ? 1.680   -14.980 -3.777  1.00 1.26  ? 57 ALA A HB1  1 
ATOM 903  H HB2  . ALA A 1 57 ? 3.378   -14.530 -3.923  1.00 1.10  ? 57 ALA A HB2  1 
ATOM 904  H HB3  . ALA A 1 57 ? 2.222   -14.021 -5.153  1.00 1.27  ? 57 ALA A HB3  1 
ATOM 905  N N    . GLU A 1 58 ? 3.504   -11.313 -4.449  1.00 0.42  ? 58 GLU A N    1 
ATOM 906  C CA   . GLU A 1 58 ? 4.685   -10.408 -4.572  1.00 0.42  ? 58 GLU A CA   1 
ATOM 907  C C    . GLU A 1 58 ? 4.632   -9.326  -3.485  1.00 0.34  ? 58 GLU A C    1 
ATOM 908  O O    . GLU A 1 58 ? 5.637   -8.720  -3.160  1.00 0.36  ? 58 GLU A O    1 
ATOM 909  C CB   . GLU A 1 58 ? 4.679   -9.748  -5.953  1.00 0.47  ? 58 GLU A CB   1 
ATOM 910  C CG   . GLU A 1 58 ? 5.203   -10.741 -6.996  1.00 0.77  ? 58 GLU A CG   1 
ATOM 911  C CD   . GLU A 1 58 ? 6.028   -9.996  -8.048  1.00 1.18  ? 58 GLU A CD   1 
ATOM 912  O OE1  . GLU A 1 58 ? 6.711   -9.054  -7.681  1.00 1.90  ? 58 GLU A OE1  1 
ATOM 913  O OE2  . GLU A 1 58 ? 5.965   -10.383 -9.203  1.00 1.68  ? 58 GLU A OE2  1 
ATOM 914  H H    . GLU A 1 58 ? 2.860   -11.375 -5.184  1.00 0.43  ? 58 GLU A H    1 
ATOM 915  H HA   . GLU A 1 58 ? 5.590   -10.986 -4.456  1.00 0.47  ? 58 GLU A HA   1 
ATOM 916  H HB2  . GLU A 1 58 ? 3.671   -9.454  -6.207  1.00 0.62  ? 58 GLU A HB2  1 
ATOM 917  H HB3  . GLU A 1 58 ? 5.315   -8.876  -5.938  1.00 0.58  ? 58 GLU A HB3  1 
ATOM 918  H HG2  . GLU A 1 58 ? 5.823   -11.480 -6.510  1.00 1.37  ? 58 GLU A HG2  1 
ATOM 919  H HG3  . GLU A 1 58 ? 4.368   -11.230 -7.476  1.00 1.24  ? 58 GLU A HG3  1 
ATOM 920  N N    . ALA A 1 59 ? 3.474   -9.076  -2.923  1.00 0.31  ? 59 ALA A N    1 
ATOM 921  C CA   . ALA A 1 59 ? 3.362   -8.035  -1.859  1.00 0.31  ? 59 ALA A CA   1 
ATOM 922  C C    . ALA A 1 59 ? 3.607   -8.675  -0.490  1.00 0.32  ? 59 ALA A C    1 
ATOM 923  O O    . ALA A 1 59 ? 4.084   -8.032  0.427   1.00 0.37  ? 59 ALA A O    1 
ATOM 924  C CB   . ALA A 1 59 ? 1.961   -7.421  -1.891  1.00 0.35  ? 59 ALA A CB   1 
ATOM 925  H H    . ALA A 1 59 ? 2.676   -9.572  -3.200  1.00 0.33  ? 59 ALA A H    1 
ATOM 926  H HA   . ALA A 1 59 ? 4.097   -7.263  -2.032  1.00 0.34  ? 59 ALA A HA   1 
ATOM 927  H HB1  . ALA A 1 59 ? 1.971   -6.533  -2.506  1.00 1.01  ? 59 ALA A HB1  1 
ATOM 928  H HB2  . ALA A 1 59 ? 1.658   -7.162  -0.888  1.00 1.13  ? 59 ALA A HB2  1 
ATOM 929  H HB3  . ALA A 1 59 ? 1.264   -8.136  -2.305  1.00 1.09  ? 59 ALA A HB3  1 
ATOM 930  N N    . LYS A 1 60 ? 3.281   -9.935  -0.345  1.00 0.32  ? 60 LYS A N    1 
ATOM 931  C CA   . LYS A 1 60 ? 3.488   -10.624 0.963   1.00 0.37  ? 60 LYS A CA   1 
ATOM 932  C C    . LYS A 1 60 ? 4.972   -10.952 1.144   1.00 0.32  ? 60 LYS A C    1 
ATOM 933  O O    . LYS A 1 60 ? 5.498   -10.894 2.240   1.00 0.35  ? 60 LYS A O    1 
ATOM 934  C CB   . LYS A 1 60 ? 2.675   -11.921 0.989   1.00 0.48  ? 60 LYS A CB   1 
ATOM 935  C CG   . LYS A 1 60 ? 2.657   -12.483 2.412   1.00 1.06  ? 60 LYS A CG   1 
ATOM 936  C CD   . LYS A 1 60 ? 2.614   -14.011 2.356   1.00 1.49  ? 60 LYS A CD   1 
ATOM 937  C CE   . LYS A 1 60 ? 1.827   -14.545 3.555   1.00 1.92  ? 60 LYS A CE   1 
ATOM 938  N NZ   . LYS A 1 60 ? 2.380   -15.867 3.964   1.00 2.51  ? 60 LYS A NZ   1 
ATOM 939  H H    . LYS A 1 60 ? 2.897   -10.429 -1.100  1.00 0.33  ? 60 LYS A H    1 
ATOM 940  H HA   . LYS A 1 60 ? 3.161   -9.979  1.765   1.00 0.43  ? 60 LYS A HA   1 
ATOM 941  H HB2  . LYS A 1 60 ? 1.663   -11.717 0.668   1.00 1.04  ? 60 LYS A HB2  1 
ATOM 942  H HB3  . LYS A 1 60 ? 3.125   -12.642 0.324   1.00 0.74  ? 60 LYS A HB3  1 
ATOM 943  H HG2  . LYS A 1 60 ? 3.547   -12.165 2.936   1.00 1.50  ? 60 LYS A HG2  1 
ATOM 944  H HG3  . LYS A 1 60 ? 1.783   -12.120 2.932   1.00 1.63  ? 60 LYS A HG3  1 
ATOM 945  H HD2  . LYS A 1 60 ? 2.135   -14.325 1.441   1.00 1.97  ? 60 LYS A HD2  1 
ATOM 946  H HD3  . LYS A 1 60 ? 3.621   -14.401 2.388   1.00 2.04  ? 60 LYS A HD3  1 
ATOM 947  H HE2  . LYS A 1 60 ? 1.909   -13.850 4.378   1.00 2.28  ? 60 LYS A HE2  1 
ATOM 948  H HE3  . LYS A 1 60 ? 0.788   -14.658 3.281   1.00 2.39  ? 60 LYS A HE3  1 
ATOM 949  H HZ1  . LYS A 1 60 ? 1.893   -16.196 4.821   1.00 2.87  ? 60 LYS A HZ1  1 
ATOM 950  H HZ2  . LYS A 1 60 ? 3.399   -15.772 4.156   1.00 2.86  ? 60 LYS A HZ2  1 
ATOM 951  H HZ3  . LYS A 1 60 ? 2.234   -16.556 3.199   1.00 2.88  ? 60 LYS A HZ3  1 
ATOM 952  N N    . LYS A 1 61 ? 5.650   -11.294 0.077   1.00 0.30  ? 61 LYS A N    1 
ATOM 953  C CA   . LYS A 1 61 ? 7.103   -11.628 0.178   1.00 0.34  ? 61 LYS A CA   1 
ATOM 954  C C    . LYS A 1 61 ? 7.882   -10.417 0.707   1.00 0.35  ? 61 LYS A C    1 
ATOM 955  O O    . LYS A 1 61 ? 8.933   -10.558 1.303   1.00 0.41  ? 61 LYS A O    1 
ATOM 956  C CB   . LYS A 1 61 ? 7.637   -12.014 -1.206  1.00 0.42  ? 61 LYS A CB   1 
ATOM 957  C CG   . LYS A 1 61 ? 7.424   -10.857 -2.188  1.00 0.42  ? 61 LYS A CG   1 
ATOM 958  C CD   . LYS A 1 61 ? 7.949   -11.255 -3.569  1.00 0.46  ? 61 LYS A CD   1 
ATOM 959  C CE   . LYS A 1 61 ? 8.047   -10.013 -4.456  1.00 0.86  ? 61 LYS A CE   1 
ATOM 960  N NZ   . LYS A 1 61 ? 8.695   -10.376 -5.749  1.00 1.19  ? 61 LYS A NZ   1 
ATOM 961  H H    . LYS A 1 61 ? 5.201   -11.333 -0.793  1.00 0.32  ? 61 LYS A H    1 
ATOM 962  H HA   . LYS A 1 61 ? 7.232   -12.459 0.856   1.00 0.37  ? 61 LYS A HA   1 
ATOM 963  H HB2  . LYS A 1 61 ? 8.692   -12.236 -1.135  1.00 0.47  ? 61 LYS A HB2  1 
ATOM 964  H HB3  . LYS A 1 61 ? 7.110   -12.886 -1.564  1.00 0.46  ? 61 LYS A HB3  1 
ATOM 965  H HG2  . LYS A 1 61 ? 6.370   -10.629 -2.253  1.00 0.45  ? 61 LYS A HG2  1 
ATOM 966  H HG3  . LYS A 1 61 ? 7.959   -9.985  -1.839  1.00 0.41  ? 61 LYS A HG3  1 
ATOM 967  H HD2  . LYS A 1 61 ? 8.927   -11.703 -3.466  1.00 0.69  ? 61 LYS A HD2  1 
ATOM 968  H HD3  . LYS A 1 61 ? 7.273   -11.965 -4.021  1.00 0.69  ? 61 LYS A HD3  1 
ATOM 969  H HE2  . LYS A 1 61 ? 7.058   -9.626  -4.645  1.00 1.15  ? 61 LYS A HE2  1 
ATOM 970  H HE3  . LYS A 1 61 ? 8.639   -9.259  -3.956  1.00 1.18  ? 61 LYS A HE3  1 
ATOM 971  H HZ1  . LYS A 1 61 ? 8.747   -9.535  -6.358  1.00 1.52  ? 61 LYS A HZ1  1 
ATOM 972  H HZ2  . LYS A 1 61 ? 8.134   -11.113 -6.222  1.00 1.55  ? 61 LYS A HZ2  1 
ATOM 973  H HZ3  . LYS A 1 61 ? 9.655   -10.731 -5.569  1.00 1.79  ? 61 LYS A HZ3  1 
ATOM 974  N N    . LEU A 1 62 ? 7.373   -9.230  0.485   1.00 0.36  ? 62 LEU A N    1 
ATOM 975  C CA   . LEU A 1 62 ? 8.078   -8.005  0.963   1.00 0.47  ? 62 LEU A CA   1 
ATOM 976  C C    . LEU A 1 62 ? 8.205   -8.047  2.497   1.00 0.44  ? 62 LEU A C    1 
ATOM 977  O O    . LEU A 1 62 ? 7.332   -8.569  3.164   1.00 0.44  ? 62 LEU A O    1 
ATOM 978  C CB   . LEU A 1 62 ? 7.280   -6.765  0.551   1.00 0.63  ? 62 LEU A CB   1 
ATOM 979  C CG   . LEU A 1 62 ? 7.117   -6.732  -0.973  1.00 0.67  ? 62 LEU A CG   1 
ATOM 980  C CD1  . LEU A 1 62 ? 6.084   -5.670  -1.352  1.00 0.78  ? 62 LEU A CD1  1 
ATOM 981  C CD2  . LEU A 1 62 ? 8.460   -6.394  -1.629  1.00 0.74  ? 62 LEU A CD2  1 
ATOM 982  H H    . LEU A 1 62 ? 6.528   -9.145  -0.001  1.00 0.33  ? 62 LEU A H    1 
ATOM 983  H HA   . LEU A 1 62 ? 9.061   -7.965  0.519   1.00 0.53  ? 62 LEU A HA   1 
ATOM 984  H HB2  . LEU A 1 62 ? 6.305   -6.796  1.016   1.00 0.63  ? 62 LEU A HB2  1 
ATOM 985  H HB3  . LEU A 1 62 ? 7.803   -5.880  0.874   1.00 0.78  ? 62 LEU A HB3  1 
ATOM 986  H HG   . LEU A 1 62 ? 6.780   -7.698  -1.319  1.00 0.64  ? 62 LEU A HG   1 
ATOM 987  H HD11 . LEU A 1 62 ? 5.333   -5.605  -0.579  1.00 1.33  ? 62 LEU A HD11 1 
ATOM 988  H HD12 . LEU A 1 62 ? 5.616   -5.939  -2.287  1.00 1.29  ? 62 LEU A HD12 1 
ATOM 989  H HD13 . LEU A 1 62 ? 6.574   -4.713  -1.457  1.00 1.25  ? 62 LEU A HD13 1 
ATOM 990  H HD21 . LEU A 1 62 ? 8.566   -6.960  -2.542  1.00 1.28  ? 62 LEU A HD21 1 
ATOM 991  H HD22 . LEU A 1 62 ? 9.266   -6.643  -0.955  1.00 1.36  ? 62 LEU A HD22 1 
ATOM 992  H HD23 . LEU A 1 62 ? 8.496   -5.338  -1.856  1.00 1.11  ? 62 LEU A HD23 1 
ATOM 993  N N    . PRO A 1 63 ? 9.284   -7.496  3.025   1.00 0.45  ? 63 PRO A N    1 
ATOM 994  C CA   . PRO A 1 63 ? 9.546   -7.461  4.500   1.00 0.49  ? 63 PRO A CA   1 
ATOM 995  C C    . PRO A 1 63 ? 8.740   -6.339  5.153   1.00 0.60  ? 63 PRO A C    1 
ATOM 996  O O    . PRO A 1 63 ? 8.958   -5.170  4.892   1.00 0.66  ? 63 PRO A O    1 
ATOM 997  C CB   . PRO A 1 63 ? 11.041  -7.193  4.596   1.00 0.50  ? 63 PRO A CB   1 
ATOM 998  C CG   . PRO A 1 63 ? 11.457  -6.509  3.308   1.00 0.50  ? 63 PRO A CG   1 
ATOM 999  C CD   . PRO A 1 63 ? 10.394  -6.823  2.253   1.00 0.48  ? 63 PRO A CD   1 
ATOM 1000 H HA   . PRO A 1 63 ? 9.310   -8.411  4.951   1.00 0.47  ? 63 PRO A HA   1 
ATOM 1001 H HB2  . PRO A 1 63 ? 11.245  -6.549  5.441   1.00 0.57  ? 63 PRO A HB2  1 
ATOM 1002 H HB3  . PRO A 1 63 ? 11.577  -8.123  4.702   1.00 0.47  ? 63 PRO A HB3  1 
ATOM 1003 H HG2  . PRO A 1 63 ? 11.518  -5.440  3.464   1.00 0.57  ? 63 PRO A HG2  1 
ATOM 1004 H HG3  . PRO A 1 63 ? 12.413  -6.887  2.983   1.00 0.49  ? 63 PRO A HG3  1 
ATOM 1005 H HD2  . PRO A 1 63 ? 10.041  -5.911  1.792   1.00 0.57  ? 63 PRO A HD2  1 
ATOM 1006 H HD3  . PRO A 1 63 ? 10.788  -7.497  1.509   1.00 0.46  ? 63 PRO A HD3  1 
ATOM 1007 N N    . GLY A 1 64 ? 7.803   -6.691  5.994   1.00 0.65  ? 64 GLY A N    1 
ATOM 1008 C CA   . GLY A 1 64 ? 6.964   -5.658  6.665   1.00 0.78  ? 64 GLY A CA   1 
ATOM 1009 C C    . GLY A 1 64 ? 5.493   -5.876  6.298   1.00 0.70  ? 64 GLY A C    1 
ATOM 1010 O O    . GLY A 1 64 ? 4.602   -5.503  7.038   1.00 0.78  ? 64 GLY A O    1 
ATOM 1011 H H    . GLY A 1 64 ? 7.646   -7.640  6.179   1.00 0.63  ? 64 GLY A H    1 
ATOM 1012 H HA2  . GLY A 1 64 ? 7.086   -5.736  7.737   1.00 0.88  ? 64 GLY A HA2  1 
ATOM 1013 H HA3  . GLY A 1 64 ? 7.271   -4.676  6.340   1.00 0.86  ? 64 GLY A HA3  1 
ATOM 1014 N N    . VAL A 1 65 ? 5.236   -6.476  5.161   1.00 0.56  ? 65 VAL A N    1 
ATOM 1015 C CA   . VAL A 1 65 ? 3.822   -6.718  4.743   1.00 0.49  ? 65 VAL A CA   1 
ATOM 1016 C C    . VAL A 1 65 ? 3.359   -8.074  5.277   1.00 0.47  ? 65 VAL A C    1 
ATOM 1017 O O    . VAL A 1 65 ? 4.085   -9.050  5.230   1.00 0.46  ? 65 VAL A O    1 
ATOM 1018 C CB   . VAL A 1 65 ? 3.731   -6.716  3.215   1.00 0.44  ? 65 VAL A CB   1 
ATOM 1019 C CG1  . VAL A 1 65 ? 2.262   -6.777  2.793   1.00 0.44  ? 65 VAL A CG1  1 
ATOM 1020 C CG2  . VAL A 1 65 ? 4.367   -5.437  2.665   1.00 0.58  ? 65 VAL A CG2  1 
ATOM 1021 H H    . VAL A 1 65 ? 5.968   -6.764  4.581   1.00 0.52  ? 65 VAL A H    1 
ATOM 1022 H HA   . VAL A 1 65 ? 3.190   -5.939  5.142   1.00 0.58  ? 65 VAL A HA   1 
ATOM 1023 H HB   . VAL A 1 65 ? 4.253   -7.578  2.823   1.00 0.40  ? 65 VAL A HB   1 
ATOM 1024 H HG11 . VAL A 1 65 ? 1.862   -5.775  2.734   1.00 1.14  ? 65 VAL A HG11 1 
ATOM 1025 H HG12 . VAL A 1 65 ? 1.701   -7.345  3.519   1.00 1.09  ? 65 VAL A HG12 1 
ATOM 1026 H HG13 . VAL A 1 65 ? 2.185   -7.252  1.826   1.00 1.06  ? 65 VAL A HG13 1 
ATOM 1027 H HG21 . VAL A 1 65 ? 5.395   -5.632  2.400   1.00 1.07  ? 65 VAL A HG21 1 
ATOM 1028 H HG22 . VAL A 1 65 ? 4.330   -4.664  3.418   1.00 1.31  ? 65 VAL A HG22 1 
ATOM 1029 H HG23 . VAL A 1 65 ? 3.825   -5.112  1.789   1.00 1.16  ? 65 VAL A HG23 1 
ATOM 1030 N N    . GLY A 1 66 ? 2.155   -8.139  5.784   1.00 0.52  ? 66 GLY A N    1 
ATOM 1031 C CA   . GLY A 1 66 ? 1.631   -9.429  6.325   1.00 0.59  ? 66 GLY A CA   1 
ATOM 1032 C C    . GLY A 1 66 ? 0.645   -10.038 5.329   1.00 0.45  ? 66 GLY A C    1 
ATOM 1033 O O    . GLY A 1 66 ? 0.818   -9.931  4.129   1.00 0.40  ? 66 GLY A O    1 
ATOM 1034 H H    . GLY A 1 66 ? 1.592   -7.337  5.809   1.00 0.56  ? 66 GLY A H    1 
ATOM 1035 H HA2  . GLY A 1 66 ? 2.454   -10.112 6.484   1.00 0.70  ? 66 GLY A HA2  1 
ATOM 1036 H HA3  . GLY A 1 66 ? 1.127   -9.248  7.261   1.00 0.69  ? 66 GLY A HA3  1 
ATOM 1037 N N    . THR A 1 67 ? -0.388  -10.676 5.818   1.00 0.47  ? 67 THR A N    1 
ATOM 1038 C CA   . THR A 1 67 ? -1.394  -11.296 4.907   1.00 0.44  ? 67 THR A CA   1 
ATOM 1039 C C    . THR A 1 67 ? -2.606  -10.371 4.774   1.00 0.34  ? 67 THR A C    1 
ATOM 1040 O O    . THR A 1 67 ? -3.278  -10.359 3.760   1.00 0.41  ? 67 THR A O    1 
ATOM 1041 C CB   . THR A 1 67 ? -1.839  -12.643 5.482   1.00 0.60  ? 67 THR A CB   1 
ATOM 1042 O OG1  . THR A 1 67 ? -2.372  -12.447 6.783   1.00 1.50  ? 67 THR A OG1  1 
ATOM 1043 C CG2  . THR A 1 67 ? -0.641  -13.590 5.556   1.00 1.55  ? 67 THR A CG2  1 
ATOM 1044 H H    . THR A 1 67 ? -0.502  -10.746 6.789   1.00 0.55  ? 67 THR A H    1 
ATOM 1045 H HA   . THR A 1 67 ? -0.950  -11.449 3.934   1.00 0.46  ? 67 THR A HA   1 
ATOM 1046 H HB   . THR A 1 67 ? -2.595  -13.075 4.843   1.00 1.11  ? 67 THR A HB   1 
ATOM 1047 H HG1  . THR A 1 67 ? -3.291  -12.724 6.772   1.00 1.79  ? 67 THR A HG1  1 
ATOM 1048 H HG21 . THR A 1 67 ? -0.599  -14.190 4.658   1.00 2.15  ? 67 THR A HG21 1 
ATOM 1049 H HG22 . THR A 1 67 ? -0.745  -14.235 6.415   1.00 2.00  ? 67 THR A HG22 1 
ATOM 1050 H HG23 . THR A 1 67 ? 0.269   -13.014 5.645   1.00 2.17  ? 67 THR A HG23 1 
ATOM 1051 N N    . LYS A 1 68 ? -2.889  -9.599  5.794   1.00 0.31  ? 68 LYS A N    1 
ATOM 1052 C CA   . LYS A 1 68 ? -4.059  -8.674  5.735   1.00 0.32  ? 68 LYS A CA   1 
ATOM 1053 C C    . LYS A 1 68 ? -3.806  -7.594  4.680   1.00 0.26  ? 68 LYS A C    1 
ATOM 1054 O O    . LYS A 1 68 ? -4.497  -7.518  3.682   1.00 0.28  ? 68 LYS A O    1 
ATOM 1055 C CB   . LYS A 1 68 ? -4.254  -8.014  7.102   1.00 0.45  ? 68 LYS A CB   1 
ATOM 1056 C CG   . LYS A 1 68 ? -5.729  -7.645  7.285   1.00 1.23  ? 68 LYS A CG   1 
ATOM 1057 C CD   . LYS A 1 68 ? -5.994  -7.317  8.755   1.00 1.62  ? 68 LYS A CD   1 
ATOM 1058 C CE   . LYS A 1 68 ? -7.498  -7.379  9.028   1.00 2.43  ? 68 LYS A CE   1 
ATOM 1059 N NZ   . LYS A 1 68 ? -7.741  -7.283  10.496  1.00 2.93  ? 68 LYS A NZ   1 
ATOM 1060 H H    . LYS A 1 68 ? -2.333  -9.630  6.599   1.00 0.40  ? 68 LYS A H    1 
ATOM 1061 H HA   . LYS A 1 68 ? -4.946  -9.230  5.475   1.00 0.38  ? 68 LYS A HA   1 
ATOM 1062 H HB2  . LYS A 1 68 ? -3.957  -8.703  7.880   1.00 1.18  ? 68 LYS A HB2  1 
ATOM 1063 H HB3  . LYS A 1 68 ? -3.652  -7.121  7.161   1.00 1.03  ? 68 LYS A HB3  1 
ATOM 1064 H HG2  . LYS A 1 68 ? -5.961  -6.784  6.675   1.00 1.91  ? 68 LYS A HG2  1 
ATOM 1065 H HG3  . LYS A 1 68 ? -6.348  -8.477  6.986   1.00 1.91  ? 68 LYS A HG3  1 
ATOM 1066 H HD2  . LYS A 1 68 ? -5.484  -8.034  9.382   1.00 1.96  ? 68 LYS A HD2  1 
ATOM 1067 H HD3  . LYS A 1 68 ? -5.632  -6.324  8.975   1.00 2.04  ? 68 LYS A HD3  1 
ATOM 1068 H HE2  . LYS A 1 68 ? -7.989  -6.559  8.527   1.00 2.97  ? 68 LYS A HE2  1 
ATOM 1069 H HE3  . LYS A 1 68 ? -7.893  -8.315  8.659   1.00 2.82  ? 68 LYS A HE3  1 
ATOM 1070 H HZ1  . LYS A 1 68 ? -7.408  -6.361  10.843  1.00 3.30  ? 68 LYS A HZ1  1 
ATOM 1071 H HZ2  . LYS A 1 68 ? -7.227  -8.045  10.982  1.00 3.29  ? 68 LYS A HZ2  1 
ATOM 1072 H HZ3  . LYS A 1 68 ? -8.759  -7.375  10.686  1.00 3.15  ? 68 LYS A HZ3  1 
ATOM 1073 N N    . ILE A 1 69 ? -2.821  -6.759  4.898   1.00 0.25  ? 69 ILE A N    1 
ATOM 1074 C CA   . ILE A 1 69 ? -2.516  -5.677  3.916   1.00 0.22  ? 69 ILE A CA   1 
ATOM 1075 C C    . ILE A 1 69 ? -2.127  -6.295  2.570   1.00 0.19  ? 69 ILE A C    1 
ATOM 1076 O O    . ILE A 1 69 ? -2.559  -5.845  1.525   1.00 0.20  ? 69 ILE A O    1 
ATOM 1077 C CB   . ILE A 1 69 ? -1.360  -4.829  4.453   1.00 0.27  ? 69 ILE A CB   1 
ATOM 1078 C CG1  . ILE A 1 69 ? -1.747  -4.257  5.826   1.00 0.34  ? 69 ILE A CG1  1 
ATOM 1079 C CG2  . ILE A 1 69 ? -1.048  -3.683  3.482   1.00 0.31  ? 69 ILE A CG2  1 
ATOM 1080 C CD1  . ILE A 1 69 ? -2.974  -3.340  5.700   1.00 0.37  ? 69 ILE A CD1  1 
ATOM 1081 H H    . ILE A 1 69 ? -2.281  -6.841  5.714   1.00 0.29  ? 69 ILE A H    1 
ATOM 1082 H HA   . ILE A 1 69 ? -3.389  -5.054  3.785   1.00 0.26  ? 69 ILE A HA   1 
ATOM 1083 H HB   . ILE A 1 69 ? -0.483  -5.452  4.561   1.00 0.27  ? 69 ILE A HB   1 
ATOM 1084 H HG12 . ILE A 1 69 ? -1.978  -5.069  6.500   1.00 0.35  ? 69 ILE A HG12 1 
ATOM 1085 H HG13 . ILE A 1 69 ? -0.921  -3.695  6.223   1.00 0.42  ? 69 ILE A HG13 1 
ATOM 1086 H HG21 . ILE A 1 69 ? -1.940  -3.431  2.924   1.00 1.02  ? 69 ILE A HG21 1 
ATOM 1087 H HG22 . ILE A 1 69 ? -0.271  -3.991  2.798   1.00 1.11  ? 69 ILE A HG22 1 
ATOM 1088 H HG23 . ILE A 1 69 ? -0.717  -2.819  4.037   1.00 1.01  ? 69 ILE A HG23 1 
ATOM 1089 H HD11 . ILE A 1 69 ? -2.725  -2.357  6.067   1.00 1.07  ? 69 ILE A HD11 1 
ATOM 1090 H HD12 . ILE A 1 69 ? -3.787  -3.746  6.283   1.00 1.08  ? 69 ILE A HD12 1 
ATOM 1091 H HD13 . ILE A 1 69 ? -3.272  -3.274  4.664   1.00 1.09  ? 69 ILE A HD13 1 
ATOM 1092 N N    . ALA A 1 70 ? -1.314  -7.320  2.589   1.00 0.19  ? 70 ALA A N    1 
ATOM 1093 C CA   . ALA A 1 70 ? -0.890  -7.971  1.312   1.00 0.22  ? 70 ALA A CA   1 
ATOM 1094 C C    . ALA A 1 70 ? -2.122  -8.494  0.566   1.00 0.25  ? 70 ALA A C    1 
ATOM 1095 O O    . ALA A 1 70 ? -2.170  -8.486  -0.650  1.00 0.26  ? 70 ALA A O    1 
ATOM 1096 C CB   . ALA A 1 70 ? 0.052   -9.136  1.619   1.00 0.25  ? 70 ALA A CB   1 
ATOM 1097 H H    . ALA A 1 70 ? -0.981  -7.659  3.445   1.00 0.21  ? 70 ALA A H    1 
ATOM 1098 H HA   . ALA A 1 70 ? -0.377  -7.249  0.694   1.00 0.23  ? 70 ALA A HA   1 
ATOM 1099 H HB1  . ALA A 1 70 ? -0.480  -9.892  2.178   1.00 1.03  ? 70 ALA A HB1  1 
ATOM 1100 H HB2  . ALA A 1 70 ? 0.888   -8.778  2.203   1.00 1.00  ? 70 ALA A HB2  1 
ATOM 1101 H HB3  . ALA A 1 70 ? 0.413   -9.560  0.695   1.00 0.98  ? 70 ALA A HB3  1 
ATOM 1102 N N    . GLU A 1 71 ? -3.118  -8.943  1.289   1.00 0.33  ? 71 GLU A N    1 
ATOM 1103 C CA   . GLU A 1 71 ? -4.352  -9.463  0.639   1.00 0.39  ? 71 GLU A CA   1 
ATOM 1104 C C    . GLU A 1 71 ? -5.004  -8.351  -0.187  1.00 0.32  ? 71 GLU A C    1 
ATOM 1105 O O    . GLU A 1 71 ? -5.445  -8.569  -1.300  1.00 0.30  ? 71 GLU A O    1 
ATOM 1106 C CB   . GLU A 1 71 ? -5.331  -9.943  1.712   1.00 0.51  ? 71 GLU A CB   1 
ATOM 1107 C CG   . GLU A 1 71 ? -5.114  -11.435 1.971   1.00 0.89  ? 71 GLU A CG   1 
ATOM 1108 C CD   . GLU A 1 71 ? -6.056  -12.250 1.084   1.00 1.46  ? 71 GLU A CD   1 
ATOM 1109 O OE1  . GLU A 1 71 ? -6.204  -11.892 -0.074  1.00 2.21  ? 71 GLU A OE1  1 
ATOM 1110 O OE2  . GLU A 1 71 ? -6.613  -13.218 1.575   1.00 1.92  ? 71 GLU A OE2  1 
ATOM 1111 H H    . GLU A 1 71 ? -3.053  -8.938  2.262   1.00 0.37  ? 71 GLU A H    1 
ATOM 1112 H HA   . GLU A 1 71 ? -4.091  -10.286 -0.003  1.00 0.44  ? 71 GLU A HA   1 
ATOM 1113 H HB2  . GLU A 1 71 ? -5.163  -9.389  2.625   1.00 1.10  ? 71 GLU A HB2  1 
ATOM 1114 H HB3  . GLU A 1 71 ? -6.344  -9.782  1.374   1.00 1.16  ? 71 GLU A HB3  1 
ATOM 1115 H HG2  . GLU A 1 71 ? -4.090  -11.694 1.746   1.00 1.28  ? 71 GLU A HG2  1 
ATOM 1116 H HG3  . GLU A 1 71 ? -5.320  -11.654 3.008   1.00 1.52  ? 71 GLU A HG3  1 
ATOM 1117 N N    . LYS A 1 72 ? -5.063  -7.159  0.353   1.00 0.31  ? 72 LYS A N    1 
ATOM 1118 C CA   . LYS A 1 72 ? -5.679  -6.022  -0.391  1.00 0.27  ? 72 LYS A CA   1 
ATOM 1119 C C    . LYS A 1 72 ? -4.869  -5.747  -1.659  1.00 0.21  ? 72 LYS A C    1 
ATOM 1120 O O    . LYS A 1 72 ? -5.402  -5.320  -2.666  1.00 0.22  ? 72 LYS A O    1 
ATOM 1121 C CB   . LYS A 1 72 ? -5.682  -4.775  0.495   1.00 0.31  ? 72 LYS A CB   1 
ATOM 1122 C CG   . LYS A 1 72 ? -6.998  -4.701  1.272   1.00 0.91  ? 72 LYS A CG   1 
ATOM 1123 C CD   . LYS A 1 72 ? -7.073  -3.374  2.028   1.00 1.10  ? 72 LYS A CD   1 
ATOM 1124 C CE   . LYS A 1 72 ? -8.537  -3.012  2.282   1.00 1.58  ? 72 LYS A CE   1 
ATOM 1125 N NZ   . LYS A 1 72 ? -8.607  -1.769  3.100   1.00 2.05  ? 72 LYS A NZ   1 
ATOM 1126 H H    . LYS A 1 72 ? -4.697  -7.013  1.250   1.00 0.34  ? 72 LYS A H    1 
ATOM 1127 H HA   . LYS A 1 72 ? -6.695  -6.276  -0.659  1.00 0.30  ? 72 LYS A HA   1 
ATOM 1128 H HB2  . LYS A 1 72 ? -4.856  -4.824  1.189   1.00 0.69  ? 72 LYS A HB2  1 
ATOM 1129 H HB3  . LYS A 1 72 ? -5.581  -3.894  -0.122  1.00 0.72  ? 72 LYS A HB3  1 
ATOM 1130 H HG2  . LYS A 1 72 ? -7.827  -4.772  0.582   1.00 1.71  ? 72 LYS A HG2  1 
ATOM 1131 H HG3  . LYS A 1 72 ? -7.045  -5.518  1.977   1.00 1.48  ? 72 LYS A HG3  1 
ATOM 1132 H HD2  . LYS A 1 72 ? -6.555  -3.468  2.972   1.00 1.46  ? 72 LYS A HD2  1 
ATOM 1133 H HD3  . LYS A 1 72 ? -6.609  -2.597  1.438   1.00 1.77  ? 72 LYS A HD3  1 
ATOM 1134 H HE2  . LYS A 1 72 ? -9.037  -2.850  1.338   1.00 2.19  ? 72 LYS A HE2  1 
ATOM 1135 H HE3  . LYS A 1 72 ? -9.020  -3.819  2.812   1.00 2.00  ? 72 LYS A HE3  1 
ATOM 1136 H HZ1  . LYS A 1 72 ? -8.514  -2.010  4.107   1.00 2.47  ? 72 LYS A HZ1  1 
ATOM 1137 H HZ2  . LYS A 1 72 ? -9.521  -1.299  2.938   1.00 2.42  ? 72 LYS A HZ2  1 
ATOM 1138 H HZ3  . LYS A 1 72 ? -7.834  -1.129  2.827   1.00 2.49  ? 72 LYS A HZ3  1 
ATOM 1139 N N    . ILE A 1 73 ? -3.583  -5.994  -1.615  1.00 0.20  ? 73 ILE A N    1 
ATOM 1140 C CA   . ILE A 1 73 ? -2.729  -5.756  -2.814  1.00 0.20  ? 73 ILE A CA   1 
ATOM 1141 C C    . ILE A 1 73 ? -3.169  -6.700  -3.936  1.00 0.21  ? 73 ILE A C    1 
ATOM 1142 O O    . ILE A 1 73 ? -3.305  -6.300  -5.075  1.00 0.21  ? 73 ILE A O    1 
ATOM 1143 C CB   . ILE A 1 73 ? -1.260  -6.027  -2.459  1.00 0.28  ? 73 ILE A CB   1 
ATOM 1144 C CG1  . ILE A 1 73 ? -0.847  -5.165  -1.252  1.00 0.30  ? 73 ILE A CG1  1 
ATOM 1145 C CG2  . ILE A 1 73 ? -0.364  -5.699  -3.661  1.00 0.35  ? 73 ILE A CG2  1 
ATOM 1146 C CD1  . ILE A 1 73 ? -1.023  -3.675  -1.571  1.00 0.37  ? 73 ILE A CD1  1 
ATOM 1147 H H    . ILE A 1 73 ? -3.182  -6.341  -0.791  1.00 0.23  ? 73 ILE A H    1 
ATOM 1148 H HA   . ILE A 1 73 ? -2.839  -4.732  -3.139  1.00 0.20  ? 73 ILE A HA   1 
ATOM 1149 H HB   . ILE A 1 73 ? -1.145  -7.071  -2.208  1.00 0.33  ? 73 ILE A HB   1 
ATOM 1150 H HG12 . ILE A 1 73 ? -1.460  -5.424  -0.402  1.00 0.55  ? 73 ILE A HG12 1 
ATOM 1151 H HG13 . ILE A 1 73 ? 0.189   -5.358  -1.015  1.00 0.48  ? 73 ILE A HG13 1 
ATOM 1152 H HG21 . ILE A 1 73 ? 0.407   -6.450  -3.747  1.00 1.09  ? 73 ILE A HG21 1 
ATOM 1153 H HG22 . ILE A 1 73 ? 0.091   -4.730  -3.521  1.00 0.98  ? 73 ILE A HG22 1 
ATOM 1154 H HG23 . ILE A 1 73 ? -0.959  -5.690  -4.562  1.00 1.05  ? 73 ILE A HG23 1 
ATOM 1155 H HD11 . ILE A 1 73 ? -0.518  -3.084  -0.822  1.00 1.07  ? 73 ILE A HD11 1 
ATOM 1156 H HD12 . ILE A 1 73 ? -2.075  -3.429  -1.572  1.00 1.14  ? 73 ILE A HD12 1 
ATOM 1157 H HD13 . ILE A 1 73 ? -0.602  -3.462  -2.542  1.00 1.02  ? 73 ILE A HD13 1 
ATOM 1158 N N    . ASP A 1 74 ? -3.399  -7.951  -3.616  1.00 0.26  ? 74 ASP A N    1 
ATOM 1159 C CA   . ASP A 1 74 ? -3.838  -8.936  -4.653  1.00 0.30  ? 74 ASP A CA   1 
ATOM 1160 C C    . ASP A 1 74 ? -5.101  -8.424  -5.355  1.00 0.28  ? 74 ASP A C    1 
ATOM 1161 O O    . ASP A 1 74 ? -5.238  -8.536  -6.558  1.00 0.31  ? 74 ASP A O    1 
ATOM 1162 C CB   . ASP A 1 74 ? -4.139  -10.279 -3.982  1.00 0.36  ? 74 ASP A CB   1 
ATOM 1163 C CG   . ASP A 1 74 ? -3.837  -11.418 -4.958  1.00 0.73  ? 74 ASP A CG   1 
ATOM 1164 O OD1  . ASP A 1 74 ? -4.053  -11.229 -6.145  1.00 1.65  ? 74 ASP A OD1  1 
ATOM 1165 O OD2  . ASP A 1 74 ? -3.398  -12.461 -4.503  1.00 0.81  ? 74 ASP A OD2  1 
ATOM 1166 H H    . ASP A 1 74 ? -3.285  -8.241  -2.689  1.00 0.28  ? 74 ASP A H    1 
ATOM 1167 H HA   . ASP A 1 74 ? -3.051  -9.066  -5.381  1.00 0.33  ? 74 ASP A HA   1 
ATOM 1168 H HB2  . ASP A 1 74 ? -3.524  -10.387 -3.101  1.00 0.74  ? 74 ASP A HB2  1 
ATOM 1169 H HB3  . ASP A 1 74 ? -5.180  -10.316 -3.701  1.00 0.52  ? 74 ASP A HB3  1 
ATOM 1170 N N    . GLU A 1 75 ? -6.014  -7.853  -4.611  1.00 0.26  ? 75 GLU A N    1 
ATOM 1171 C CA   . GLU A 1 75 ? -7.262  -7.316  -5.230  1.00 0.28  ? 75 GLU A CA   1 
ATOM 1172 C C    . GLU A 1 75 ? -6.895  -6.183  -6.194  1.00 0.25  ? 75 GLU A C    1 
ATOM 1173 O O    . GLU A 1 75 ? -7.572  -5.943  -7.175  1.00 0.29  ? 75 GLU A O    1 
ATOM 1174 C CB   . GLU A 1 75 ? -8.187  -6.777  -4.136  1.00 0.32  ? 75 GLU A CB   1 
ATOM 1175 C CG   . GLU A 1 75 ? -9.112  -7.896  -3.653  1.00 1.05  ? 75 GLU A CG   1 
ATOM 1176 C CD   . GLU A 1 75 ? -10.173 -7.313  -2.718  1.00 1.69  ? 75 GLU A CD   1 
ATOM 1177 O OE1  . GLU A 1 75 ? -11.159 -6.798  -3.219  1.00 2.47  ? 75 GLU A OE1  1 
ATOM 1178 O OE2  . GLU A 1 75 ? -9.982  -7.392  -1.515  1.00 2.22  ? 75 GLU A OE2  1 
ATOM 1179 H H    . GLU A 1 75 ? -5.873  -7.768  -3.643  1.00 0.27  ? 75 GLU A H    1 
ATOM 1180 H HA   . GLU A 1 75 ? -7.764  -8.103  -5.773  1.00 0.32  ? 75 GLU A HA   1 
ATOM 1181 H HB2  . GLU A 1 75 ? -7.593  -6.418  -3.308  1.00 0.88  ? 75 GLU A HB2  1 
ATOM 1182 H HB3  . GLU A 1 75 ? -8.781  -5.968  -4.532  1.00 0.91  ? 75 GLU A HB3  1 
ATOM 1183 H HG2  . GLU A 1 75 ? -9.595  -8.356  -4.503  1.00 1.72  ? 75 GLU A HG2  1 
ATOM 1184 H HG3  . GLU A 1 75 ? -8.535  -8.637  -3.122  1.00 1.71  ? 75 GLU A HG3  1 
ATOM 1185 N N    . PHE A 1 76 ? -5.818  -5.490  -5.917  1.00 0.22  ? 76 PHE A N    1 
ATOM 1186 C CA   . PHE A 1 76 ? -5.383  -4.374  -6.804  1.00 0.24  ? 76 PHE A CA   1 
ATOM 1187 C C    . PHE A 1 76 ? -4.873  -4.948  -8.124  1.00 0.27  ? 76 PHE A C    1 
ATOM 1188 O O    . PHE A 1 76 ? -5.281  -4.539  -9.194  1.00 0.33  ? 76 PHE A O    1 
ATOM 1189 C CB   . PHE A 1 76 ? -4.245  -3.605  -6.117  1.00 0.26  ? 76 PHE A CB   1 
ATOM 1190 C CG   . PHE A 1 76 ? -4.726  -2.241  -5.702  1.00 0.28  ? 76 PHE A CG   1 
ATOM 1191 C CD1  . PHE A 1 76 ? -5.780  -2.122  -4.793  1.00 1.23  ? 76 PHE A CD1  1 
ATOM 1192 C CD2  . PHE A 1 76 ? -4.117  -1.098  -6.228  1.00 1.27  ? 76 PHE A CD2  1 
ATOM 1193 C CE1  . PHE A 1 76 ? -6.229  -0.855  -4.405  1.00 1.23  ? 76 PHE A CE1  1 
ATOM 1194 C CE2  . PHE A 1 76 ? -4.564  0.171   -5.843  1.00 1.33  ? 76 PHE A CE2  1 
ATOM 1195 C CZ   . PHE A 1 76 ? -5.621  0.294   -4.931  1.00 0.47  ? 76 PHE A CZ   1 
ATOM 1196 H H    . PHE A 1 76 ? -5.291  -5.708  -5.121  1.00 0.21  ? 76 PHE A H    1 
ATOM 1197 H HA   . PHE A 1 76 ? -6.212  -3.712  -6.995  1.00 0.27  ? 76 PHE A HA   1 
ATOM 1198 H HB2  . PHE A 1 76 ? -3.922  -4.150  -5.243  1.00 0.30  ? 76 PHE A HB2  1 
ATOM 1199 H HB3  . PHE A 1 76 ? -3.412  -3.496  -6.798  1.00 0.32  ? 76 PHE A HB3  1 
ATOM 1200 H HD1  . PHE A 1 76 ? -6.246  -3.011  -4.391  1.00 2.15  ? 76 PHE A HD1  1 
ATOM 1201 H HD2  . PHE A 1 76 ? -3.301  -1.198  -6.932  1.00 2.17  ? 76 PHE A HD2  1 
ATOM 1202 H HE1  . PHE A 1 76 ? -7.044  -0.761  -3.702  1.00 2.13  ? 76 PHE A HE1  1 
ATOM 1203 H HE2  . PHE A 1 76 ? -4.094  1.056   -6.247  1.00 2.25  ? 76 PHE A HE2  1 
ATOM 1204 H HZ   . PHE A 1 76 ? -5.966  1.272   -4.633  1.00 0.57  ? 76 PHE A HZ   1 
ATOM 1205 N N    . LEU A 1 77 ? -3.968  -5.880  -8.043  1.00 0.25  ? 77 LEU A N    1 
ATOM 1206 C CA   . LEU A 1 77 ? -3.393  -6.489  -9.272  1.00 0.31  ? 77 LEU A CA   1 
ATOM 1207 C C    . LEU A 1 77 ? -4.422  -7.412  -9.932  1.00 0.33  ? 77 LEU A C    1 
ATOM 1208 O O    . LEU A 1 77 ? -4.376  -7.644  -11.127 1.00 0.39  ? 77 LEU A O    1 
ATOM 1209 C CB   . LEU A 1 77 ? -2.147  -7.299  -8.891  1.00 0.34  ? 77 LEU A CB   1 
ATOM 1210 C CG   . LEU A 1 77 ? -0.953  -6.376  -8.581  1.00 0.35  ? 77 LEU A CG   1 
ATOM 1211 C CD1  . LEU A 1 77 ? -0.683  -5.429  -9.754  1.00 0.38  ? 77 LEU A CD1  1 
ATOM 1212 C CD2  . LEU A 1 77 ? -1.245  -5.557  -7.321  1.00 0.30  ? 77 LEU A CD2  1 
ATOM 1213 H H    . LEU A 1 77 ? -3.654  -6.176  -7.162  1.00 0.23  ? 77 LEU A H    1 
ATOM 1214 H HA   . LEU A 1 77 ? -3.119  -5.708  -9.963  1.00 0.34  ? 77 LEU A HA   1 
ATOM 1215 H HB2  . LEU A 1 77 ? -2.370  -7.891  -8.015  1.00 0.32  ? 77 LEU A HB2  1 
ATOM 1216 H HB3  . LEU A 1 77 ? -1.889  -7.952  -9.707  1.00 0.38  ? 77 LEU A HB3  1 
ATOM 1217 H HG   . LEU A 1 77 ? -0.075  -6.985  -8.412  1.00 0.38  ? 77 LEU A HG   1 
ATOM 1218 H HD11 . LEU A 1 77 ? 0.295   -4.987  -9.640  1.00 1.14  ? 77 LEU A HD11 1 
ATOM 1219 H HD12 . LEU A 1 77 ? -1.432  -4.651  -9.765  1.00 1.04  ? 77 LEU A HD12 1 
ATOM 1220 H HD13 . LEU A 1 77 ? -0.724  -5.983  -10.680 1.00 1.06  ? 77 LEU A HD13 1 
ATOM 1221 H HD21 . LEU A 1 77 ? -1.960  -4.782  -7.553  1.00 1.11  ? 77 LEU A HD21 1 
ATOM 1222 H HD22 . LEU A 1 77 ? -0.330  -5.107  -6.965  1.00 1.02  ? 77 LEU A HD22 1 
ATOM 1223 H HD23 . LEU A 1 77 ? -1.648  -6.204  -6.559  1.00 1.02  ? 77 LEU A HD23 1 
ATOM 1224 N N    . ALA A 1 78 ? -5.346  -7.943  -9.170  1.00 0.31  ? 78 ALA A N    1 
ATOM 1225 C CA   . ALA A 1 78 ? -6.375  -8.854  -9.755  1.00 0.35  ? 78 ALA A CA   1 
ATOM 1226 C C    . ALA A 1 78 ? -7.205  -8.094  -10.797 1.00 0.36  ? 78 ALA A C    1 
ATOM 1227 O O    . ALA A 1 78 ? -6.982  -8.220  -11.987 1.00 0.41  ? 78 ALA A O    1 
ATOM 1228 C CB   . ALA A 1 78 ? -7.290  -9.373  -8.641  1.00 0.37  ? 78 ALA A CB   1 
ATOM 1229 H H    . ALA A 1 78 ? -5.361  -7.744  -8.210  1.00 0.29  ? 78 ALA A H    1 
ATOM 1230 H HA   . ALA A 1 78 ? -5.882  -9.690  -10.231 1.00 0.40  ? 78 ALA A HA   1 
ATOM 1231 H HB1  . ALA A 1 78 ? -7.346  -8.640  -7.849  1.00 1.07  ? 78 ALA A HB1  1 
ATOM 1232 H HB2  . ALA A 1 78 ? -6.890  -10.297 -8.247  1.00 1.08  ? 78 ALA A HB2  1 
ATOM 1233 H HB3  . ALA A 1 78 ? -8.278  -9.548  -9.039  1.00 1.10  ? 78 ALA A HB3  1 
ATOM 1234 N N    . THR A 1 79 ? -8.157  -7.307  -10.359 1.00 0.37  ? 79 THR A N    1 
ATOM 1235 C CA   . THR A 1 79 ? -9.000  -6.537  -11.321 1.00 0.44  ? 79 THR A CA   1 
ATOM 1236 C C    . THR A 1 79 ? -8.536  -5.080  -11.352 1.00 0.53  ? 79 THR A C    1 
ATOM 1237 O O    . THR A 1 79 ? -8.235  -4.539  -12.399 1.00 0.64  ? 79 THR A O    1 
ATOM 1238 C CB   . THR A 1 79 ? -10.464 -6.596  -10.875 1.00 0.56  ? 79 THR A CB   1 
ATOM 1239 O OG1  . THR A 1 79 ? -10.789 -7.927  -10.500 1.00 1.37  ? 79 THR A OG1  1 
ATOM 1240 C CG2  . THR A 1 79 ? -11.368 -6.153  -12.026 1.00 1.30  ? 79 THR A CG2  1 
ATOM 1241 H H    . THR A 1 79 ? -8.316  -7.224  -9.398  1.00 0.36  ? 79 THR A H    1 
ATOM 1242 H HA   . THR A 1 79 ? -8.906  -6.966  -12.306 1.00 0.51  ? 79 THR A HA   1 
ATOM 1243 H HB   . THR A 1 79 ? -10.612 -5.938  -10.033 1.00 1.17  ? 79 THR A HB   1 
ATOM 1244 H HG1  . THR A 1 79 ? -11.092 -7.914  -9.589  1.00 1.75  ? 79 THR A HG1  1 
ATOM 1245 H HG21 . THR A 1 79 ? -10.905 -5.331  -12.551 1.00 1.90  ? 79 THR A HG21 1 
ATOM 1246 H HG22 . THR A 1 79 ? -12.323 -5.837  -11.633 1.00 1.88  ? 79 THR A HG22 1 
ATOM 1247 H HG23 . THR A 1 79 ? -11.514 -6.978  -12.708 1.00 1.76  ? 79 THR A HG23 1 
ATOM 1248 N N    . GLY A 1 80 ? -8.475  -4.443  -10.210 1.00 0.65  ? 80 GLY A N    1 
ATOM 1249 C CA   . GLY A 1 80 ? -8.030  -3.019  -10.162 1.00 0.87  ? 80 GLY A CA   1 
ATOM 1250 C C    . GLY A 1 80 ? -9.144  -2.154  -9.570  1.00 1.19  ? 80 GLY A C    1 
ATOM 1251 O O    . GLY A 1 80 ? -8.916  -1.363  -8.674  1.00 1.78  ? 80 GLY A O    1 
ATOM 1252 H H    . GLY A 1 80 ? -8.723  -4.904  -9.381  1.00 0.66  ? 80 GLY A H    1 
ATOM 1253 H HA2  . GLY A 1 80 ? -7.145  -2.940  -9.548  1.00 1.07  ? 80 GLY A HA2  1 
ATOM 1254 H HA3  . GLY A 1 80 ? -7.807  -2.678  -11.162 1.00 1.04  ? 80 GLY A HA3  1 
ATOM 1255 N N    . LYS A 1 81 ? -10.347 -2.301  -10.065 1.00 1.30  ? 81 LYS A N    1 
ATOM 1256 C CA   . LYS A 1 81 ? -11.484 -1.491  -9.539  1.00 1.75  ? 81 LYS A CA   1 
ATOM 1257 C C    . LYS A 1 81 ? -11.975 -2.098  -8.222  1.00 2.05  ? 81 LYS A C    1 
ATOM 1258 O O    . LYS A 1 81 ? -11.919 -3.297  -8.024  1.00 2.40  ? 81 LYS A O    1 
ATOM 1259 C CB   . LYS A 1 81 ? -12.625 -1.490  -10.557 1.00 2.25  ? 81 LYS A CB   1 
ATOM 1260 C CG   . LYS A 1 81 ? -13.357 -0.147  -10.505 1.00 2.85  ? 81 LYS A CG   1 
ATOM 1261 C CD   . LYS A 1 81 ? -14.583 -0.197  -11.416 1.00 3.42  ? 81 LYS A CD   1 
ATOM 1262 C CE   . LYS A 1 81 ? -15.029 1.227   -11.751 1.00 4.16  ? 81 LYS A CE   1 
ATOM 1263 N NZ   . LYS A 1 81 ? -16.513 1.265   -11.886 1.00 4.75  ? 81 LYS A NZ   1 
ATOM 1264 H H    . LYS A 1 81 ? -10.501 -2.946  -10.788 1.00 1.42  ? 81 LYS A H    1 
ATOM 1265 H HA   . LYS A 1 81 ? -11.154 -0.477  -9.366  1.00 2.05  ? 81 LYS A HA   1 
ATOM 1266 H HB2  . LYS A 1 81 ? -12.223 -1.643  -11.548 1.00 2.46  ? 81 LYS A HB2  1 
ATOM 1267 H HB3  . LYS A 1 81 ? -13.318 -2.284  -10.323 1.00 2.60  ? 81 LYS A HB3  1 
ATOM 1268 H HG2  . LYS A 1 81 ? -13.668 0.054   -9.490  1.00 3.29  ? 81 LYS A HG2  1 
ATOM 1269 H HG3  . LYS A 1 81 ? -12.693 0.637   -10.839 1.00 3.10  ? 81 LYS A HG3  1 
ATOM 1270 H HD2  . LYS A 1 81 ? -14.334 -0.721  -12.328 1.00 3.70  ? 81 LYS A HD2  1 
ATOM 1271 H HD3  . LYS A 1 81 ? -15.386 -0.714  -10.912 1.00 3.62  ? 81 LYS A HD3  1 
ATOM 1272 H HE2  . LYS A 1 81 ? -14.723 1.897   -10.961 1.00 4.56  ? 81 LYS A HE2  1 
ATOM 1273 H HE3  . LYS A 1 81 ? -14.576 1.537   -12.681 1.00 4.36  ? 81 LYS A HE3  1 
ATOM 1274 H HZ1  . LYS A 1 81 ? -16.841 0.398   -12.357 1.00 4.94  ? 81 LYS A HZ1  1 
ATOM 1275 H HZ2  . LYS A 1 81 ? -16.788 2.094   -12.452 1.00 5.08  ? 81 LYS A HZ2  1 
ATOM 1276 H HZ3  . LYS A 1 81 ? -16.946 1.329   -10.943 1.00 5.04  ? 81 LYS A HZ3  1 
ATOM 1277 N N    . LEU A 1 82 ? -12.457 -1.276  -7.325  1.00 2.55  ? 82 LEU A N    1 
ATOM 1278 C CA   . LEU A 1 82 ? -12.956 -1.795  -6.018  1.00 3.17  ? 82 LEU A CA   1 
ATOM 1279 C C    . LEU A 1 82 ? -14.383 -1.295  -5.781  1.00 3.59  ? 82 LEU A C    1 
ATOM 1280 O O    . LEU A 1 82 ? -14.591 -0.239  -5.213  1.00 4.10  ? 82 LEU A O    1 
ATOM 1281 C CB   . LEU A 1 82 ? -12.048 -1.297  -4.891  1.00 3.96  ? 82 LEU A CB   1 
ATOM 1282 C CG   . LEU A 1 82 ? -10.889 -2.277  -4.698  1.00 4.40  ? 82 LEU A CG   1 
ATOM 1283 C CD1  . LEU A 1 82 ? -9.752  -1.583  -3.948  1.00 4.94  ? 82 LEU A CD1  1 
ATOM 1284 C CD2  . LEU A 1 82 ? -11.371 -3.482  -3.889  1.00 5.07  ? 82 LEU A CD2  1 
ATOM 1285 H H    . LEU A 1 82 ? -12.491 -0.315  -7.513  1.00 2.82  ? 82 LEU A H    1 
ATOM 1286 H HA   . LEU A 1 82 ? -12.951 -2.875  -6.033  1.00 3.27  ? 82 LEU A HA   1 
ATOM 1287 H HB2  . LEU A 1 82 ? -11.657 -0.322  -5.148  1.00 4.22  ? 82 LEU A HB2  1 
ATOM 1288 H HB3  . LEU A 1 82 ? -12.614 -1.228  -3.975  1.00 4.46  ? 82 LEU A HB3  1 
ATOM 1289 H HG   . LEU A 1 82 ? -10.533 -2.608  -5.664  1.00 4.39  ? 82 LEU A HG   1 
ATOM 1290 H HD11 . LEU A 1 82 ? -10.164 -0.870  -3.248  1.00 5.32  ? 82 LEU A HD11 1 
ATOM 1291 H HD12 . LEU A 1 82 ? -9.116  -1.068  -4.653  1.00 5.25  ? 82 LEU A HD12 1 
ATOM 1292 H HD13 . LEU A 1 82 ? -9.172  -2.319  -3.411  1.00 5.07  ? 82 LEU A HD13 1 
ATOM 1293 H HD21 . LEU A 1 82 ? -10.565 -3.849  -3.272  1.00 5.33  ? 82 LEU A HD21 1 
ATOM 1294 H HD22 . LEU A 1 82 ? -11.692 -4.263  -4.563  1.00 5.40  ? 82 LEU A HD22 1 
ATOM 1295 H HD23 . LEU A 1 82 ? -12.200 -3.187  -3.262  1.00 5.35  ? 82 LEU A HD23 1 
ATOM 1296 N N    . ARG A 1 83 ? -15.362 -2.047  -6.213  1.00 3.88  ? 83 ARG A N    1 
ATOM 1297 C CA   . ARG A 1 83 ? -16.781 -1.625  -6.018  1.00 4.70  ? 83 ARG A CA   1 
ATOM 1298 C C    . ARG A 1 83 ? -17.092 -1.559  -4.522  1.00 5.23  ? 83 ARG A C    1 
ATOM 1299 O O    . ARG A 1 83 ? -16.242 -1.817  -3.691  1.00 5.58  ? 83 ARG A O    1 
ATOM 1300 C CB   . ARG A 1 83 ? -17.711 -2.638  -6.689  1.00 5.20  ? 83 ARG A CB   1 
ATOM 1301 C CG   . ARG A 1 83 ? -17.645 -2.464  -8.208  1.00 5.47  ? 83 ARG A CG   1 
ATOM 1302 C CD   . ARG A 1 83 ? -18.978 -2.886  -8.829  1.00 6.34  ? 83 ARG A CD   1 
ATOM 1303 N NE   . ARG A 1 83 ? -19.249 -2.053  -10.040 1.00 6.88  ? 83 ARG A NE   1 
ATOM 1304 C CZ   . ARG A 1 83 ? -20.450 -2.000  -10.584 1.00 7.43  ? 83 ARG A CZ   1 
ATOM 1305 N NH1  . ARG A 1 83 ? -21.461 -2.675  -10.086 1.00 7.57  ? 83 ARG A NH1  1 
ATOM 1306 N NH2  . ARG A 1 83 ? -20.638 -1.259  -11.641 1.00 8.12  ? 83 ARG A NH2  1 
ATOM 1307 H H    . ARG A 1 83 ? -15.164 -2.893  -6.667  1.00 3.84  ? 83 ARG A H    1 
ATOM 1308 H HA   . ARG A 1 83 ? -16.929 -0.651  -6.461  1.00 4.91  ? 83 ARG A HA   1 
ATOM 1309 H HB2  . ARG A 1 83 ? -17.402 -3.639  -6.426  1.00 5.22  ? 83 ARG A HB2  1 
ATOM 1310 H HB3  . ARG A 1 83 ? -18.724 -2.473  -6.354  1.00 5.74  ? 83 ARG A HB3  1 
ATOM 1311 H HG2  . ARG A 1 83 ? -17.449 -1.428  -8.444  1.00 5.53  ? 83 ARG A HG2  1 
ATOM 1312 H HG3  . ARG A 1 83 ? -16.853 -3.080  -8.606  1.00 5.41  ? 83 ARG A HG3  1 
ATOM 1313 H HD2  . ARG A 1 83 ? -18.929 -3.928  -9.111  1.00 6.48  ? 83 ARG A HD2  1 
ATOM 1314 H HD3  . ARG A 1 83 ? -19.771 -2.745  -8.110  1.00 6.78  ? 83 ARG A HD3  1 
ATOM 1315 H HE   . ARG A 1 83 ? -18.519 -1.536  -10.440 1.00 7.04  ? 83 ARG A HE   1 
ATOM 1316 H HH11 . ARG A 1 83 ? -21.338 -3.248  -9.277  1.00 7.25  ? 83 ARG A HH11 1 
ATOM 1317 H HH12 . ARG A 1 83 ? -22.360 -2.614  -10.520 1.00 8.18  ? 83 ARG A HH12 1 
ATOM 1318 H HH21 . ARG A 1 83 ? -19.877 -0.740  -12.030 1.00 8.24  ? 83 ARG A HH21 1 
ATOM 1319 H HH22 . ARG A 1 83 ? -21.544 -1.209  -12.063 1.00 8.68  ? 83 ARG A HH22 1 
ATOM 1320 N N    . LYS A 1 84 ? -18.307 -1.216  -4.176  1.00 5.60  ? 84 LYS A N    1 
ATOM 1321 C CA   . LYS A 1 84 ? -18.685 -1.130  -2.734  1.00 6.32  ? 84 LYS A CA   1 
ATOM 1322 C C    . LYS A 1 84 ? -19.407 -2.413  -2.319  1.00 6.88  ? 84 LYS A C    1 
ATOM 1323 O O    . LYS A 1 84 ? -20.311 -2.390  -1.505  1.00 7.07  ? 84 LYS A O    1 
ATOM 1324 C CB   . LYS A 1 84 ? -19.612 0.069   -2.522  1.00 6.80  ? 84 LYS A CB   1 
ATOM 1325 C CG   . LYS A 1 84 ? -18.776 1.320   -2.248  1.00 6.98  ? 84 LYS A CG   1 
ATOM 1326 C CD   . LYS A 1 84 ? -19.674 2.423   -1.685  1.00 7.73  ? 84 LYS A CD   1 
ATOM 1327 C CE   . LYS A 1 84 ? -18.828 3.409   -0.878  1.00 8.32  ? 84 LYS A CE   1 
ATOM 1328 N NZ   . LYS A 1 84 ? -18.371 2.756   0.382   1.00 8.84  ? 84 LYS A NZ   1 
ATOM 1329 H H    . LYS A 1 84 ? -18.972 -1.014  -4.867  1.00 5.61  ? 84 LYS A H    1 
ATOM 1330 H HA   . LYS A 1 84 ? -17.795 -1.008  -2.135  1.00 6.42  ? 84 LYS A HA   1 
ATOM 1331 H HB2  . LYS A 1 84 ? -20.212 0.222   -3.407  1.00 6.95  ? 84 LYS A HB2  1 
ATOM 1332 H HB3  . LYS A 1 84 ? -20.258 -0.122  -1.677  1.00 7.20  ? 84 LYS A HB3  1 
ATOM 1333 H HG2  . LYS A 1 84 ? -18.001 1.085   -1.532  1.00 7.07  ? 84 LYS A HG2  1 
ATOM 1334 H HG3  . LYS A 1 84 ? -18.325 1.660   -3.169  1.00 6.83  ? 84 LYS A HG3  1 
ATOM 1335 H HD2  . LYS A 1 84 ? -20.158 2.943   -2.499  1.00 7.90  ? 84 LYS A HD2  1 
ATOM 1336 H HD3  . LYS A 1 84 ? -20.423 1.985   -1.042  1.00 7.96  ? 84 LYS A HD3  1 
ATOM 1337 H HE2  . LYS A 1 84 ? -17.969 3.708   -1.461  1.00 8.35  ? 84 LYS A HE2  1 
ATOM 1338 H HE3  . LYS A 1 84 ? -19.421 4.279   -0.638  1.00 8.63  ? 84 LYS A HE3  1 
ATOM 1339 H HZ1  . LYS A 1 84 ? -17.519 2.192   0.191   1.00 8.97  ? 84 LYS A HZ1  1 
ATOM 1340 H HZ2  . LYS A 1 84 ? -19.124 2.137   0.744   1.00 9.14  ? 84 LYS A HZ2  1 
ATOM 1341 H HZ3  . LYS A 1 84 ? -18.149 3.485   1.089   1.00 9.00  ? 84 LYS A HZ3  1 
ATOM 1342 N N    . LEU A 1 85 ? -19.012 -3.531  -2.874  1.00 7.46  ? 85 LEU A N    1 
ATOM 1343 C CA   . LEU A 1 85 ? -19.669 -4.823  -2.518  1.00 8.28  ? 85 LEU A CA   1 
ATOM 1344 C C    . LEU A 1 85 ? -19.167 -5.291  -1.152  1.00 9.03  ? 85 LEU A C    1 
ATOM 1345 O O    . LEU A 1 85 ? -18.031 -5.703  -1.006  1.00 9.41  ? 85 LEU A O    1 
ATOM 1346 C CB   . LEU A 1 85 ? -19.329 -5.876  -3.575  1.00 8.75  ? 85 LEU A CB   1 
ATOM 1347 C CG   . LEU A 1 85 ? -20.396 -5.864  -4.671  1.00 8.65  ? 85 LEU A CG   1 
ATOM 1348 C CD1  . LEU A 1 85 ? -20.048 -4.797  -5.710  1.00 9.03  ? 85 LEU A CD1  1 
ATOM 1349 C CD2  . LEU A 1 85 ? -20.446 -7.236  -5.347  1.00 8.76  ? 85 LEU A CD2  1 
ATOM 1350 H H    . LEU A 1 85 ? -18.281 -3.520  -3.527  1.00 7.53  ? 85 LEU A H    1 
ATOM 1351 H HA   . LEU A 1 85 ? -20.740 -4.685  -2.480  1.00 8.30  ? 85 LEU A HA   1 
ATOM 1352 H HB2  . LEU A 1 85 ? -18.365 -5.653  -4.008  1.00 8.92  ? 85 LEU A HB2  1 
ATOM 1353 H HB3  . LEU A 1 85 ? -19.300 -6.853  -3.115  1.00 9.26  ? 85 LEU A HB3  1 
ATOM 1354 H HG   . LEU A 1 85 ? -21.358 -5.640  -4.234  1.00 8.56  ? 85 LEU A HG   1 
ATOM 1355 H HD11 . LEU A 1 85 ? -20.507 -3.860  -5.432  1.00 9.30  ? 85 LEU A HD11 1 
ATOM 1356 H HD12 . LEU A 1 85 ? -20.416 -5.105  -6.678  1.00 9.17  ? 85 LEU A HD12 1 
ATOM 1357 H HD13 . LEU A 1 85 ? -18.977 -4.674  -5.755  1.00 9.16  ? 85 LEU A HD13 1 
ATOM 1358 H HD21 . LEU A 1 85 ? -21.441 -7.414  -5.726  1.00 8.90  ? 85 LEU A HD21 1 
ATOM 1359 H HD22 . LEU A 1 85 ? -20.193 -8.001  -4.628  1.00 8.85  ? 85 LEU A HD22 1 
ATOM 1360 H HD23 . LEU A 1 85 ? -19.741 -7.261  -6.164  1.00 8.88  ? 85 LEU A HD23 1 
ATOM 1361 N N    . GLU A 1 86 ? -20.007 -5.230  -0.149  1.00 9.46  ? 86 GLU A N    1 
ATOM 1362 C CA   . GLU A 1 86 ? -19.588 -5.670  1.214   1.00 10.36 ? 86 GLU A CA   1 
ATOM 1363 C C    . GLU A 1 86 ? -20.084 -7.095  1.466   1.00 11.22 ? 86 GLU A C    1 
ATOM 1364 O O    . GLU A 1 86 ? -20.437 -7.452  2.574   1.00 11.48 ? 86 GLU A O    1 
ATOM 1365 C CB   . GLU A 1 86 ? -20.188 -4.729  2.262   1.00 10.51 ? 86 GLU A CB   1 
ATOM 1366 C CG   . GLU A 1 86 ? -19.825 -3.280  1.920   1.00 10.54 ? 86 GLU A CG   1 
ATOM 1367 C CD   . GLU A 1 86 ? -20.988 -2.620  1.175   1.00 11.02 ? 86 GLU A CD   1 
ATOM 1368 O OE1  . GLU A 1 86 ? -21.657 -3.314  0.426   1.00 11.31 ? 86 GLU A OE1  1 
ATOM 1369 O OE2  . GLU A 1 86 ? -21.189 -1.432  1.365   1.00 11.27 ? 86 GLU A OE2  1 
ATOM 1370 H H    . GLU A 1 86 ? -20.916 -4.895  -0.295  1.00 9.32  ? 86 GLU A H    1 
ATOM 1371 H HA   . GLU A 1 86 ? -18.510 -5.647  1.284   1.00 10.51 ? 86 GLU A HA   1 
ATOM 1372 H HB2  . GLU A 1 86 ? -21.263 -4.841  2.271   1.00 10.52 ? 86 GLU A HB2  1 
ATOM 1373 H HB3  . GLU A 1 86 ? -19.793 -4.977  3.235   1.00 10.83 ? 86 GLU A HB3  1 
ATOM 1374 H HG2  . GLU A 1 86 ? -19.627 -2.735  2.832   1.00 10.52 ? 86 GLU A HG2  1 
ATOM 1375 H HG3  . GLU A 1 86 ? -18.945 -3.266  1.295   1.00 10.51 ? 86 GLU A HG3  1 
ATOM 1376 N N    . LYS A 1 87 ? -20.114 -7.910  0.442   1.00 11.83 ? 87 LYS A N    1 
ATOM 1377 C CA   . LYS A 1 87 ? -20.586 -9.317  0.610   1.00 12.83 ? 87 LYS A CA   1 
ATOM 1378 C C    . LYS A 1 87 ? -20.068 -10.170 -0.549  1.00 13.37 ? 87 LYS A C    1 
ATOM 1379 O O    . LYS A 1 87 ? -19.396 -11.152 -0.281  1.00 13.48 ? 87 LYS A O    1 
ATOM 1380 C CB   . LYS A 1 87 ? -22.116 -9.343  0.619   1.00 13.37 ? 87 LYS A CB   1 
ATOM 1381 C CG   . LYS A 1 87 ? -22.602 -10.456 1.550   1.00 13.73 ? 87 LYS A CG   1 
ATOM 1382 C CD   . LYS A 1 87 ? -23.916 -10.032 2.210   1.00 14.36 ? 87 LYS A CD   1 
ATOM 1383 C CE   . LYS A 1 87 ? -25.091 -10.455 1.327   1.00 14.95 ? 87 LYS A CE   1 
ATOM 1384 N NZ   . LYS A 1 87 ? -25.450 -9.337  0.409   1.00 15.34 ? 87 LYS A NZ   1 
ATOM 1385 H H    . LYS A 1 87 ? -19.824 -7.597  -0.440  1.00 11.74 ? 87 LYS A H    1 
ATOM 1386 H HA   . LYS A 1 87 ? -20.213 -9.712  1.544   1.00 12.96 ? 87 LYS A HA   1 
ATOM 1387 H HB2  . LYS A 1 87 ? -22.490 -8.391  0.970   1.00 13.37 ? 87 LYS A HB2  1 
ATOM 1388 H HB3  . LYS A 1 87 ? -22.479 -9.528  -0.380  1.00 13.68 ? 87 LYS A HB3  1 
ATOM 1389 H HG2  . LYS A 1 87 ? -22.760 -11.358 0.978   1.00 13.92 ? 87 LYS A HG2  1 
ATOM 1390 H HG3  . LYS A 1 87 ? -21.860 -10.638 2.313   1.00 13.54 ? 87 LYS A HG3  1 
ATOM 1391 H HD2  . LYS A 1 87 ? -24.001 -10.508 3.177   1.00 14.37 ? 87 LYS A HD2  1 
ATOM 1392 H HD3  . LYS A 1 87 ? -23.927 -8.960  2.332   1.00 14.56 ? 87 LYS A HD3  1 
ATOM 1393 H HE2  . LYS A 1 87 ? -24.811 -11.321 0.745   1.00 14.99 ? 87 LYS A HE2  1 
ATOM 1394 H HE3  . LYS A 1 87 ? -25.940 -10.697 1.948   1.00 15.19 ? 87 LYS A HE3  1 
ATOM 1395 H HZ1  . LYS A 1 87 ? -25.855 -8.554  0.959   1.00 15.49 ? 87 LYS A HZ1  1 
ATOM 1396 H HZ2  . LYS A 1 87 ? -26.147 -9.671  -0.288  1.00 15.31 ? 87 LYS A HZ2  1 
ATOM 1397 H HZ3  . LYS A 1 87 ? -24.597 -9.006  -0.084  1.00 15.62 ? 87 LYS A HZ3  1 
# 
